data_7XXW
# 
_entry.id   7XXW 
# 
_audit_conform.dict_name       mmcif_pdbx.dic 
_audit_conform.dict_version    5.380 
_audit_conform.dict_location   http://mmcif.pdb.org/dictionaries/ascii/mmcif_pdbx.dic 
# 
loop_
_database_2.database_id 
_database_2.database_code 
_database_2.pdbx_database_accession 
_database_2.pdbx_DOI 
PDB   7XXW         pdb_00007xxw 10.2210/pdb7xxw/pdb 
WWPDB D_1300029902 ?            ?                   
# 
_pdbx_database_status.status_code                     REL 
_pdbx_database_status.status_code_sf                  REL 
_pdbx_database_status.status_code_mr                  ? 
_pdbx_database_status.entry_id                        7XXW 
_pdbx_database_status.recvd_initial_deposition_date   2022-05-31 
_pdbx_database_status.SG_entry                        N 
_pdbx_database_status.deposit_site                    PDBJ 
_pdbx_database_status.process_site                    PDBJ 
_pdbx_database_status.status_code_cs                  ? 
_pdbx_database_status.status_code_nmr_data            ? 
_pdbx_database_status.methods_development_category    ? 
_pdbx_database_status.pdb_format_compatible           Y 
# 
_audit_author.name               'Su, J.Y.' 
_audit_author.pdbx_ordinal       1 
_audit_author.identifier_ORCID   ? 
# 
_citation.abstract                  ? 
_citation.abstract_id_CAS           ? 
_citation.book_id_ISBN              ? 
_citation.book_publisher            ? 
_citation.book_publisher_city       ? 
_citation.book_title                ? 
_citation.coordinate_linkage        ? 
_citation.country                   CN 
_citation.database_id_Medline       ? 
_citation.details                   ? 
_citation.id                        primary 
_citation.journal_abbrev            'Acta Biochim.Biophys.Sin.' 
_citation.journal_id_ASTM           ? 
_citation.journal_id_CSD            ? 
_citation.journal_id_ISSN           1745-7270 
_citation.journal_full              ? 
_citation.journal_issue             ? 
_citation.journal_volume            55 
_citation.language                  ? 
_citation.page_first                613 
_citation.page_last                 622 
_citation.title                     
'Glutathione disrupts galectin-10 Charcot-Leyden crystal formation to possibly ameliorate eosinophil-based diseases such as asthma.' 
_citation.year                      2023 
_citation.database_id_CSD           ? 
_citation.pdbx_database_id_DOI      10.3724/abbs.2023050 
_citation.pdbx_database_id_PubMed   36988350 
_citation.pdbx_database_id_patent   ? 
_citation.unpublished_flag          ? 
# 
loop_
_citation_author.citation_id 
_citation_author.name 
_citation_author.ordinal 
_citation_author.identifier_ORCID 
primary 'Na, H.'      1 ? 
primary 'Sayed, H.'   2 ? 
primary 'Ayala, G.J.' 3 ? 
primary 'Wang, X.'    4 ? 
primary 'Liu, Y.'     5 ? 
primary 'Yu, J.'      6 ? 
primary 'Liu, T.'     7 ? 
primary 'Mayo, K.H.'  8 ? 
primary 'Su, J.'      9 ? 
# 
_cell.angle_alpha                  90.000 
_cell.angle_alpha_esd              ? 
_cell.angle_beta                   90.000 
_cell.angle_beta_esd               ? 
_cell.angle_gamma                  120.000 
_cell.angle_gamma_esd              ? 
_cell.entry_id                     7XXW 
_cell.details                      ? 
_cell.formula_units_Z              ? 
_cell.length_a                     48.862 
_cell.length_a_esd                 ? 
_cell.length_b                     48.862 
_cell.length_b_esd                 ? 
_cell.length_c                     259.472 
_cell.length_c_esd                 ? 
_cell.volume                       ? 
_cell.volume_esd                   ? 
_cell.Z_PDB                        12 
_cell.reciprocal_angle_alpha       ? 
_cell.reciprocal_angle_beta        ? 
_cell.reciprocal_angle_gamma       ? 
_cell.reciprocal_angle_alpha_esd   ? 
_cell.reciprocal_angle_beta_esd    ? 
_cell.reciprocal_angle_gamma_esd   ? 
_cell.reciprocal_length_a          ? 
_cell.reciprocal_length_b          ? 
_cell.reciprocal_length_c          ? 
_cell.reciprocal_length_a_esd      ? 
_cell.reciprocal_length_b_esd      ? 
_cell.reciprocal_length_c_esd      ? 
_cell.pdbx_unique_axis             ? 
_cell.pdbx_esd_method              ? 
# 
_symmetry.entry_id                         7XXW 
_symmetry.cell_setting                     ? 
_symmetry.Int_Tables_number                179 
_symmetry.space_group_name_Hall            ? 
_symmetry.space_group_name_H-M             'P 65 2 2' 
_symmetry.pdbx_full_space_group_name_H-M   ? 
# 
loop_
_entity.id 
_entity.type 
_entity.src_method 
_entity.pdbx_description 
_entity.formula_weight 
_entity.pdbx_number_of_molecules 
_entity.pdbx_ec 
_entity.pdbx_mutation 
_entity.pdbx_fragment 
_entity.details 
1 polymer     man Galectin 16198.312 1   ? ? ? ? 
2 non-polymer syn GLYCEROL 92.094    1   ? ? ? ? 
3 water       nat water    18.015    164 ? ? ? ? 
# 
_entity_name_com.entity_id   1 
_entity_name_com.name        'galectin-10/Charcot-Leyden crystal protein' 
# 
_entity_poly.entity_id                      1 
_entity_poly.type                           'polypeptide(L)' 
_entity_poly.nstd_linkage                   no 
_entity_poly.nstd_monomer                   no 
_entity_poly.pdbx_seq_one_letter_code       
;GSHMQVPHTESVSLSAGSTVTIKGRPLVCFFNEPHLQVDFHTEMKEDSDIAFHFQVYFGNRVVMNSREFKIWKEEVESKN
MPFQDGQEFELSILVLEDKYQVMVNGQAYYNFNHRIPVSSVKMVQVWRDISLTKFNVSN
;
_entity_poly.pdbx_seq_one_letter_code_can   
;GSHMQVPHTESVSLSAGSTVTIKGRPLVCFFNEPHLQVDFHTEMKEDSDIAFHFQVYFGNRVVMNSREFKIWKEEVESKN
MPFQDGQEFELSILVLEDKYQVMVNGQAYYNFNHRIPVSSVKMVQVWRDISLTKFNVSN
;
_entity_poly.pdbx_strand_id                 A 
_entity_poly.pdbx_target_identifier         ? 
# 
loop_
_entity_poly_seq.entity_id 
_entity_poly_seq.num 
_entity_poly_seq.mon_id 
_entity_poly_seq.hetero 
1 1   GLY n 
1 2   SER n 
1 3   HIS n 
1 4   MET n 
1 5   GLN n 
1 6   VAL n 
1 7   PRO n 
1 8   HIS n 
1 9   THR n 
1 10  GLU n 
1 11  SER n 
1 12  VAL n 
1 13  SER n 
1 14  LEU n 
1 15  SER n 
1 16  ALA n 
1 17  GLY n 
1 18  SER n 
1 19  THR n 
1 20  VAL n 
1 21  THR n 
1 22  ILE n 
1 23  LYS n 
1 24  GLY n 
1 25  ARG n 
1 26  PRO n 
1 27  LEU n 
1 28  VAL n 
1 29  CYS n 
1 30  PHE n 
1 31  PHE n 
1 32  ASN n 
1 33  GLU n 
1 34  PRO n 
1 35  HIS n 
1 36  LEU n 
1 37  GLN n 
1 38  VAL n 
1 39  ASP n 
1 40  PHE n 
1 41  HIS n 
1 42  THR n 
1 43  GLU n 
1 44  MET n 
1 45  LYS n 
1 46  GLU n 
1 47  ASP n 
1 48  SER n 
1 49  ASP n 
1 50  ILE n 
1 51  ALA n 
1 52  PHE n 
1 53  HIS n 
1 54  PHE n 
1 55  GLN n 
1 56  VAL n 
1 57  TYR n 
1 58  PHE n 
1 59  GLY n 
1 60  ASN n 
1 61  ARG n 
1 62  VAL n 
1 63  VAL n 
1 64  MET n 
1 65  ASN n 
1 66  SER n 
1 67  ARG n 
1 68  GLU n 
1 69  PHE n 
1 70  LYS n 
1 71  ILE n 
1 72  TRP n 
1 73  LYS n 
1 74  GLU n 
1 75  GLU n 
1 76  VAL n 
1 77  GLU n 
1 78  SER n 
1 79  LYS n 
1 80  ASN n 
1 81  MET n 
1 82  PRO n 
1 83  PHE n 
1 84  GLN n 
1 85  ASP n 
1 86  GLY n 
1 87  GLN n 
1 88  GLU n 
1 89  PHE n 
1 90  GLU n 
1 91  LEU n 
1 92  SER n 
1 93  ILE n 
1 94  LEU n 
1 95  VAL n 
1 96  LEU n 
1 97  GLU n 
1 98  ASP n 
1 99  LYS n 
1 100 TYR n 
1 101 GLN n 
1 102 VAL n 
1 103 MET n 
1 104 VAL n 
1 105 ASN n 
1 106 GLY n 
1 107 GLN n 
1 108 ALA n 
1 109 TYR n 
1 110 TYR n 
1 111 ASN n 
1 112 PHE n 
1 113 ASN n 
1 114 HIS n 
1 115 ARG n 
1 116 ILE n 
1 117 PRO n 
1 118 VAL n 
1 119 SER n 
1 120 SER n 
1 121 VAL n 
1 122 LYS n 
1 123 MET n 
1 124 VAL n 
1 125 GLN n 
1 126 VAL n 
1 127 TRP n 
1 128 ARG n 
1 129 ASP n 
1 130 ILE n 
1 131 SER n 
1 132 LEU n 
1 133 THR n 
1 134 LYS n 
1 135 PHE n 
1 136 ASN n 
1 137 VAL n 
1 138 SER n 
1 139 ASN n 
# 
_entity_src_gen.entity_id                          1 
_entity_src_gen.pdbx_src_id                        1 
_entity_src_gen.pdbx_alt_source_flag               sample 
_entity_src_gen.pdbx_seq_type                      'Biological sequence' 
_entity_src_gen.pdbx_beg_seq_num                   1 
_entity_src_gen.pdbx_end_seq_num                   139 
_entity_src_gen.gene_src_common_name               'crab-eating macaque' 
_entity_src_gen.gene_src_genus                     ? 
_entity_src_gen.pdbx_gene_src_gene                 EGM_09723 
_entity_src_gen.gene_src_species                   ? 
_entity_src_gen.gene_src_strain                    ? 
_entity_src_gen.gene_src_tissue                    ? 
_entity_src_gen.gene_src_tissue_fraction           ? 
_entity_src_gen.gene_src_details                   ? 
_entity_src_gen.pdbx_gene_src_fragment             ? 
_entity_src_gen.pdbx_gene_src_scientific_name      'Macaca fascicularis' 
_entity_src_gen.pdbx_gene_src_ncbi_taxonomy_id     9541 
_entity_src_gen.pdbx_gene_src_variant              ? 
_entity_src_gen.pdbx_gene_src_cell_line            ? 
_entity_src_gen.pdbx_gene_src_atcc                 ? 
_entity_src_gen.pdbx_gene_src_organ                ? 
_entity_src_gen.pdbx_gene_src_organelle            ? 
_entity_src_gen.pdbx_gene_src_cell                 ? 
_entity_src_gen.pdbx_gene_src_cellular_location    ? 
_entity_src_gen.host_org_common_name               ? 
_entity_src_gen.pdbx_host_org_scientific_name      'Escherichia coli' 
_entity_src_gen.pdbx_host_org_ncbi_taxonomy_id     562 
_entity_src_gen.host_org_genus                     ? 
_entity_src_gen.pdbx_host_org_gene                 ? 
_entity_src_gen.pdbx_host_org_organ                ? 
_entity_src_gen.host_org_species                   ? 
_entity_src_gen.pdbx_host_org_tissue               ? 
_entity_src_gen.pdbx_host_org_tissue_fraction      ? 
_entity_src_gen.pdbx_host_org_strain               ? 
_entity_src_gen.pdbx_host_org_variant              ? 
_entity_src_gen.pdbx_host_org_cell_line            ? 
_entity_src_gen.pdbx_host_org_atcc                 ? 
_entity_src_gen.pdbx_host_org_culture_collection   ? 
_entity_src_gen.pdbx_host_org_cell                 ? 
_entity_src_gen.pdbx_host_org_organelle            ? 
_entity_src_gen.pdbx_host_org_cellular_location    ? 
_entity_src_gen.pdbx_host_org_vector_type          ? 
_entity_src_gen.pdbx_host_org_vector               ? 
_entity_src_gen.host_org_details                   ? 
_entity_src_gen.expression_system_id               ? 
_entity_src_gen.plasmid_name                       ? 
_entity_src_gen.plasmid_details                    ? 
_entity_src_gen.pdbx_description                   ? 
# 
_struct_ref.id                         1 
_struct_ref.db_name                    UNP 
_struct_ref.db_code                    G7PXK5_MACFA 
_struct_ref.pdbx_db_accession          G7PXK5 
_struct_ref.pdbx_db_isoform            ? 
_struct_ref.entity_id                  1 
_struct_ref.pdbx_seq_one_letter_code   
;QVPHTESVSLSAGSTVTIKGRPLVCFFNEPHLQVDFHTEMKEDSDIAFHFQVYFGNRVVMNSREFKIWKEEVESKNMPFQ
DGQEFELSILVLEDKYQVMVNGQAYYNFNHRIPVSSVKMVQVWRDISLTKFNVSN
;
_struct_ref.pdbx_align_begin           1 
# 
_struct_ref_seq.align_id                      1 
_struct_ref_seq.ref_id                        1 
_struct_ref_seq.pdbx_PDB_id_code              7XXW 
_struct_ref_seq.pdbx_strand_id                A 
_struct_ref_seq.seq_align_beg                 5 
_struct_ref_seq.pdbx_seq_align_beg_ins_code   ? 
_struct_ref_seq.seq_align_end                 139 
_struct_ref_seq.pdbx_seq_align_end_ins_code   ? 
_struct_ref_seq.pdbx_db_accession             G7PXK5 
_struct_ref_seq.db_align_beg                  1 
_struct_ref_seq.pdbx_db_align_beg_ins_code    ? 
_struct_ref_seq.db_align_end                  135 
_struct_ref_seq.pdbx_db_align_end_ins_code    ? 
_struct_ref_seq.pdbx_auth_seq_align_beg       5 
_struct_ref_seq.pdbx_auth_seq_align_end       139 
# 
loop_
_struct_ref_seq_dif.align_id 
_struct_ref_seq_dif.pdbx_pdb_id_code 
_struct_ref_seq_dif.mon_id 
_struct_ref_seq_dif.pdbx_pdb_strand_id 
_struct_ref_seq_dif.seq_num 
_struct_ref_seq_dif.pdbx_pdb_ins_code 
_struct_ref_seq_dif.pdbx_seq_db_name 
_struct_ref_seq_dif.pdbx_seq_db_accession_code 
_struct_ref_seq_dif.db_mon_id 
_struct_ref_seq_dif.pdbx_seq_db_seq_num 
_struct_ref_seq_dif.details 
_struct_ref_seq_dif.pdbx_auth_seq_num 
_struct_ref_seq_dif.pdbx_ordinal 
1 7XXW GLY A 1 ? UNP G7PXK5 ? ? 'expression tag' 1 1 
1 7XXW SER A 2 ? UNP G7PXK5 ? ? 'expression tag' 2 2 
1 7XXW HIS A 3 ? UNP G7PXK5 ? ? 'expression tag' 3 3 
1 7XXW MET A 4 ? UNP G7PXK5 ? ? 'expression tag' 4 4 
# 
loop_
_chem_comp.id 
_chem_comp.type 
_chem_comp.mon_nstd_flag 
_chem_comp.name 
_chem_comp.pdbx_synonyms 
_chem_comp.formula 
_chem_comp.formula_weight 
ALA 'L-peptide linking' y ALANINE         ?                               'C3 H7 N O2'     89.093  
ARG 'L-peptide linking' y ARGININE        ?                               'C6 H15 N4 O2 1' 175.209 
ASN 'L-peptide linking' y ASPARAGINE      ?                               'C4 H8 N2 O3'    132.118 
ASP 'L-peptide linking' y 'ASPARTIC ACID' ?                               'C4 H7 N O4'     133.103 
CYS 'L-peptide linking' y CYSTEINE        ?                               'C3 H7 N O2 S'   121.158 
GLN 'L-peptide linking' y GLUTAMINE       ?                               'C5 H10 N2 O3'   146.144 
GLU 'L-peptide linking' y 'GLUTAMIC ACID' ?                               'C5 H9 N O4'     147.129 
GLY 'peptide linking'   y GLYCINE         ?                               'C2 H5 N O2'     75.067  
GOL non-polymer         . GLYCEROL        'GLYCERIN; PROPANE-1,2,3-TRIOL' 'C3 H8 O3'       92.094  
HIS 'L-peptide linking' y HISTIDINE       ?                               'C6 H10 N3 O2 1' 156.162 
HOH non-polymer         . WATER           ?                               'H2 O'           18.015  
ILE 'L-peptide linking' y ISOLEUCINE      ?                               'C6 H13 N O2'    131.173 
LEU 'L-peptide linking' y LEUCINE         ?                               'C6 H13 N O2'    131.173 
LYS 'L-peptide linking' y LYSINE          ?                               'C6 H15 N2 O2 1' 147.195 
MET 'L-peptide linking' y METHIONINE      ?                               'C5 H11 N O2 S'  149.211 
PHE 'L-peptide linking' y PHENYLALANINE   ?                               'C9 H11 N O2'    165.189 
PRO 'L-peptide linking' y PROLINE         ?                               'C5 H9 N O2'     115.130 
SER 'L-peptide linking' y SERINE          ?                               'C3 H7 N O3'     105.093 
THR 'L-peptide linking' y THREONINE       ?                               'C4 H9 N O3'     119.119 
TRP 'L-peptide linking' y TRYPTOPHAN      ?                               'C11 H12 N2 O2'  204.225 
TYR 'L-peptide linking' y TYROSINE        ?                               'C9 H11 N O3'    181.189 
VAL 'L-peptide linking' y VALINE          ?                               'C5 H11 N O2'    117.146 
# 
_exptl.absorpt_coefficient_mu     ? 
_exptl.absorpt_correction_T_max   ? 
_exptl.absorpt_correction_T_min   ? 
_exptl.absorpt_correction_type    ? 
_exptl.absorpt_process_details    ? 
_exptl.entry_id                   7XXW 
_exptl.crystals_number            1 
_exptl.details                    ? 
_exptl.method                     'X-RAY DIFFRACTION' 
_exptl.method_details             ? 
# 
_exptl_crystal.colour                       ? 
_exptl_crystal.density_diffrn               ? 
_exptl_crystal.density_Matthews             2.76 
_exptl_crystal.density_method               ? 
_exptl_crystal.density_percent_sol          55.44 
_exptl_crystal.description                  ? 
_exptl_crystal.F_000                        ? 
_exptl_crystal.id                           1 
_exptl_crystal.preparation                  ? 
_exptl_crystal.size_max                     ? 
_exptl_crystal.size_mid                     ? 
_exptl_crystal.size_min                     ? 
_exptl_crystal.size_rad                     ? 
_exptl_crystal.colour_lustre                ? 
_exptl_crystal.colour_modifier              ? 
_exptl_crystal.colour_primary               ? 
_exptl_crystal.density_meas                 ? 
_exptl_crystal.density_meas_esd             ? 
_exptl_crystal.density_meas_gt              ? 
_exptl_crystal.density_meas_lt              ? 
_exptl_crystal.density_meas_temp            ? 
_exptl_crystal.density_meas_temp_esd        ? 
_exptl_crystal.density_meas_temp_gt         ? 
_exptl_crystal.density_meas_temp_lt         ? 
_exptl_crystal.pdbx_crystal_image_url       ? 
_exptl_crystal.pdbx_crystal_image_format    ? 
_exptl_crystal.pdbx_mosaicity               ? 
_exptl_crystal.pdbx_mosaicity_esd           ? 
_exptl_crystal.pdbx_mosaic_method           ? 
_exptl_crystal.pdbx_mosaic_block_size       ? 
_exptl_crystal.pdbx_mosaic_block_size_esd   ? 
# 
_exptl_crystal_grow.apparatus       ? 
_exptl_crystal_grow.atmosphere      ? 
_exptl_crystal_grow.crystal_id      1 
_exptl_crystal_grow.details         ? 
_exptl_crystal_grow.method          'VAPOR DIFFUSION, HANGING DROP' 
_exptl_crystal_grow.method_ref      ? 
_exptl_crystal_grow.pH              ? 
_exptl_crystal_grow.pressure        ? 
_exptl_crystal_grow.pressure_esd    ? 
_exptl_crystal_grow.seeding         ? 
_exptl_crystal_grow.seeding_ref     ? 
_exptl_crystal_grow.temp            298 
_exptl_crystal_grow.temp_details    ? 
_exptl_crystal_grow.temp_esd        ? 
_exptl_crystal_grow.time            ? 
_exptl_crystal_grow.pdbx_details    PEG 
_exptl_crystal_grow.pdbx_pH_range   ? 
# 
_diffrn.ambient_environment              ? 
_diffrn.ambient_temp                     100 
_diffrn.ambient_temp_details             ? 
_diffrn.ambient_temp_esd                 ? 
_diffrn.crystal_id                       1 
_diffrn.crystal_support                  ? 
_diffrn.crystal_treatment                ? 
_diffrn.details                          ? 
_diffrn.id                               1 
_diffrn.ambient_pressure                 ? 
_diffrn.ambient_pressure_esd             ? 
_diffrn.ambient_pressure_gt              ? 
_diffrn.ambient_pressure_lt              ? 
_diffrn.ambient_temp_gt                  ? 
_diffrn.ambient_temp_lt                  ? 
_diffrn.pdbx_serial_crystal_experiment   N 
# 
_diffrn_detector.details                      ? 
_diffrn_detector.detector                     PIXEL 
_diffrn_detector.diffrn_id                    1 
_diffrn_detector.type                         'DECTRIS PILATUS 6M' 
_diffrn_detector.area_resol_mean              ? 
_diffrn_detector.dtime                        ? 
_diffrn_detector.pdbx_frames_total            ? 
_diffrn_detector.pdbx_collection_time_total   ? 
_diffrn_detector.pdbx_collection_date         2019-10-31 
_diffrn_detector.pdbx_frequency               ? 
# 
_diffrn_radiation.collimation                      ? 
_diffrn_radiation.diffrn_id                        1 
_diffrn_radiation.filter_edge                      ? 
_diffrn_radiation.inhomogeneity                    ? 
_diffrn_radiation.monochromator                    ? 
_diffrn_radiation.polarisn_norm                    ? 
_diffrn_radiation.polarisn_ratio                   ? 
_diffrn_radiation.probe                            ? 
_diffrn_radiation.type                             ? 
_diffrn_radiation.xray_symbol                      ? 
_diffrn_radiation.wavelength_id                    1 
_diffrn_radiation.pdbx_monochromatic_or_laue_m_l   M 
_diffrn_radiation.pdbx_wavelength_list             ? 
_diffrn_radiation.pdbx_wavelength                  ? 
_diffrn_radiation.pdbx_diffrn_protocol             'SINGLE WAVELENGTH' 
_diffrn_radiation.pdbx_analyzer                    ? 
_diffrn_radiation.pdbx_scattering_type             x-ray 
# 
_diffrn_radiation_wavelength.id           1 
_diffrn_radiation_wavelength.wavelength   0.97930 
_diffrn_radiation_wavelength.wt           1.0 
# 
_diffrn_source.current                     ? 
_diffrn_source.details                     ? 
_diffrn_source.diffrn_id                   1 
_diffrn_source.power                       ? 
_diffrn_source.size                        ? 
_diffrn_source.source                      SYNCHROTRON 
_diffrn_source.target                      ? 
_diffrn_source.type                        'SSRF BEAMLINE BL18U1' 
_diffrn_source.voltage                     ? 
_diffrn_source.take-off_angle              ? 
_diffrn_source.pdbx_wavelength_list        0.97930 
_diffrn_source.pdbx_wavelength             ? 
_diffrn_source.pdbx_synchrotron_beamline   BL18U1 
_diffrn_source.pdbx_synchrotron_site       SSRF 
# 
_reflns.B_iso_Wilson_estimate                          ? 
_reflns.entry_id                                       7XXW 
_reflns.data_reduction_details                         ? 
_reflns.data_reduction_method                          ? 
_reflns.d_resolution_high                              1.63 
_reflns.d_resolution_low                               19.96 
_reflns.details                                        ? 
_reflns.limit_h_max                                    ? 
_reflns.limit_h_min                                    ? 
_reflns.limit_k_max                                    ? 
_reflns.limit_k_min                                    ? 
_reflns.limit_l_max                                    ? 
_reflns.limit_l_min                                    ? 
_reflns.number_all                                     ? 
_reflns.number_obs                                     24277 
_reflns.observed_criterion                             ? 
_reflns.observed_criterion_F_max                       ? 
_reflns.observed_criterion_F_min                       ? 
_reflns.observed_criterion_I_max                       ? 
_reflns.observed_criterion_I_min                       ? 
_reflns.observed_criterion_sigma_F                     ? 
_reflns.observed_criterion_sigma_I                     ? 
_reflns.percent_possible_obs                           99.9 
_reflns.R_free_details                                 ? 
_reflns.Rmerge_F_all                                   ? 
_reflns.Rmerge_F_obs                                   ? 
_reflns.Friedel_coverage                               ? 
_reflns.number_gt                                      ? 
_reflns.threshold_expression                           ? 
_reflns.pdbx_redundancy                                17.7 
_reflns.pdbx_Rmerge_I_obs                              0.065 
_reflns.pdbx_Rmerge_I_all                              ? 
_reflns.pdbx_Rsym_value                                ? 
_reflns.pdbx_netI_over_av_sigmaI                       ? 
_reflns.pdbx_netI_over_sigmaI                          26.5 
_reflns.pdbx_res_netI_over_av_sigmaI_2                 ? 
_reflns.pdbx_res_netI_over_sigmaI_2                    ? 
_reflns.pdbx_chi_squared                               ? 
_reflns.pdbx_scaling_rejects                           ? 
_reflns.pdbx_d_res_high_opt                            ? 
_reflns.pdbx_d_res_low_opt                             ? 
_reflns.pdbx_d_res_opt_method                          ? 
_reflns.phase_calculation_details                      ? 
_reflns.pdbx_Rrim_I_all                                ? 
_reflns.pdbx_Rpim_I_all                                ? 
_reflns.pdbx_d_opt                                     ? 
_reflns.pdbx_number_measured_all                       ? 
_reflns.pdbx_diffrn_id                                 1 
_reflns.pdbx_ordinal                                   1 
_reflns.pdbx_CC_half                                   ? 
_reflns.pdbx_CC_star                                   ? 
_reflns.pdbx_R_split                                   ? 
_reflns.pdbx_aniso_diffraction_limit_axis_1_ortho[1]   ? 
_reflns.pdbx_aniso_diffraction_limit_axis_1_ortho[2]   ? 
_reflns.pdbx_aniso_diffraction_limit_axis_1_ortho[3]   ? 
_reflns.pdbx_aniso_diffraction_limit_axis_2_ortho[1]   ? 
_reflns.pdbx_aniso_diffraction_limit_axis_2_ortho[2]   ? 
_reflns.pdbx_aniso_diffraction_limit_axis_2_ortho[3]   ? 
_reflns.pdbx_aniso_diffraction_limit_axis_3_ortho[1]   ? 
_reflns.pdbx_aniso_diffraction_limit_axis_3_ortho[2]   ? 
_reflns.pdbx_aniso_diffraction_limit_axis_3_ortho[3]   ? 
_reflns.pdbx_aniso_diffraction_limit_1                 ? 
_reflns.pdbx_aniso_diffraction_limit_2                 ? 
_reflns.pdbx_aniso_diffraction_limit_3                 ? 
_reflns.pdbx_aniso_B_tensor_eigenvector_1_ortho[1]     ? 
_reflns.pdbx_aniso_B_tensor_eigenvector_1_ortho[2]     ? 
_reflns.pdbx_aniso_B_tensor_eigenvector_1_ortho[3]     ? 
_reflns.pdbx_aniso_B_tensor_eigenvector_2_ortho[1]     ? 
_reflns.pdbx_aniso_B_tensor_eigenvector_2_ortho[2]     ? 
_reflns.pdbx_aniso_B_tensor_eigenvector_2_ortho[3]     ? 
_reflns.pdbx_aniso_B_tensor_eigenvector_3_ortho[1]     ? 
_reflns.pdbx_aniso_B_tensor_eigenvector_3_ortho[2]     ? 
_reflns.pdbx_aniso_B_tensor_eigenvector_3_ortho[3]     ? 
_reflns.pdbx_aniso_B_tensor_eigenvalue_1               ? 
_reflns.pdbx_aniso_B_tensor_eigenvalue_2               ? 
_reflns.pdbx_aniso_B_tensor_eigenvalue_3               ? 
_reflns.pdbx_orthogonalization_convention              ? 
_reflns.pdbx_percent_possible_ellipsoidal              ? 
_reflns.pdbx_percent_possible_spherical                ? 
_reflns.pdbx_percent_possible_ellipsoidal_anomalous    ? 
_reflns.pdbx_percent_possible_spherical_anomalous      ? 
_reflns.pdbx_redundancy_anomalous                      ? 
_reflns.pdbx_CC_half_anomalous                         ? 
_reflns.pdbx_absDiff_over_sigma_anomalous              ? 
_reflns.pdbx_percent_possible_anomalous                ? 
_reflns.pdbx_observed_signal_threshold                 ? 
_reflns.pdbx_signal_type                               ? 
_reflns.pdbx_signal_details                            ? 
_reflns.pdbx_signal_software_id                        ? 
_reflns.pdbx_CC_split_method                           ? 
# 
_reflns_shell.d_res_high                                    1.63 
_reflns_shell.d_res_low                                     1.66 
_reflns_shell.meanI_over_sigI_all                           ? 
_reflns_shell.meanI_over_sigI_obs                           ? 
_reflns_shell.number_measured_all                           ? 
_reflns_shell.number_measured_obs                           ? 
_reflns_shell.number_possible                               ? 
_reflns_shell.number_unique_all                             ? 
_reflns_shell.number_unique_obs                             1145 
_reflns_shell.percent_possible_all                          ? 
_reflns_shell.percent_possible_obs                          ? 
_reflns_shell.Rmerge_F_all                                  ? 
_reflns_shell.Rmerge_F_obs                                  ? 
_reflns_shell.Rmerge_I_all                                  ? 
_reflns_shell.Rmerge_I_obs                                  0.469 
_reflns_shell.meanI_over_sigI_gt                            ? 
_reflns_shell.meanI_over_uI_all                             ? 
_reflns_shell.meanI_over_uI_gt                              ? 
_reflns_shell.number_measured_gt                            ? 
_reflns_shell.number_unique_gt                              ? 
_reflns_shell.percent_possible_gt                           ? 
_reflns_shell.Rmerge_F_gt                                   ? 
_reflns_shell.Rmerge_I_gt                                   ? 
_reflns_shell.pdbx_redundancy                               ? 
_reflns_shell.pdbx_Rsym_value                               ? 
_reflns_shell.pdbx_chi_squared                              ? 
_reflns_shell.pdbx_netI_over_sigmaI_all                     ? 
_reflns_shell.pdbx_netI_over_sigmaI_obs                     ? 
_reflns_shell.pdbx_Rrim_I_all                               ? 
_reflns_shell.pdbx_Rpim_I_all                               ? 
_reflns_shell.pdbx_rejects                                  ? 
_reflns_shell.pdbx_ordinal                                  1 
_reflns_shell.pdbx_diffrn_id                                1 
_reflns_shell.pdbx_CC_half                                  ? 
_reflns_shell.pdbx_CC_star                                  ? 
_reflns_shell.pdbx_R_split                                  ? 
_reflns_shell.pdbx_percent_possible_ellipsoidal             ? 
_reflns_shell.pdbx_percent_possible_spherical               ? 
_reflns_shell.pdbx_percent_possible_ellipsoidal_anomalous   ? 
_reflns_shell.pdbx_percent_possible_spherical_anomalous     ? 
_reflns_shell.pdbx_redundancy_anomalous                     ? 
_reflns_shell.pdbx_CC_half_anomalous                        ? 
_reflns_shell.pdbx_absDiff_over_sigma_anomalous             ? 
_reflns_shell.pdbx_percent_possible_anomalous               ? 
# 
_refine.aniso_B[1][1]                            ? 
_refine.aniso_B[1][2]                            ? 
_refine.aniso_B[1][3]                            ? 
_refine.aniso_B[2][2]                            ? 
_refine.aniso_B[2][3]                            ? 
_refine.aniso_B[3][3]                            ? 
_refine.B_iso_max                                51.100 
_refine.B_iso_mean                               20.8519 
_refine.B_iso_min                                9.420 
_refine.correlation_coeff_Fo_to_Fc               ? 
_refine.correlation_coeff_Fo_to_Fc_free          ? 
_refine.details                                  ? 
_refine.diff_density_max                         ? 
_refine.diff_density_max_esd                     ? 
_refine.diff_density_min                         ? 
_refine.diff_density_min_esd                     ? 
_refine.diff_density_rms                         ? 
_refine.diff_density_rms_esd                     ? 
_refine.entry_id                                 7XXW 
_refine.pdbx_refine_id                           'X-RAY DIFFRACTION' 
_refine.ls_abs_structure_details                 ? 
_refine.ls_abs_structure_Flack                   ? 
_refine.ls_abs_structure_Flack_esd               ? 
_refine.ls_abs_structure_Rogers                  ? 
_refine.ls_abs_structure_Rogers_esd              ? 
_refine.ls_d_res_high                            1.6300 
_refine.ls_d_res_low                             19.5900 
_refine.ls_extinction_coef                       ? 
_refine.ls_extinction_coef_esd                   ? 
_refine.ls_extinction_expression                 ? 
_refine.ls_extinction_method                     ? 
_refine.ls_goodness_of_fit_all                   ? 
_refine.ls_goodness_of_fit_all_esd               ? 
_refine.ls_goodness_of_fit_obs                   ? 
_refine.ls_goodness_of_fit_obs_esd               ? 
_refine.ls_hydrogen_treatment                    ? 
_refine.ls_matrix_type                           ? 
_refine.ls_number_constraints                    ? 
_refine.ls_number_parameters                     ? 
_refine.ls_number_reflns_all                     ? 
_refine.ls_number_reflns_obs                     24150 
_refine.ls_number_reflns_R_free                  2000 
_refine.ls_number_reflns_R_work                  22150 
_refine.ls_number_restraints                     ? 
_refine.ls_percent_reflns_obs                    99.9200 
_refine.ls_percent_reflns_R_free                 8.2800 
_refine.ls_R_factor_all                          ? 
_refine.ls_R_factor_obs                          0.1794 
_refine.ls_R_factor_R_free                       0.2054 
_refine.ls_R_factor_R_free_error                 ? 
_refine.ls_R_factor_R_free_error_details         ? 
_refine.ls_R_factor_R_work                       0.1771 
_refine.ls_R_Fsqd_factor_obs                     ? 
_refine.ls_R_I_factor_obs                        ? 
_refine.ls_redundancy_reflns_all                 ? 
_refine.ls_redundancy_reflns_obs                 ? 
_refine.ls_restrained_S_all                      ? 
_refine.ls_restrained_S_obs                      ? 
_refine.ls_shift_over_esd_max                    ? 
_refine.ls_shift_over_esd_mean                   ? 
_refine.ls_structure_factor_coef                 ? 
_refine.ls_weighting_details                     ? 
_refine.ls_weighting_scheme                      ? 
_refine.ls_wR_factor_all                         ? 
_refine.ls_wR_factor_obs                         ? 
_refine.ls_wR_factor_R_free                      ? 
_refine.ls_wR_factor_R_work                      ? 
_refine.occupancy_max                            ? 
_refine.occupancy_min                            ? 
_refine.solvent_model_details                    'FLAT BULK SOLVENT MODEL' 
_refine.solvent_model_param_bsol                 ? 
_refine.solvent_model_param_ksol                 ? 
_refine.pdbx_R_complete                          ? 
_refine.ls_R_factor_gt                           ? 
_refine.ls_goodness_of_fit_gt                    ? 
_refine.ls_goodness_of_fit_ref                   ? 
_refine.ls_shift_over_su_max                     ? 
_refine.ls_shift_over_su_max_lt                  ? 
_refine.ls_shift_over_su_mean                    ? 
_refine.ls_shift_over_su_mean_lt                 ? 
_refine.pdbx_ls_sigma_I                          ? 
_refine.pdbx_ls_sigma_F                          1.350 
_refine.pdbx_ls_sigma_Fsqd                       ? 
_refine.pdbx_data_cutoff_high_absF               ? 
_refine.pdbx_data_cutoff_high_rms_absF           ? 
_refine.pdbx_data_cutoff_low_absF                ? 
_refine.pdbx_isotropic_thermal_model             ? 
_refine.pdbx_ls_cross_valid_method               THROUGHOUT 
_refine.pdbx_method_to_determine_struct          'MOLECULAR REPLACEMENT' 
_refine.pdbx_starting_model                      5XRG 
_refine.pdbx_stereochemistry_target_values       ML 
_refine.pdbx_R_Free_selection_details            ? 
_refine.pdbx_stereochem_target_val_spec_case     ? 
_refine.pdbx_overall_ESU_R                       ? 
_refine.pdbx_overall_ESU_R_Free                  ? 
_refine.pdbx_solvent_vdw_probe_radii             1.1100 
_refine.pdbx_solvent_ion_probe_radii             ? 
_refine.pdbx_solvent_shrinkage_radii             0.9000 
_refine.pdbx_real_space_R                        ? 
_refine.pdbx_density_correlation                 ? 
_refine.pdbx_pd_number_of_powder_patterns        ? 
_refine.pdbx_pd_number_of_points                 ? 
_refine.pdbx_pd_meas_number_of_points            ? 
_refine.pdbx_pd_proc_ls_prof_R_factor            ? 
_refine.pdbx_pd_proc_ls_prof_wR_factor           ? 
_refine.pdbx_pd_Marquardt_correlation_coeff      ? 
_refine.pdbx_pd_Fsqrd_R_factor                   ? 
_refine.pdbx_pd_ls_matrix_band_width             ? 
_refine.pdbx_overall_phase_error                 17.4800 
_refine.pdbx_overall_SU_R_free_Cruickshank_DPI   ? 
_refine.pdbx_overall_SU_R_free_Blow_DPI          ? 
_refine.pdbx_overall_SU_R_Blow_DPI               ? 
_refine.pdbx_TLS_residual_ADP_flag               ? 
_refine.pdbx_diffrn_id                           1 
_refine.overall_SU_B                             ? 
_refine.overall_SU_ML                            0.1500 
_refine.overall_SU_R_Cruickshank_DPI             ? 
_refine.overall_SU_R_free                        ? 
_refine.overall_FOM_free_R_set                   ? 
_refine.overall_FOM_work_R_set                   ? 
_refine.pdbx_average_fsc_overall                 ? 
_refine.pdbx_average_fsc_work                    ? 
_refine.pdbx_average_fsc_free                    ? 
# 
_refine_hist.pdbx_refine_id                   'X-RAY DIFFRACTION' 
_refine_hist.cycle_id                         final 
_refine_hist.details                          ? 
_refine_hist.d_res_high                       1.6300 
_refine_hist.d_res_low                        19.5900 
_refine_hist.number_atoms_solvent             164 
_refine_hist.number_atoms_total               1289 
_refine_hist.number_reflns_all                ? 
_refine_hist.number_reflns_obs                ? 
_refine_hist.number_reflns_R_free             ? 
_refine_hist.number_reflns_R_work             ? 
_refine_hist.R_factor_all                     ? 
_refine_hist.R_factor_obs                     ? 
_refine_hist.R_factor_R_free                  ? 
_refine_hist.R_factor_R_work                  ? 
_refine_hist.pdbx_number_residues_total       136 
_refine_hist.pdbx_B_iso_mean_ligand           32.55 
_refine_hist.pdbx_B_iso_mean_solvent          30.71 
_refine_hist.pdbx_number_atoms_protein        1119 
_refine_hist.pdbx_number_atoms_nucleic_acid   0 
_refine_hist.pdbx_number_atoms_ligand         6 
_refine_hist.pdbx_number_atoms_lipid          ? 
_refine_hist.pdbx_number_atoms_carb           ? 
_refine_hist.pdbx_pseudo_atom_details         ? 
# 
loop_
_refine_ls_shell.pdbx_refine_id 
_refine_ls_shell.d_res_high 
_refine_ls_shell.d_res_low 
_refine_ls_shell.number_reflns_all 
_refine_ls_shell.number_reflns_obs 
_refine_ls_shell.number_reflns_R_free 
_refine_ls_shell.number_reflns_R_work 
_refine_ls_shell.percent_reflns_obs 
_refine_ls_shell.percent_reflns_R_free 
_refine_ls_shell.R_factor_all 
_refine_ls_shell.R_factor_obs 
_refine_ls_shell.R_factor_R_free 
_refine_ls_shell.R_factor_R_free_error 
_refine_ls_shell.R_factor_R_work 
_refine_ls_shell.redundancy_reflns_all 
_refine_ls_shell.redundancy_reflns_obs 
_refine_ls_shell.wR_factor_all 
_refine_ls_shell.wR_factor_obs 
_refine_ls_shell.wR_factor_R_free 
_refine_ls_shell.wR_factor_R_work 
_refine_ls_shell.pdbx_R_complete 
_refine_ls_shell.pdbx_total_number_of_bins_used 
_refine_ls_shell.pdbx_phase_error 
_refine_ls_shell.pdbx_fsc_work 
_refine_ls_shell.pdbx_fsc_free 
'X-RAY DIFFRACTION' 1.6300 1.6700  1636 . 136 1500 100.0000 . . . 0.2530 0.0000 0.2048 . . . . . . . 14 . . . 
'X-RAY DIFFRACTION' 1.6700 1.7200  1656 . 137 1519 100.0000 . . . 0.2125 0.0000 0.1822 . . . . . . . 14 . . . 
'X-RAY DIFFRACTION' 1.7200 1.7700  1694 . 141 1553 100.0000 . . . 0.2434 0.0000 0.1855 . . . . . . . 14 . . . 
'X-RAY DIFFRACTION' 1.7700 1.8200  1683 . 139 1544 100.0000 . . . 0.2257 0.0000 0.1800 . . . . . . . 14 . . . 
'X-RAY DIFFRACTION' 1.8200 1.8900  1687 . 139 1548 100.0000 . . . 0.2030 0.0000 0.1805 . . . . . . . 14 . . . 
'X-RAY DIFFRACTION' 1.8900 1.9600  1686 . 140 1546 100.0000 . . . 0.2305 0.0000 0.1875 . . . . . . . 14 . . . 
'X-RAY DIFFRACTION' 1.9600 2.0500  1702 . 141 1561 100.0000 . . . 0.1986 0.0000 0.1658 . . . . . . . 14 . . . 
'X-RAY DIFFRACTION' 2.0500 2.1600  1683 . 140 1543 100.0000 . . . 0.2170 0.0000 0.1688 . . . . . . . 14 . . . 
'X-RAY DIFFRACTION' 2.1600 2.3000  1717 . 142 1575 100.0000 . . . 0.2286 0.0000 0.1715 . . . . . . . 14 . . . 
'X-RAY DIFFRACTION' 2.3000 2.4700  1726 . 143 1583 100.0000 . . . 0.2188 0.0000 0.1838 . . . . . . . 14 . . . 
'X-RAY DIFFRACTION' 2.4700 2.7200  1757 . 145 1612 100.0000 . . . 0.2248 0.0000 0.1892 . . . . . . . 14 . . . 
'X-RAY DIFFRACTION' 2.7200 3.1100  1750 . 145 1605 100.0000 . . . 0.1964 0.0000 0.1822 . . . . . . . 14 . . . 
'X-RAY DIFFRACTION' 3.1100 3.9200  1804 . 149 1655 100.0000 . . . 0.1983 0.0000 0.1745 . . . . . . . 14 . . . 
'X-RAY DIFFRACTION' 3.9200 19.5900 1969 . 163 1806 100.0000 . . . 0.1801 0.0000 0.1687 . . . . . . . 14 . . . 
# 
_struct.entry_id                     7XXW 
_struct.title                        'Macaca fascicularis galectin-10/Charcot-Leyden crystal protein with glycerol' 
_struct.pdbx_model_details           ? 
_struct.pdbx_formula_weight          ? 
_struct.pdbx_formula_weight_method   ? 
_struct.pdbx_model_type_details      ? 
_struct.pdbx_CASP_flag               N 
# 
_struct_keywords.entry_id        7XXW 
_struct_keywords.text            
'Macaca fascicularis galectin-10/Charcot-Leyden crystal protein with glycerol, SUGAR BINDING PROTEIN' 
_struct_keywords.pdbx_keywords   'SUGAR BINDING PROTEIN' 
# 
loop_
_struct_asym.id 
_struct_asym.pdbx_blank_PDB_chainid_flag 
_struct_asym.pdbx_modified 
_struct_asym.entity_id 
_struct_asym.details 
A N N 1 ? 
B N N 2 ? 
C N N 3 ? 
# 
loop_
_struct_conf.conf_type_id 
_struct_conf.id 
_struct_conf.pdbx_PDB_helix_id 
_struct_conf.beg_label_comp_id 
_struct_conf.beg_label_asym_id 
_struct_conf.beg_label_seq_id 
_struct_conf.pdbx_beg_PDB_ins_code 
_struct_conf.end_label_comp_id 
_struct_conf.end_label_asym_id 
_struct_conf.end_label_seq_id 
_struct_conf.pdbx_end_PDB_ins_code 
_struct_conf.beg_auth_comp_id 
_struct_conf.beg_auth_asym_id 
_struct_conf.beg_auth_seq_id 
_struct_conf.end_auth_comp_id 
_struct_conf.end_auth_asym_id 
_struct_conf.end_auth_seq_id 
_struct_conf.pdbx_PDB_helix_class 
_struct_conf.details 
_struct_conf.pdbx_PDB_helix_length 
HELX_P HELX_P1 AA1 CYS A 29  ? GLU A 33  ? CYS A 29  GLU A 33  5 ? 5 
HELX_P HELX_P2 AA2 PRO A 117 ? VAL A 121 ? PRO A 117 VAL A 121 5 ? 5 
# 
_struct_conf_type.id          HELX_P 
_struct_conf_type.criteria    ? 
_struct_conf_type.reference   ? 
# 
_struct_mon_prot_cis.pdbx_id                1 
_struct_mon_prot_cis.label_comp_id          VAL 
_struct_mon_prot_cis.label_seq_id           6 
_struct_mon_prot_cis.label_asym_id          A 
_struct_mon_prot_cis.label_alt_id           . 
_struct_mon_prot_cis.pdbx_PDB_ins_code      ? 
_struct_mon_prot_cis.auth_comp_id           VAL 
_struct_mon_prot_cis.auth_seq_id            6 
_struct_mon_prot_cis.auth_asym_id           A 
_struct_mon_prot_cis.pdbx_label_comp_id_2   PRO 
_struct_mon_prot_cis.pdbx_label_seq_id_2    7 
_struct_mon_prot_cis.pdbx_label_asym_id_2   A 
_struct_mon_prot_cis.pdbx_PDB_ins_code_2    ? 
_struct_mon_prot_cis.pdbx_auth_comp_id_2    PRO 
_struct_mon_prot_cis.pdbx_auth_seq_id_2     7 
_struct_mon_prot_cis.pdbx_auth_asym_id_2    A 
_struct_mon_prot_cis.pdbx_PDB_model_num     1 
_struct_mon_prot_cis.pdbx_omega_angle       -1.83 
# 
loop_
_struct_sheet.id 
_struct_sheet.type 
_struct_sheet.number_strands 
_struct_sheet.details 
AA1 ? 6 ? 
AA2 ? 6 ? 
AA3 ? 5 ? 
# 
loop_
_struct_sheet_order.sheet_id 
_struct_sheet_order.range_id_1 
_struct_sheet_order.range_id_2 
_struct_sheet_order.offset 
_struct_sheet_order.sense 
AA1 1 2 ? anti-parallel 
AA1 2 3 ? anti-parallel 
AA1 3 4 ? anti-parallel 
AA1 4 5 ? anti-parallel 
AA1 5 6 ? anti-parallel 
AA2 1 2 ? anti-parallel 
AA2 2 3 ? anti-parallel 
AA2 3 4 ? anti-parallel 
AA2 4 5 ? anti-parallel 
AA2 5 6 ? anti-parallel 
AA3 1 2 ? anti-parallel 
AA3 2 3 ? anti-parallel 
AA3 3 4 ? anti-parallel 
AA3 4 5 ? anti-parallel 
# 
loop_
_struct_sheet_range.sheet_id 
_struct_sheet_range.id 
_struct_sheet_range.beg_label_comp_id 
_struct_sheet_range.beg_label_asym_id 
_struct_sheet_range.beg_label_seq_id 
_struct_sheet_range.pdbx_beg_PDB_ins_code 
_struct_sheet_range.end_label_comp_id 
_struct_sheet_range.end_label_asym_id 
_struct_sheet_range.end_label_seq_id 
_struct_sheet_range.pdbx_end_PDB_ins_code 
_struct_sheet_range.beg_auth_comp_id 
_struct_sheet_range.beg_auth_asym_id 
_struct_sheet_range.beg_auth_seq_id 
_struct_sheet_range.end_auth_comp_id 
_struct_sheet_range.end_auth_asym_id 
_struct_sheet_range.end_auth_seq_id 
AA1 1 HIS A 8   ? SER A 11  ? HIS A 8   SER A 11  
AA1 2 MET A 123 ? ARG A 128 ? MET A 123 ARG A 128 
AA1 3 HIS A 35  ? HIS A 41  ? HIS A 35  HIS A 41  
AA1 4 ILE A 50  ? TYR A 57  ? ILE A 50  TYR A 57  
AA1 5 ARG A 61  ? GLU A 68  ? ARG A 61  GLU A 68  
AA1 6 ILE A 71  ? TRP A 72  ? ILE A 71  TRP A 72  
AA2 1 HIS A 8   ? SER A 11  ? HIS A 8   SER A 11  
AA2 2 MET A 123 ? ARG A 128 ? MET A 123 ARG A 128 
AA2 3 HIS A 35  ? HIS A 41  ? HIS A 35  HIS A 41  
AA2 4 ILE A 50  ? TYR A 57  ? ILE A 50  TYR A 57  
AA2 5 ARG A 61  ? GLU A 68  ? ARG A 61  GLU A 68  
AA2 6 VAL A 76  ? SER A 78  ? VAL A 76  SER A 78  
AA3 1 GLN A 107 ? ASN A 113 ? GLN A 107 ASN A 113 
AA3 2 LYS A 99  ? VAL A 104 ? LYS A 99  VAL A 104 
AA3 3 PHE A 89  ? VAL A 95  ? PHE A 89  VAL A 95  
AA3 4 THR A 19  ? PRO A 26  ? THR A 19  PRO A 26  
AA3 5 ILE A 130 ? VAL A 137 ? ILE A 130 VAL A 137 
# 
loop_
_pdbx_struct_sheet_hbond.sheet_id 
_pdbx_struct_sheet_hbond.range_id_1 
_pdbx_struct_sheet_hbond.range_id_2 
_pdbx_struct_sheet_hbond.range_1_label_atom_id 
_pdbx_struct_sheet_hbond.range_1_label_comp_id 
_pdbx_struct_sheet_hbond.range_1_label_asym_id 
_pdbx_struct_sheet_hbond.range_1_label_seq_id 
_pdbx_struct_sheet_hbond.range_1_PDB_ins_code 
_pdbx_struct_sheet_hbond.range_1_auth_atom_id 
_pdbx_struct_sheet_hbond.range_1_auth_comp_id 
_pdbx_struct_sheet_hbond.range_1_auth_asym_id 
_pdbx_struct_sheet_hbond.range_1_auth_seq_id 
_pdbx_struct_sheet_hbond.range_2_label_atom_id 
_pdbx_struct_sheet_hbond.range_2_label_comp_id 
_pdbx_struct_sheet_hbond.range_2_label_asym_id 
_pdbx_struct_sheet_hbond.range_2_label_seq_id 
_pdbx_struct_sheet_hbond.range_2_PDB_ins_code 
_pdbx_struct_sheet_hbond.range_2_auth_atom_id 
_pdbx_struct_sheet_hbond.range_2_auth_comp_id 
_pdbx_struct_sheet_hbond.range_2_auth_asym_id 
_pdbx_struct_sheet_hbond.range_2_auth_seq_id 
AA1 1 2 N HIS A 8   ? N HIS A 8   O VAL A 126 ? O VAL A 126 
AA1 2 3 O MET A 123 ? O MET A 123 N HIS A 41  ? N HIS A 41  
AA1 3 4 N PHE A 40  ? N PHE A 40  O PHE A 52  ? O PHE A 52  
AA1 4 5 N TYR A 57  ? N TYR A 57  O ARG A 61  ? O ARG A 61  
AA1 5 6 N GLU A 68  ? N GLU A 68  O ILE A 71  ? O ILE A 71  
AA2 1 2 N HIS A 8   ? N HIS A 8   O VAL A 126 ? O VAL A 126 
AA2 2 3 O MET A 123 ? O MET A 123 N HIS A 41  ? N HIS A 41  
AA2 3 4 N PHE A 40  ? N PHE A 40  O PHE A 52  ? O PHE A 52  
AA2 4 5 N TYR A 57  ? N TYR A 57  O ARG A 61  ? O ARG A 61  
AA2 5 6 N MET A 64  ? N MET A 64  O VAL A 76  ? O VAL A 76  
AA3 1 2 O TYR A 110 ? O TYR A 110 N VAL A 102 ? N VAL A 102 
AA3 2 3 O MET A 103 ? O MET A 103 N SER A 92  ? N SER A 92  
AA3 3 4 O LEU A 91  ? O LEU A 91  N ILE A 22  ? N ILE A 22  
AA3 4 5 N THR A 21  ? N THR A 21  O ASN A 136 ? O ASN A 136 
# 
_atom_sites.entry_id                    7XXW 
_atom_sites.Cartn_transf_matrix[1][1]   ? 
_atom_sites.Cartn_transf_matrix[1][2]   ? 
_atom_sites.Cartn_transf_matrix[1][3]   ? 
_atom_sites.Cartn_transf_matrix[2][1]   ? 
_atom_sites.Cartn_transf_matrix[2][2]   ? 
_atom_sites.Cartn_transf_matrix[2][3]   ? 
_atom_sites.Cartn_transf_matrix[3][1]   ? 
_atom_sites.Cartn_transf_matrix[3][2]   ? 
_atom_sites.Cartn_transf_matrix[3][3]   ? 
_atom_sites.Cartn_transf_vector[1]      ? 
_atom_sites.Cartn_transf_vector[2]      ? 
_atom_sites.Cartn_transf_vector[3]      ? 
_atom_sites.fract_transf_matrix[1][1]   -0.00805120 
_atom_sites.fract_transf_matrix[1][2]   -0.01439949 
_atom_sites.fract_transf_matrix[1][3]   -0.01692063 
_atom_sites.fract_transf_matrix[2][1]   -0.01301937 
_atom_sites.fract_transf_matrix[2][2]   -0.01886623 
_atom_sites.fract_transf_matrix[2][3]   0.00574742 
_atom_sites.fract_transf_matrix[3][1]   -0.00320326 
_atom_sites.fract_transf_matrix[3][2]   0.00212417 
_atom_sites.fract_transf_matrix[3][3]   -0.00028349 
_atom_sites.fract_transf_vector[1]      0.281191 
_atom_sites.fract_transf_vector[2]      0.576447 
_atom_sites.fract_transf_vector[3]      0.469491 
_atom_sites.solution_primary            ? 
_atom_sites.solution_secondary          ? 
_atom_sites.solution_hydrogens          ? 
_atom_sites.special_details             ? 
# 
loop_
_atom_type.symbol 
C 
N 
O 
S 
# 
loop_
_atom_site.group_PDB 
_atom_site.id 
_atom_site.type_symbol 
_atom_site.label_atom_id 
_atom_site.label_alt_id 
_atom_site.label_comp_id 
_atom_site.label_asym_id 
_atom_site.label_entity_id 
_atom_site.label_seq_id 
_atom_site.pdbx_PDB_ins_code 
_atom_site.Cartn_x 
_atom_site.Cartn_y 
_atom_site.Cartn_z 
_atom_site.occupancy 
_atom_site.B_iso_or_equiv 
_atom_site.pdbx_formal_charge 
_atom_site.auth_seq_id 
_atom_site.auth_comp_id 
_atom_site.auth_asym_id 
_atom_site.auth_atom_id 
_atom_site.pdbx_PDB_model_num 
ATOM   1    N N   . MET A 1 4   ? 10.806  6.998   12.175  1.00 40.41 ? 4   MET A N   1 
ATOM   2    C CA  . MET A 1 4   ? 9.507   6.354   12.023  1.00 30.45 ? 4   MET A CA  1 
ATOM   3    C C   . MET A 1 4   ? 9.657   4.838   12.101  1.00 28.90 ? 4   MET A C   1 
ATOM   4    O O   . MET A 1 4   ? 10.470  4.247   11.383  1.00 29.59 ? 4   MET A O   1 
ATOM   5    C CB  . MET A 1 4   ? 8.875   6.764   10.693  1.00 27.17 ? 4   MET A CB  1 
ATOM   6    C CG  . MET A 1 4   ? 7.428   6.392   10.542  1.00 30.76 ? 4   MET A CG  1 
ATOM   7    S SD  . MET A 1 4   ? 6.682   7.368   9.220   1.00 30.63 ? 4   MET A SD  1 
ATOM   8    C CE  . MET A 1 4   ? 6.398   8.919   10.073  1.00 24.20 ? 4   MET A CE  1 
ATOM   9    N N   . GLN A 1 5   ? 8.868   4.211   12.967  1.00 24.26 ? 5   GLN A N   1 
ATOM   10   C CA  . GLN A 1 5   ? 9.002   2.782   13.213  1.00 25.26 ? 5   GLN A CA  1 
ATOM   11   C C   . GLN A 1 5   ? 8.406   1.970   12.066  1.00 21.71 ? 5   GLN A C   1 
ATOM   12   O O   . GLN A 1 5   ? 7.339   2.302   11.545  1.00 20.85 ? 5   GLN A O   1 
ATOM   13   C CB  . GLN A 1 5   ? 8.313   2.401   14.524  1.00 31.25 ? 5   GLN A CB  1 
ATOM   14   C CG  . GLN A 1 5   ? 8.505   0.936   14.917  1.00 37.55 ? 5   GLN A CG  1 
ATOM   15   C CD  . GLN A 1 5   ? 7.224   0.276   15.408  1.00 41.13 ? 5   GLN A CD  1 
ATOM   16   O OE1 . GLN A 1 5   ? 6.355   0.929   15.995  1.00 48.03 ? 5   GLN A OE1 1 
ATOM   17   N NE2 . GLN A 1 5   ? 7.098   -1.031  15.162  1.00 33.57 ? 5   GLN A NE2 1 
ATOM   18   N N   . VAL A 1 6   ? 9.108   0.905   11.684  1.00 20.72 ? 6   VAL A N   1 
ATOM   19   C CA  . VAL A 1 6   ? 8.646   -0.089  10.712  1.00 19.02 ? 6   VAL A CA  1 
ATOM   20   C C   . VAL A 1 6   ? 8.753   -1.477  11.342  1.00 19.26 ? 6   VAL A C   1 
ATOM   21   O O   . VAL A 1 6   ? 9.825   -1.822  11.867  1.00 21.98 ? 6   VAL A O   1 
ATOM   22   C CB  . VAL A 1 6   ? 9.455   -0.026  9.406   1.00 17.94 ? 6   VAL A CB  1 
ATOM   23   C CG1 . VAL A 1 6   ? 8.999   -1.124  8.452   1.00 16.79 ? 6   VAL A CG1 1 
ATOM   24   C CG2 . VAL A 1 6   ? 9.333   1.347   8.763   1.00 19.34 ? 6   VAL A CG2 1 
ATOM   25   N N   . PRO A 1 7   ? 7.698   -2.319  11.319  1.00 16.76 ? 7   PRO A N   1 
ATOM   26   C CA  . PRO A 1 7   ? 6.345   -2.108  10.781  1.00 15.33 ? 7   PRO A CA  1 
ATOM   27   C C   . PRO A 1 7   ? 5.653   -0.880  11.341  1.00 17.01 ? 7   PRO A C   1 
ATOM   28   O O   . PRO A 1 7   ? 5.774   -0.577  12.534  1.00 18.86 ? 7   PRO A O   1 
ATOM   29   C CB  . PRO A 1 7   ? 5.594   -3.378  11.207  1.00 16.74 ? 7   PRO A CB  1 
ATOM   30   C CG  . PRO A 1 7   ? 6.662   -4.427  11.283  1.00 19.14 ? 7   PRO A CG  1 
ATOM   31   C CD  . PRO A 1 7   ? 7.864   -3.694  11.831  1.00 19.36 ? 7   PRO A CD  1 
ATOM   32   N N   . HIS A 1 8   ? 4.949   -0.168  10.475  1.00 13.46 ? 8   HIS A N   1 
ATOM   33   C CA  . HIS A 1 8   ? 4.253   1.051   10.853  1.00 14.64 ? 8   HIS A CA  1 
ATOM   34   C C   . HIS A 1 8   ? 2.753   0.791   10.828  1.00 16.86 ? 8   HIS A C   1 
ATOM   35   O O   . HIS A 1 8   ? 2.219   0.382   9.797   1.00 16.04 ? 8   HIS A O   1 
ATOM   36   C CB  . HIS A 1 8   ? 4.613   2.193   9.910   1.00 12.91 ? 8   HIS A CB  1 
ATOM   37   C CG  . HIS A 1 8   ? 4.254   3.534   10.462  1.00 18.65 ? 8   HIS A CG  1 
ATOM   38   N ND1 . HIS A 1 8   ? 5.007   4.155   11.435  1.00 21.48 ? 8   HIS A ND1 1 
ATOM   39   C CD2 . HIS A 1 8   ? 3.200   4.349   10.217  1.00 18.70 ? 8   HIS A CD2 1 
ATOM   40   C CE1 . HIS A 1 8   ? 4.443   5.311   11.748  1.00 19.55 ? 8   HIS A CE1 1 
ATOM   41   N NE2 . HIS A 1 8   ? 3.345   5.449   11.028  1.00 18.98 ? 8   HIS A NE2 1 
ATOM   42   N N   . THR A 1 9   ? 2.078   1.040   11.950  1.00 14.03 ? 9   THR A N   1 
ATOM   43   C CA  . THR A 1 9   ? 0.650   0.754   12.085  1.00 12.36 ? 9   THR A CA  1 
ATOM   44   C C   . THR A 1 9   ? -0.074  1.990   12.601  1.00 13.88 ? 9   THR A C   1 
ATOM   45   O O   . THR A 1 9   ? 0.271   2.511   13.665  1.00 16.47 ? 9   THR A O   1 
ATOM   46   C CB  . THR A 1 9   ? 0.424   -0.419  13.039  1.00 15.62 ? 9   THR A CB  1 
ATOM   47   O OG1 . THR A 1 9   ? 1.262   -1.517  12.647  1.00 18.69 ? 9   THR A OG1 1 
ATOM   48   C CG2 . THR A 1 9   ? -1.037  -0.840  13.042  1.00 19.38 ? 9   THR A CG2 1 
ATOM   49   N N   . GLU A 1 10  ? -1.079  2.453   11.857  1.00 12.97 ? 10  GLU A N   1 
ATOM   50   C CA  . GLU A 1 10  ? -1.837  3.632   12.262  1.00 13.49 ? 10  GLU A CA  1 
ATOM   51   C C   . GLU A 1 10  ? -3.331  3.434   12.067  1.00 14.69 ? 10  GLU A C   1 
ATOM   52   O O   . GLU A 1 10  ? -3.777  2.846   11.078  1.00 14.83 ? 10  GLU A O   1 
ATOM   53   C CB  . GLU A 1 10  ? -1.400  4.876   11.477  1.00 17.46 ? 10  GLU A CB  1 
ATOM   54   C CG  . GLU A 1 10  ? 0.007   5.336   11.829  1.00 19.20 ? 10  GLU A CG  1 
ATOM   55   C CD  . GLU A 1 10  ? 0.250   6.799   11.495  1.00 18.83 ? 10  GLU A CD  1 
ATOM   56   O OE1 . GLU A 1 10  ? 1.431   7.192   11.382  1.00 22.33 ? 10  GLU A OE1 1 
ATOM   57   O OE2 . GLU A 1 10  ? -0.732  7.547   11.355  1.00 20.22 ? 10  GLU A OE2 1 
ATOM   58   N N   . SER A 1 11  ? -4.096  3.964   13.019  1.00 13.45 ? 11  SER A N   1 
ATOM   59   C CA  . SER A 1 11  ? -5.529  4.152   12.836  1.00 12.42 ? 11  SER A CA  1 
ATOM   60   C C   . SER A 1 11  ? -5.798  5.174   11.738  1.00 12.07 ? 11  SER A C   1 
ATOM   61   O O   . SER A 1 11  ? -5.113  6.195   11.649  1.00 14.44 ? 11  SER A O   1 
ATOM   62   C CB  . SER A 1 11  ? -6.145  4.630   14.146  1.00 13.70 ? 11  SER A CB  1 
ATOM   63   O OG  . SER A 1 11  ? -7.528  4.911   14.020  1.00 15.63 ? 11  SER A OG  1 
ATOM   64   N N   . VAL A 1 12  ? -6.793  4.889   10.889  1.00 12.29 ? 12  VAL A N   1 
ATOM   65   C CA  . VAL A 1 12  ? -7.194  5.800   9.817   1.00 14.45 ? 12  VAL A CA  1 
ATOM   66   C C   . VAL A 1 12  ? -8.705  5.784   9.644   1.00 13.43 ? 12  VAL A C   1 
ATOM   67   O O   . VAL A 1 12  ? -9.401  4.869   10.083  1.00 15.06 ? 12  VAL A O   1 
ATOM   68   C CB  . VAL A 1 12  ? -6.547  5.460   8.451   1.00 14.46 ? 12  VAL A CB  1 
ATOM   69   C CG1 . VAL A 1 12  ? -5.026  5.332   8.556   1.00 13.14 ? 12  VAL A CG1 1 
ATOM   70   C CG2 . VAL A 1 12  ? -7.168  4.183   7.876   1.00 14.21 ? 12  VAL A CG2 1 
ATOM   71   N N   . SER A 1 13  ? -9.195  6.826   8.970   1.00 12.77 ? 13  SER A N   1 
ATOM   72   C CA  . SER A 1 13  ? -10.544 6.884   8.422   1.00 13.70 ? 13  SER A CA  1 
ATOM   73   C C   . SER A 1 13  ? -10.416 7.438   7.013   1.00 14.38 ? 13  SER A C   1 
ATOM   74   O O   . SER A 1 13  ? -9.797  8.488   6.819   1.00 17.53 ? 13  SER A O   1 
ATOM   75   C CB  . SER A 1 13  ? -11.464 7.761   9.270   1.00 15.15 ? 13  SER A CB  1 
ATOM   76   O OG  . SER A 1 13  ? -12.721 7.956   8.627   1.00 18.73 ? 13  SER A OG  1 
ATOM   77   N N   . LEU A 1 14  ? -10.968 6.716   6.036   1.00 14.17 ? 14  LEU A N   1 
ATOM   78   C CA  . LEU A 1 14  ? -10.805 7.051   4.628   1.00 15.23 ? 14  LEU A CA  1 
ATOM   79   C C   . LEU A 1 14  ? -12.162 7.159   3.947   1.00 17.15 ? 14  LEU A C   1 
ATOM   80   O O   . LEU A 1 14  ? -13.081 6.389   4.236   1.00 17.23 ? 14  LEU A O   1 
ATOM   81   C CB  . LEU A 1 14  ? -9.963  6.000   3.902   1.00 14.90 ? 14  LEU A CB  1 
ATOM   82   C CG  . LEU A 1 14  ? -8.588  5.731   4.503   1.00 15.67 ? 14  LEU A CG  1 
ATOM   83   C CD1 . LEU A 1 14  ? -7.943  4.575   3.776   1.00 17.04 ? 14  LEU A CD1 1 
ATOM   84   C CD2 . LEU A 1 14  ? -7.723  6.975   4.413   1.00 17.62 ? 14  LEU A CD2 1 
ATOM   85   N N   . SER A 1 15  ? -12.267 8.106   3.020   1.00 15.51 ? 15  SER A N   1 
ATOM   86   C CA  . SER A 1 15  ? -13.429 8.225   2.153   1.00 17.84 ? 15  SER A CA  1 
ATOM   87   C C   . SER A 1 15  ? -12.946 8.644   0.773   1.00 18.68 ? 15  SER A C   1 
ATOM   88   O O   . SER A 1 15  ? -11.770 8.957   0.580   1.00 16.29 ? 15  SER A O   1 
ATOM   89   C CB  . SER A 1 15  ? -14.434 9.244   2.692   1.00 18.19 ? 15  SER A CB  1 
ATOM   90   O OG  . SER A 1 15  ? -13.829 10.520  2.824   1.00 21.27 ? 15  SER A OG  1 
ATOM   91   N N   . ALA A 1 16  ? -13.862 8.662   -0.197  1.00 17.26 ? 16  ALA A N   1 
ATOM   92   C CA  . ALA A 1 16  ? -13.485 9.152   -1.515  1.00 15.54 ? 16  ALA A CA  1 
ATOM   93   C C   . ALA A 1 16  ? -12.925 10.563  -1.377  1.00 18.57 ? 16  ALA A C   1 
ATOM   94   O O   . ALA A 1 16  ? -13.512 11.412  -0.698  1.00 21.44 ? 16  ALA A O   1 
ATOM   95   C CB  . ALA A 1 16  ? -14.686 9.134   -2.462  1.00 20.07 ? 16  ALA A CB  1 
ATOM   96   N N   . GLY A 1 17  ? -11.762 10.798  -1.987  1.00 15.84 ? 17  GLY A N   1 
ATOM   97   C CA  . GLY A 1 17  ? -11.051 12.048  -1.853  1.00 18.21 ? 17  GLY A CA  1 
ATOM   98   C C   . GLY A 1 17  ? -9.884  12.010  -0.892  1.00 20.15 ? 17  GLY A C   1 
ATOM   99   O O   . GLY A 1 17  ? -9.069  12.940  -0.894  1.00 21.47 ? 17  GLY A O   1 
ATOM   100  N N   . SER A 1 18  ? -9.782  10.972  -0.071  1.00 16.59 ? 18  SER A N   1 
ATOM   101  C CA  . SER A 1 18  ? -8.637  10.830  0.815   1.00 14.40 ? 18  SER A CA  1 
ATOM   102  C C   . SER A 1 18  ? -7.393  10.417  0.040   1.00 13.62 ? 18  SER A C   1 
ATOM   103  O O   . SER A 1 18  ? -7.466  9.747   -0.993  1.00 17.23 ? 18  SER A O   1 
ATOM   104  C CB  . SER A 1 18  ? -8.908  9.776   1.888   1.00 15.04 ? 18  SER A CB  1 
ATOM   105  O OG  . SER A 1 18  ? -9.988  10.147  2.726   1.00 17.01 ? 18  SER A OG  1 
ATOM   106  N N   . THR A 1 19  ? -6.244  10.810  0.569   1.00 14.60 ? 19  THR A N   1 
ATOM   107  C CA  . THR A 1 19  ? -4.954  10.371  0.061   1.00 16.20 ? 19  THR A CA  1 
ATOM   108  C C   . THR A 1 19  ? -4.110  9.859   1.216   1.00 15.60 ? 19  THR A C   1 
ATOM   109  O O   . THR A 1 19  ? -4.075  10.468  2.287   1.00 15.86 ? 19  THR A O   1 
ATOM   110  C CB  . THR A 1 19  ? -4.222  11.509  -0.658  1.00 19.34 ? 19  THR A CB  1 
ATOM   111  O OG1 . THR A 1 19  ? -5.040  11.997  -1.735  1.00 22.41 ? 19  THR A OG1 1 
ATOM   112  C CG2 . THR A 1 19  ? -2.906  11.010  -1.227  1.00 21.17 ? 19  THR A CG2 1 
ATOM   113  N N   . VAL A 1 20  ? -3.445  8.728   1.003   1.00 12.94 ? 20  VAL A N   1 
ATOM   114  C CA  . VAL A 1 20  ? -2.475  8.188   1.947   1.00 14.26 ? 20  VAL A CA  1 
ATOM   115  C C   . VAL A 1 20  ? -1.102  8.332   1.303   1.00 15.54 ? 20  VAL A C   1 
ATOM   116  O O   . VAL A 1 20  ? -0.837  7.731   0.257   1.00 17.00 ? 20  VAL A O   1 
ATOM   117  C CB  . VAL A 1 20  ? -2.780  6.720   2.290   1.00 14.47 ? 20  VAL A CB  1 
ATOM   118  C CG1 . VAL A 1 20  ? -1.749  6.167   3.244   1.00 15.05 ? 20  VAL A CG1 1 
ATOM   119  C CG2 . VAL A 1 20  ? -4.170  6.596   2.892   1.00 16.39 ? 20  VAL A CG2 1 
ATOM   120  N N   . THR A 1 21  ? -0.238  9.139   1.908   1.00 14.97 ? 21  THR A N   1 
ATOM   121  C CA  . THR A 1 21  ? 1.083   9.421   1.355   1.00 16.34 ? 21  THR A CA  1 
ATOM   122  C C   . THR A 1 21  ? 2.150   8.725   2.188   1.00 17.55 ? 21  THR A C   1 
ATOM   123  O O   . THR A 1 21  ? 2.178   8.862   3.414   1.00 16.66 ? 21  THR A O   1 
ATOM   124  C CB  . THR A 1 21  ? 1.338   10.928  1.304   1.00 18.85 ? 21  THR A CB  1 
ATOM   125  O OG1 . THR A 1 21  ? 0.340   11.532  0.480   1.00 21.51 ? 21  THR A OG1 1 
ATOM   126  C CG2 . THR A 1 21  ? 2.710   11.210  0.700   1.00 21.06 ? 21  THR A CG2 1 
ATOM   127  N N   . ILE A 1 22  ? 3.030   7.985   1.519   1.00 15.34 ? 22  ILE A N   1 
ATOM   128  C CA  . ILE A 1 22  ? 4.074   7.211   2.178   1.00 15.72 ? 22  ILE A CA  1 
ATOM   129  C C   . ILE A 1 22  ? 5.397   7.530   1.503   1.00 18.74 ? 22  ILE A C   1 
ATOM   130  O O   . ILE A 1 22  ? 5.516   7.398   0.282   1.00 18.74 ? 22  ILE A O   1 
ATOM   131  C CB  . ILE A 1 22  ? 3.769   5.705   2.102   1.00 16.58 ? 22  ILE A CB  1 
ATOM   132  C CG1 . ILE A 1 22  ? 2.385   5.416   2.685   1.00 18.12 ? 22  ILE A CG1 1 
ATOM   133  C CG2 . ILE A 1 22  ? 4.843   4.897   2.809   1.00 19.11 ? 22  ILE A CG2 1 
ATOM   134  C CD1 . ILE A 1 22  ? 1.854   4.039   2.330   1.00 19.89 ? 22  ILE A CD1 1 
ATOM   135  N N   . LYS A 1 23  ? 6.382   7.962   2.286   1.00 16.35 ? 23  LYS A N   1 
ATOM   136  C CA  . LYS A 1 23  ? 7.711   8.259   1.768   1.00 17.77 ? 23  LYS A CA  1 
ATOM   137  C C   . LYS A 1 23  ? 8.718   7.385   2.498   1.00 17.95 ? 23  LYS A C   1 
ATOM   138  O O   . LYS A 1 23  ? 8.714   7.327   3.731   1.00 18.21 ? 23  LYS A O   1 
ATOM   139  C CB  . LYS A 1 23  ? 8.056   9.746   1.937   1.00 20.32 ? 23  LYS A CB  1 
ATOM   140  C CG  . LYS A 1 23  ? 9.354   10.159  1.267   1.00 25.53 ? 23  LYS A CG  1 
ATOM   141  C CD  . LYS A 1 23  ? 9.623   11.645  1.487   1.00 33.46 ? 23  LYS A CD  1 
ATOM   142  C CE  . LYS A 1 23  ? 10.970  12.069  0.926   1.00 42.24 ? 23  LYS A CE  1 
ATOM   143  N NZ  . LYS A 1 23  ? 11.339  13.442  1.391   1.00 41.00 ? 23  LYS A NZ  1 
ATOM   144  N N   . GLY A 1 24  ? 9.549   6.687   1.734   1.00 17.38 ? 24  GLY A N   1 
ATOM   145  C CA  . GLY A 1 24  ? 10.514  5.787   2.327   1.00 18.59 ? 24  GLY A CA  1 
ATOM   146  C C   . GLY A 1 24  ? 11.572  5.396   1.321   1.00 20.05 ? 24  GLY A C   1 
ATOM   147  O O   . GLY A 1 24  ? 11.623  5.916   0.204   1.00 20.11 ? 24  GLY A O   1 
ATOM   148  N N   . ARG A 1 25  ? 12.415  4.455   1.734   1.00 20.60 ? 25  ARG A N   1 
ATOM   149  C CA  . ARG A 1 25  ? 13.522  3.999   0.910   1.00 21.61 ? 25  ARG A CA  1 
ATOM   150  C C   . ARG A 1 25  ? 13.722  2.511   1.155   1.00 18.02 ? 25  ARG A C   1 
ATOM   151  O O   . ARG A 1 25  ? 13.651  2.061   2.310   1.00 19.38 ? 25  ARG A O   1 
ATOM   152  C CB  . ARG A 1 25  ? 14.820  4.753   1.228   1.00 25.37 ? 25  ARG A CB  1 
ATOM   153  C CG  . ARG A 1 25  ? 15.975  4.406   0.298   1.00 28.65 ? 25  ARG A CG  1 
ATOM   154  C CD  . ARG A 1 25  ? 17.297  5.029   0.751   1.00 34.21 ? 25  ARG A CD  1 
ATOM   155  N NE  . ARG A 1 25  ? 17.223  6.482   0.890   1.00 42.94 ? 25  ARG A NE  1 
ATOM   156  C CZ  . ARG A 1 25  ? 17.561  7.347   -0.063  1.00 40.23 ? 25  ARG A CZ  1 
ATOM   157  N NH1 . ARG A 1 25  ? 17.997  6.910   -1.239  1.00 39.09 ? 25  ARG A NH1 1 
ATOM   158  N NH2 . ARG A 1 25  ? 17.466  8.652   0.156   1.00 41.79 ? 25  ARG A NH2 1 
ATOM   159  N N   . PRO A 1 26  ? 13.962  1.729   0.104   1.00 17.66 ? 26  PRO A N   1 
ATOM   160  C CA  . PRO A 1 26  ? 14.262  0.307   0.309   1.00 16.26 ? 26  PRO A CA  1 
ATOM   161  C C   . PRO A 1 26  ? 15.539  0.139   1.121   1.00 20.23 ? 26  PRO A C   1 
ATOM   162  O O   . PRO A 1 26  ? 16.446  0.974   1.072   1.00 22.87 ? 26  PRO A O   1 
ATOM   163  C CB  . PRO A 1 26  ? 14.421  -0.232  -1.118  1.00 18.24 ? 26  PRO A CB  1 
ATOM   164  C CG  . PRO A 1 26  ? 13.669  0.750   -1.983  1.00 22.31 ? 26  PRO A CG  1 
ATOM   165  C CD  . PRO A 1 26  ? 13.873  2.077   -1.325  1.00 21.71 ? 26  PRO A CD  1 
ATOM   166  N N   . LEU A 1 27  ? 15.598  -0.952  1.892   1.00 15.97 ? 27  LEU A N   1 
ATOM   167  C CA  . LEU A 1 27  ? 16.719  -1.166  2.799   1.00 16.54 ? 27  LEU A CA  1 
ATOM   168  C C   . LEU A 1 27  ? 17.926  -1.774  2.108   1.00 20.59 ? 27  LEU A C   1 
ATOM   169  O O   . LEU A 1 27  ? 19.031  -1.699  2.654   1.00 22.40 ? 27  LEU A O   1 
ATOM   170  C CB  . LEU A 1 27  ? 16.306  -2.067  3.966   1.00 18.89 ? 27  LEU A CB  1 
ATOM   171  C CG  . LEU A 1 27  ? 15.325  -1.431  4.954   1.00 17.46 ? 27  LEU A CG  1 
ATOM   172  C CD1 . LEU A 1 27  ? 14.881  -2.425  6.027   1.00 18.52 ? 27  LEU A CD1 1 
ATOM   173  C CD2 . LEU A 1 27  ? 15.928  -0.188  5.585   1.00 18.96 ? 27  LEU A CD2 1 
ATOM   174  N N   . VAL A 1 28  ? 17.742  -2.393  0.943   1.00 18.17 ? 28  VAL A N   1 
ATOM   175  C CA  . VAL A 1 28  ? 18.831  -3.036  0.215   1.00 20.86 ? 28  VAL A CA  1 
ATOM   176  C C   . VAL A 1 28  ? 18.653  -2.771  -1.276  1.00 20.56 ? 28  VAL A C   1 
ATOM   177  O O   . VAL A 1 28  ? 17.624  -2.257  -1.730  1.00 17.72 ? 28  VAL A O   1 
ATOM   178  C CB  . VAL A 1 28  ? 18.911  -4.559  0.486   1.00 20.13 ? 28  VAL A CB  1 
ATOM   179  C CG1 . VAL A 1 28  ? 19.046  -4.865  1.988   1.00 19.20 ? 28  VAL A CG1 1 
ATOM   180  C CG2 . VAL A 1 28  ? 17.703  -5.277  -0.108  1.00 17.11 ? 28  VAL A CG2 1 
ATOM   181  N N   . CYS A 1 29  ? 19.685  -3.119  -2.038  1.00 19.70 ? 29  CYS A N   1 
ATOM   182  C CA  . CYS A 1 29  ? 19.667  -2.932  -3.482  1.00 20.67 ? 29  CYS A CA  1 
ATOM   183  C C   . CYS A 1 29  ? 18.588  -3.783  -4.154  1.00 17.92 ? 29  CYS A C   1 
ATOM   184  O O   . CYS A 1 29  ? 18.204  -4.848  -3.660  1.00 17.16 ? 29  CYS A O   1 
ATOM   185  C CB  . CYS A 1 29  ? 21.053  -3.254  -4.054  1.00 22.54 ? 29  CYS A CB  1 
ATOM   186  S SG  . CYS A 1 29  ? 21.521  -4.998  -3.921  1.00 22.54 ? 29  CYS A SG  1 
ATOM   187  N N   . PHE A 1 30  ? 18.086  -3.286  -5.292  1.00 17.96 ? 30  PHE A N   1 
ATOM   188  C CA  . PHE A 1 30  ? 17.036  -3.994  -6.027  1.00 16.11 ? 30  PHE A CA  1 
ATOM   189  C C   . PHE A 1 30  ? 17.475  -5.390  -6.449  1.00 17.84 ? 30  PHE A C   1 
ATOM   190  O O   . PHE A 1 30  ? 16.639  -6.293  -6.581  1.00 15.59 ? 30  PHE A O   1 
ATOM   191  C CB  . PHE A 1 30  ? 16.611  -3.198  -7.269  1.00 18.22 ? 30  PHE A CB  1 
ATOM   192  C CG  . PHE A 1 30  ? 15.602  -2.114  -6.994  1.00 18.61 ? 30  PHE A CG  1 
ATOM   193  C CD1 . PHE A 1 30  ? 15.484  -1.553  -5.732  1.00 18.16 ? 30  PHE A CD1 1 
ATOM   194  C CD2 . PHE A 1 30  ? 14.780  -1.655  -8.012  1.00 21.54 ? 30  PHE A CD2 1 
ATOM   195  C CE1 . PHE A 1 30  ? 14.558  -0.542  -5.489  1.00 20.95 ? 30  PHE A CE1 1 
ATOM   196  C CE2 . PHE A 1 30  ? 13.847  -0.644  -7.770  1.00 18.84 ? 30  PHE A CE2 1 
ATOM   197  C CZ  . PHE A 1 30  ? 13.745  -0.096  -6.510  1.00 19.25 ? 30  PHE A CZ  1 
ATOM   198  N N   . PHE A 1 31  ? 18.777  -5.585  -6.680  1.00 16.74 ? 31  PHE A N   1 
ATOM   199  C CA  . PHE A 1 31  ? 19.267  -6.889  -7.109  1.00 15.87 ? 31  PHE A CA  1 
ATOM   200  C C   . PHE A 1 31  ? 18.924  -7.978  -6.102  1.00 15.66 ? 31  PHE A C   1 
ATOM   201  O O   . PHE A 1 31  ? 18.754  -9.138  -6.481  1.00 16.39 ? 31  PHE A O   1 
ATOM   202  C CB  . PHE A 1 31  ? 20.779  -6.814  -7.331  1.00 16.05 ? 31  PHE A CB  1 
ATOM   203  C CG  . PHE A 1 31  ? 21.363  -7.999  -8.066  1.00 18.07 ? 31  PHE A CG  1 
ATOM   204  C CD1 . PHE A 1 31  ? 20.890  -8.366  -9.319  1.00 20.37 ? 31  PHE A CD1 1 
ATOM   205  C CD2 . PHE A 1 31  ? 22.406  -8.726  -7.511  1.00 16.41 ? 31  PHE A CD2 1 
ATOM   206  C CE1 . PHE A 1 31  ? 21.444  -9.447  -9.998  1.00 20.17 ? 31  PHE A CE1 1 
ATOM   207  C CE2 . PHE A 1 31  ? 22.966  -9.804  -8.186  1.00 19.12 ? 31  PHE A CE2 1 
ATOM   208  C CZ  . PHE A 1 31  ? 22.480  -10.166 -9.430  1.00 19.35 ? 31  PHE A CZ  1 
ATOM   209  N N   . ASN A 1 32  ? 18.814  -7.628  -4.824  1.00 16.13 ? 32  ASN A N   1 
ATOM   210  C CA  . ASN A 1 32  ? 18.464  -8.585  -3.788  1.00 14.71 ? 32  ASN A CA  1 
ATOM   211  C C   . ASN A 1 32  ? 16.965  -8.616  -3.493  1.00 13.71 ? 32  ASN A C   1 
ATOM   212  O O   . ASN A 1 32  ? 16.549  -9.282  -2.547  1.00 14.70 ? 32  ASN A O   1 
ATOM   213  C CB  . ASN A 1 32  ? 19.262  -8.285  -2.516  1.00 13.81 ? 32  ASN A CB  1 
ATOM   214  C CG  . ASN A 1 32  ? 20.739  -8.634  -2.669  1.00 17.95 ? 32  ASN A CG  1 
ATOM   215  O OD1 . ASN A 1 32  ? 21.132  -9.246  -3.660  1.00 17.48 ? 32  ASN A OD1 1 
ATOM   216  N ND2 . ASN A 1 32  ? 21.556  -8.228  -1.705  1.00 19.93 ? 32  ASN A ND2 1 
ATOM   217  N N   . GLU A 1 33  ? 16.148  -7.928  -4.303  1.00 14.91 ? 33  GLU A N   1 
ATOM   218  C CA  . GLU A 1 33  ? 14.686  -7.996  -4.261  1.00 16.02 ? 33  GLU A CA  1 
ATOM   219  C C   . GLU A 1 33  ? 14.108  -7.662  -2.886  1.00 14.00 ? 33  GLU A C   1 
ATOM   220  O O   . GLU A 1 33  ? 13.435  -8.499  -2.274  1.00 15.02 ? 33  GLU A O   1 
ATOM   221  C CB  . GLU A 1 33  ? 14.200  -9.381  -4.702  1.00 19.35 ? 33  GLU A CB  1 
ATOM   222  C CG  . GLU A 1 33  ? 12.685  -9.439  -5.006  1.00 25.90 ? 33  GLU A CG  1 
ATOM   223  C CD  . GLU A 1 33  ? 12.353  -10.261 -6.240  1.00 32.28 ? 33  GLU A CD  1 
ATOM   224  O OE1 . GLU A 1 33  ? 13.209  -11.062 -6.679  1.00 43.06 ? 33  GLU A OE1 1 
ATOM   225  O OE2 . GLU A 1 33  ? 11.235  -10.110 -6.765  1.00 33.18 ? 33  GLU A OE2 1 
ATOM   226  N N   . PRO A 1 34  ? 14.322  -6.450  -2.384  1.00 13.75 ? 34  PRO A N   1 
ATOM   227  C CA  . PRO A 1 34  ? 13.559  -5.998  -1.216  1.00 14.87 ? 34  PRO A CA  1 
ATOM   228  C C   . PRO A 1 34  ? 12.081  -5.904  -1.564  1.00 13.92 ? 34  PRO A C   1 
ATOM   229  O O   . PRO A 1 34  ? 11.693  -5.804  -2.737  1.00 13.92 ? 34  PRO A O   1 
ATOM   230  C CB  . PRO A 1 34  ? 14.149  -4.615  -0.918  1.00 15.88 ? 34  PRO A CB  1 
ATOM   231  C CG  . PRO A 1 34  ? 14.609  -4.125  -2.249  1.00 15.79 ? 34  PRO A CG  1 
ATOM   232  C CD  . PRO A 1 34  ? 15.061  -5.344  -3.019  1.00 14.04 ? 34  PRO A CD  1 
ATOM   233  N N   . HIS A 1 35  ? 11.251  -5.953  -0.525  1.00 12.23 ? 35  HIS A N   1 
ATOM   234  C CA  . HIS A 1 35  ? 9.800   -5.863  -0.670  1.00 13.31 ? 35  HIS A CA  1 
ATOM   235  C C   . HIS A 1 35  ? 9.261   -4.662  0.092   1.00 13.00 ? 35  HIS A C   1 
ATOM   236  O O   . HIS A 1 35  ? 9.888   -4.147  1.017   1.00 13.10 ? 35  HIS A O   1 
ATOM   237  C CB  . HIS A 1 35  ? 9.101   -7.124  -0.141  1.00 13.97 ? 35  HIS A CB  1 
ATOM   238  C CG  . HIS A 1 35  ? 9.566   -8.389  -0.787  1.00 17.67 ? 35  HIS A CG  1 
ATOM   239  N ND1 . HIS A 1 35  ? 9.342   -9.629  -0.229  1.00 25.70 ? 35  HIS A ND1 1 
ATOM   240  C CD2 . HIS A 1 35  ? 10.237  -8.609  -1.942  1.00 17.11 ? 35  HIS A CD2 1 
ATOM   241  C CE1 . HIS A 1 35  ? 9.864   -10.559 -1.011  1.00 23.60 ? 35  HIS A CE1 1 
ATOM   242  N NE2 . HIS A 1 35  ? 10.407  -9.967  -2.060  1.00 20.30 ? 35  HIS A NE2 1 
ATOM   243  N N   . LEU A 1 36  ? 8.061   -4.229  -0.309  1.00 12.12 ? 36  LEU A N   1 
ATOM   244  C CA  . LEU A 1 36  ? 7.266   -3.260  0.438   1.00 12.49 ? 36  LEU A CA  1 
ATOM   245  C C   . LEU A 1 36  ? 5.841   -3.779  0.494   1.00 11.90 ? 36  LEU A C   1 
ATOM   246  O O   . LEU A 1 36  ? 5.312   -4.231  -0.524  1.00 14.28 ? 36  LEU A O   1 
ATOM   247  C CB  . LEU A 1 36  ? 7.290   -1.886  -0.235  1.00 10.99 ? 36  LEU A CB  1 
ATOM   248  C CG  . LEU A 1 36  ? 6.169   -0.923  0.179   1.00 12.33 ? 36  LEU A CG  1 
ATOM   249  C CD1 . LEU A 1 36  ? 6.351   -0.531  1.620   1.00 13.47 ? 36  LEU A CD1 1 
ATOM   250  C CD2 . LEU A 1 36  ? 6.168   0.319   -0.716  1.00 16.29 ? 36  LEU A CD2 1 
ATOM   251  N N   . GLN A 1 37  ? 5.226   -3.749  1.673   1.00 11.27 ? 37  GLN A N   1 
ATOM   252  C CA  . GLN A 1 37  ? 3.835   -4.163  1.792   1.00 11.79 ? 37  GLN A CA  1 
ATOM   253  C C   . GLN A 1 37  ? 3.034   -3.072  2.481   1.00 11.10 ? 37  GLN A C   1 
ATOM   254  O O   . GLN A 1 37  ? 3.436   -2.577  3.537   1.00 12.02 ? 37  GLN A O   1 
ATOM   255  C CB  . GLN A 1 37  ? 3.706   -5.483  2.560   1.00 11.19 ? 37  GLN A CB  1 
ATOM   256  C CG  . GLN A 1 37  ? 2.273   -6.044  2.526   1.00 12.61 ? 37  GLN A CG  1 
ATOM   257  C CD  . GLN A 1 37  ? 2.236   -7.539  2.834   1.00 13.44 ? 37  GLN A CD  1 
ATOM   258  O OE1 . GLN A 1 37  ? 3.126   -8.289  2.425   1.00 13.95 ? 37  GLN A OE1 1 
ATOM   259  N NE2 . GLN A 1 37  ? 1.204   -7.981  3.546   1.00 14.75 ? 37  GLN A NE2 1 
ATOM   260  N N   . VAL A 1 38  ? 1.908   -2.691  1.875   1.00 12.10 ? 38  VAL A N   1 
ATOM   261  C CA  . VAL A 1 38  ? 0.963   -1.748  2.470   1.00 10.65 ? 38  VAL A CA  1 
ATOM   262  C C   . VAL A 1 38  ? -0.387  -2.441  2.538   1.00 11.21 ? 38  VAL A C   1 
ATOM   263  O O   . VAL A 1 38  ? -0.913  -2.872  1.508   1.00 12.19 ? 38  VAL A O   1 
ATOM   264  C CB  . VAL A 1 38  ? 0.862   -0.451  1.654   1.00 10.86 ? 38  VAL A CB  1 
ATOM   265  C CG1 . VAL A 1 38  ? -0.135  0.509   2.321   1.00 12.03 ? 38  VAL A CG1 1 
ATOM   266  C CG2 . VAL A 1 38  ? 2.232   0.202   1.513   1.00 12.50 ? 38  VAL A CG2 1 
ATOM   267  N N   . ASP A 1 39  ? -0.957  -2.538  3.741   1.00 9.87  ? 39  ASP A N   1 
ATOM   268  C CA  . ASP A 1 39  ? -2.226  -3.236  3.951   1.00 10.98 ? 39  ASP A CA  1 
ATOM   269  C C   . ASP A 1 39  ? -3.244  -2.296  4.586   1.00 9.42  ? 39  ASP A C   1 
ATOM   270  O O   . ASP A 1 39  ? -3.007  -1.764  5.674   1.00 11.78 ? 39  ASP A O   1 
ATOM   271  C CB  . ASP A 1 39  ? -2.026  -4.460  4.845   1.00 11.96 ? 39  ASP A CB  1 
ATOM   272  C CG  . ASP A 1 39  ? -1.170  -5.531  4.200   1.00 12.64 ? 39  ASP A CG  1 
ATOM   273  O OD1 . ASP A 1 39  ? -1.439  -5.891  3.034   1.00 13.03 ? 39  ASP A OD1 1 
ATOM   274  O OD2 . ASP A 1 39  ? -0.224  -6.012  4.861   1.00 15.25 ? 39  ASP A OD2 1 
ATOM   275  N N   . PHE A 1 40  ? -4.403  -2.141  3.936   1.00 10.48 ? 40  PHE A N   1 
ATOM   276  C CA  . PHE A 1 40  ? -5.519  -1.368  4.481   1.00 11.55 ? 40  PHE A CA  1 
ATOM   277  C C   . PHE A 1 40  ? -6.445  -2.349  5.196   1.00 11.63 ? 40  PHE A C   1 
ATOM   278  O O   . PHE A 1 40  ? -7.103  -3.163  4.544   1.00 12.73 ? 40  PHE A O   1 
ATOM   279  C CB  . PHE A 1 40  ? -6.258  -0.639  3.363   1.00 11.31 ? 40  PHE A CB  1 
ATOM   280  C CG  . PHE A 1 40  ? -5.529  0.562   2.809   1.00 12.59 ? 40  PHE A CG  1 
ATOM   281  C CD1 . PHE A 1 40  ? -4.149  0.681   2.874   1.00 18.80 ? 40  PHE A CD1 1 
ATOM   282  C CD2 . PHE A 1 40  ? -6.238  1.586   2.212   1.00 16.68 ? 40  PHE A CD2 1 
ATOM   283  C CE1 . PHE A 1 40  ? -3.504  1.804   2.351   1.00 19.44 ? 40  PHE A CE1 1 
ATOM   284  C CE2 . PHE A 1 40  ? -5.598  2.692   1.688   1.00 18.85 ? 40  PHE A CE2 1 
ATOM   285  C CZ  . PHE A 1 40  ? -4.233  2.800   1.755   1.00 15.29 ? 40  PHE A CZ  1 
ATOM   286  N N   . HIS A 1 41  ? -6.458  -2.300  6.530   1.00 10.70 ? 41  HIS A N   1 
ATOM   287  C CA  . HIS A 1 41  ? -7.141  -3.266  7.385   1.00 11.62 ? 41  HIS A CA  1 
ATOM   288  C C   . HIS A 1 41  ? -8.505  -2.754  7.825   1.00 12.23 ? 41  HIS A C   1 
ATOM   289  O O   . HIS A 1 41  ? -8.734  -1.548  7.930   1.00 13.45 ? 41  HIS A O   1 
ATOM   290  C CB  . HIS A 1 41  ? -6.300  -3.559  8.634   1.00 14.30 ? 41  HIS A CB  1 
ATOM   291  C CG  . HIS A 1 41  ? -5.188  -4.537  8.414   1.00 12.81 ? 41  HIS A CG  1 
ATOM   292  N ND1 . HIS A 1 41  ? -5.319  -5.880  8.692   1.00 13.37 ? 41  HIS A ND1 1 
ATOM   293  C CD2 . HIS A 1 41  ? -3.917  -4.364  7.976   1.00 12.89 ? 41  HIS A CD2 1 
ATOM   294  C CE1 . HIS A 1 41  ? -4.179  -6.495  8.425   1.00 15.71 ? 41  HIS A CE1 1 
ATOM   295  N NE2 . HIS A 1 41  ? -3.308  -5.597  8.002   1.00 12.87 ? 41  HIS A NE2 1 
ATOM   296  N N   . THR A 1 42  ? -9.405  -3.696  8.143   1.00 12.85 ? 42  THR A N   1 
ATOM   297  C CA  . THR A 1 42  ? -10.730 -3.314  8.624   1.00 13.10 ? 42  THR A CA  1 
ATOM   298  C C   . THR A 1 42  ? -10.786 -3.084  10.131  1.00 16.38 ? 42  THR A C   1 
ATOM   299  O O   . THR A 1 42  ? -11.770 -2.511  10.617  1.00 16.49 ? 42  THR A O   1 
ATOM   300  C CB  . THR A 1 42  ? -11.773 -4.373  8.248   1.00 15.10 ? 42  THR A CB  1 
ATOM   301  O OG1 . THR A 1 42  ? -11.392 -5.621  8.830   1.00 15.17 ? 42  THR A OG1 1 
ATOM   302  C CG2 . THR A 1 42  ? -11.879 -4.525  6.735   1.00 16.78 ? 42  THR A CG2 1 
ATOM   303  N N   . GLU A 1 43  ? -9.780  -3.532  10.880  1.00 14.39 ? 43  GLU A N   1 
ATOM   304  C CA  . GLU A 1 43  ? -9.694  -3.290  12.312  1.00 15.96 ? 43  GLU A CA  1 
ATOM   305  C C   . GLU A 1 43  ? -8.234  -3.061  12.674  1.00 14.92 ? 43  GLU A C   1 
ATOM   306  O O   . GLU A 1 43  ? -7.327  -3.333  11.881  1.00 14.74 ? 43  GLU A O   1 
ATOM   307  C CB  . GLU A 1 43  ? -10.268 -4.457  13.135  1.00 18.05 ? 43  GLU A CB  1 
ATOM   308  C CG  . GLU A 1 43  ? -11.728 -4.812  12.828  1.00 19.21 ? 43  GLU A CG  1 
ATOM   309  C CD  . GLU A 1 43  ? -12.717 -3.715  13.202  1.00 24.82 ? 43  GLU A CD  1 
ATOM   310  O OE1 . GLU A 1 43  ? -12.385 -2.855  14.046  1.00 24.93 ? 43  GLU A OE1 1 
ATOM   311  O OE2 . GLU A 1 43  ? -13.839 -3.711  12.642  1.00 25.44 ? 43  GLU A OE2 1 
ATOM   312  N N   . MET A 1 44  ? -8.008  -2.569  13.898  1.00 17.89 ? 44  MET A N   1 
ATOM   313  C CA  . MET A 1 44  ? -6.644  -2.365  14.379  1.00 17.38 ? 44  MET A CA  1 
ATOM   314  C C   . MET A 1 44  ? -5.901  -3.686  14.567  1.00 17.10 ? 44  MET A C   1 
ATOM   315  O O   . MET A 1 44  ? -4.665  -3.710  14.515  1.00 20.96 ? 44  MET A O   1 
ATOM   316  C CB  . MET A 1 44  ? -6.649  -1.585  15.695  1.00 19.64 ? 44  MET A CB  1 
ATOM   317  C CG  . MET A 1 44  ? -7.015  -0.111  15.556  1.00 19.55 ? 44  MET A CG  1 
ATOM   318  S SD  . MET A 1 44  ? -5.855  0.862   14.566  1.00 21.80 ? 44  MET A SD  1 
ATOM   319  C CE  . MET A 1 44  ? -4.300  0.554   15.398  1.00 24.85 ? 44  MET A CE  1 
ATOM   320  N N   . LYS A 1 45  ? -6.628  -4.778  14.802  1.00 19.10 ? 45  LYS A N   1 
ATOM   321  C CA  . LYS A 1 45  ? -6.003  -6.089  14.961  1.00 16.50 ? 45  LYS A CA  1 
ATOM   322  C C   . LYS A 1 45  ? -5.245  -6.477  13.698  1.00 18.77 ? 45  LYS A C   1 
ATOM   323  O O   . LYS A 1 45  ? -5.778  -6.388  12.590  1.00 17.20 ? 45  LYS A O   1 
ATOM   324  C CB  . LYS A 1 45  ? -7.073  -7.140  15.273  1.00 23.89 ? 45  LYS A CB  1 
ATOM   325  C CG  . LYS A 1 45  ? -7.443  -7.277  16.742  1.00 35.29 ? 45  LYS A CG  1 
ATOM   326  C CD  . LYS A 1 45  ? -7.660  -8.745  17.114  1.00 39.47 ? 45  LYS A CD  1 
ATOM   327  C CE  . LYS A 1 45  ? -7.793  -8.930  18.626  1.00 49.32 ? 45  LYS A CE  1 
ATOM   328  N NZ  . LYS A 1 45  ? -9.212  -8.883  19.089  1.00 47.91 ? 45  LYS A NZ  1 
ATOM   329  N N   . GLU A 1 46  ? -4.007  -6.956  13.880  1.00 18.64 ? 46  GLU A N   1 
ATOM   330  C CA  . GLU A 1 46  ? -3.126  -7.254  12.752  1.00 20.82 ? 46  GLU A CA  1 
ATOM   331  C C   . GLU A 1 46  ? -3.679  -8.352  11.852  1.00 18.22 ? 46  GLU A C   1 
ATOM   332  O O   . GLU A 1 46  ? -3.430  -8.350  10.642  1.00 18.28 ? 46  GLU A O   1 
ATOM   333  C CB  . GLU A 1 46  ? -1.749  -7.667  13.269  1.00 27.03 ? 46  GLU A CB  1 
ATOM   334  C CG  . GLU A 1 46  ? -0.669  -6.663  12.999  1.00 36.29 ? 46  GLU A CG  1 
ATOM   335  C CD  . GLU A 1 46  ? 0.706   -7.157  13.411  1.00 30.46 ? 46  GLU A CD  1 
ATOM   336  O OE1 . GLU A 1 46  ? 0.915   -8.396  13.560  1.00 32.88 ? 46  GLU A OE1 1 
ATOM   337  O OE2 . GLU A 1 46  ? 1.583   -6.292  13.595  1.00 35.26 ? 46  GLU A OE2 1 
ATOM   338  N N   . ASP A 1 47  ? -4.397  -9.316  12.415  1.00 20.26 ? 47  ASP A N   1 
ATOM   339  C CA  . ASP A 1 47  ? -4.957  -10.390 11.608  1.00 20.02 ? 47  ASP A CA  1 
ATOM   340  C C   . ASP A 1 47  ? -6.347  -10.066 11.074  1.00 19.23 ? 47  ASP A C   1 
ATOM   341  O O   . ASP A 1 47  ? -7.029  -10.969 10.573  1.00 20.25 ? 47  ASP A O   1 
ATOM   342  C CB  . ASP A 1 47  ? -4.974  -11.700 12.404  1.00 22.87 ? 47  ASP A CB  1 
ATOM   343  C CG  . ASP A 1 47  ? -5.861  -11.642 13.644  1.00 27.78 ? 47  ASP A CG  1 
ATOM   344  O OD1 . ASP A 1 47  ? -6.461  -10.592 13.955  1.00 28.30 ? 47  ASP A OD1 1 
ATOM   345  O OD2 . ASP A 1 47  ? -5.949  -12.684 14.329  1.00 37.73 ? 47  ASP A OD2 1 
ATOM   346  N N   . SER A 1 48  ? -6.777  -8.807  11.150  1.00 16.27 ? 48  SER A N   1 
ATOM   347  C CA  . SER A 1 48  ? -8.074  -8.444  10.609  1.00 16.32 ? 48  SER A CA  1 
ATOM   348  C C   . SER A 1 48  ? -8.050  -8.472  9.079   1.00 15.00 ? 48  SER A C   1 
ATOM   349  O O   . SER A 1 48  ? -6.993  -8.537  8.435   1.00 14.00 ? 48  SER A O   1 
ATOM   350  C CB  . SER A 1 48  ? -8.506  -7.059  11.094  1.00 17.55 ? 48  SER A CB  1 
ATOM   351  O OG  . SER A 1 48  ? -7.621  -6.056  10.604  1.00 15.89 ? 48  SER A OG  1 
ATOM   352  N N   . ASP A 1 49  ? -9.247  -8.381  8.503   1.00 14.38 ? 49  ASP A N   1 
ATOM   353  C CA  . ASP A 1 49  ? -9.400  -8.416  7.055   1.00 13.36 ? 49  ASP A CA  1 
ATOM   354  C C   . ASP A 1 49  ? -8.682  -7.234  6.404   1.00 14.50 ? 49  ASP A C   1 
ATOM   355  O O   . ASP A 1 49  ? -8.411  -6.201  7.032   1.00 12.90 ? 49  ASP A O   1 
ATOM   356  C CB  . ASP A 1 49  ? -10.882 -8.402  6.672   1.00 13.73 ? 49  ASP A CB  1 
ATOM   357  C CG  . ASP A 1 49  ? -11.553 -9.749  6.907   1.00 16.81 ? 49  ASP A CG  1 
ATOM   358  O OD1 . ASP A 1 49  ? -10.848 -10.719 7.276   1.00 17.07 ? 49  ASP A OD1 1 
ATOM   359  O OD2 . ASP A 1 49  ? -12.785 -9.835  6.707   1.00 21.80 ? 49  ASP A OD2 1 
ATOM   360  N N   . ILE A 1 50  ? -8.367  -7.397  5.123   1.00 13.73 ? 50  ILE A N   1 
ATOM   361  C CA  . ILE A 1 50  ? -7.586  -6.406  4.387   1.00 12.34 ? 50  ILE A CA  1 
ATOM   362  C C   . ILE A 1 50  ? -8.363  -6.000  3.142   1.00 12.66 ? 50  ILE A C   1 
ATOM   363  O O   . ILE A 1 50  ? -8.560  -6.807  2.228   1.00 14.08 ? 50  ILE A O   1 
ATOM   364  C CB  . ILE A 1 50  ? -6.193  -6.927  4.024   1.00 12.37 ? 50  ILE A CB  1 
ATOM   365  C CG1 . ILE A 1 50  ? -5.392  -7.177  5.306   1.00 13.00 ? 50  ILE A CG1 1 
ATOM   366  C CG2 . ILE A 1 50  ? -5.462  -5.915  3.127   1.00 12.92 ? 50  ILE A CG2 1 
ATOM   367  C CD1 . ILE A 1 50  ? -4.119  -8.023  5.107   1.00 13.08 ? 50  ILE A CD1 1 
ATOM   368  N N   . ALA A 1 51  ? -8.813  -4.743  3.113   1.00 12.26 ? 51  ALA A N   1 
ATOM   369  C CA  . ALA A 1 51  ? -9.536  -4.238  1.954   1.00 13.12 ? 51  ALA A CA  1 
ATOM   370  C C   . ALA A 1 51  ? -8.615  -4.051  0.757   1.00 12.53 ? 51  ALA A C   1 
ATOM   371  O O   . ALA A 1 51  ? -9.063  -4.168  -0.391  1.00 16.53 ? 51  ALA A O   1 
ATOM   372  C CB  . ALA A 1 51  ? -10.213 -2.909  2.304   1.00 12.66 ? 51  ALA A CB  1 
ATOM   373  N N   . PHE A 1 52  ? -7.344  -3.732  0.998   1.00 12.59 ? 52  PHE A N   1 
ATOM   374  C CA  . PHE A 1 52  ? -6.400  -3.442  -0.079  1.00 11.43 ? 52  PHE A CA  1 
ATOM   375  C C   . PHE A 1 52  ? -5.016  -3.839  0.407   1.00 12.41 ? 52  PHE A C   1 
ATOM   376  O O   . PHE A 1 52  ? -4.491  -3.235  1.351   1.00 12.74 ? 52  PHE A O   1 
ATOM   377  C CB  . PHE A 1 52  ? -6.442  -1.965  -0.465  1.00 13.18 ? 52  PHE A CB  1 
ATOM   378  C CG  . PHE A 1 52  ? -5.494  -1.592  -1.575  1.00 13.05 ? 52  PHE A CG  1 
ATOM   379  C CD1 . PHE A 1 52  ? -5.299  -2.429  -2.660  1.00 15.69 ? 52  PHE A CD1 1 
ATOM   380  C CD2 . PHE A 1 52  ? -4.794  -0.403  -1.519  1.00 15.33 ? 52  PHE A CD2 1 
ATOM   381  C CE1 . PHE A 1 52  ? -4.409  -2.076  -3.675  1.00 16.63 ? 52  PHE A CE1 1 
ATOM   382  C CE2 . PHE A 1 52  ? -3.923  -0.042  -2.529  1.00 16.54 ? 52  PHE A CE2 1 
ATOM   383  C CZ  . PHE A 1 52  ? -3.730  -0.883  -3.604  1.00 13.64 ? 52  PHE A CZ  1 
ATOM   384  N N   . HIS A 1 53  ? -4.456  -4.867  -0.225  1.00 12.21 ? 53  HIS A N   1 
ATOM   385  C CA  . HIS A 1 53  ? -3.109  -5.367  0.025   1.00 12.28 ? 53  HIS A CA  1 
ATOM   386  C C   . HIS A 1 53  ? -2.283  -5.003  -1.199  1.00 11.60 ? 53  HIS A C   1 
ATOM   387  O O   . HIS A 1 53  ? -2.681  -5.314  -2.323  1.00 13.37 ? 53  HIS A O   1 
ATOM   388  C CB  . HIS A 1 53  ? -3.172  -6.880  0.254   1.00 11.95 ? 53  HIS A CB  1 
ATOM   389  C CG  . HIS A 1 53  ? -1.889  -7.617  0.018   1.00 13.04 ? 53  HIS A CG  1 
ATOM   390  N ND1 . HIS A 1 53  ? -0.880  -7.672  0.956   1.00 13.83 ? 53  HIS A ND1 1 
ATOM   391  C CD2 . HIS A 1 53  ? -1.492  -8.402  -1.011  1.00 14.79 ? 53  HIS A CD2 1 
ATOM   392  C CE1 . HIS A 1 53  ? 0.102   -8.429  0.498   1.00 15.82 ? 53  HIS A CE1 1 
ATOM   393  N NE2 . HIS A 1 53  ? -0.241  -8.882  -0.696  1.00 16.23 ? 53  HIS A NE2 1 
ATOM   394  N N   . PHE A 1 54  ? -1.169  -4.307  -0.980  1.00 12.33 ? 54  PHE A N   1 
ATOM   395  C CA  . PHE A 1 54  ? -0.322  -3.787  -2.049  1.00 11.39 ? 54  PHE A CA  1 
ATOM   396  C C   . PHE A 1 54  ? 1.100   -4.227  -1.723  1.00 12.73 ? 54  PHE A C   1 
ATOM   397  O O   . PHE A 1 54  ? 1.671   -3.757  -0.739  1.00 12.69 ? 54  PHE A O   1 
ATOM   398  C CB  . PHE A 1 54  ? -0.443  -2.264  -2.112  1.00 11.52 ? 54  PHE A CB  1 
ATOM   399  C CG  . PHE A 1 54  ? 0.473   -1.593  -3.107  1.00 11.11 ? 54  PHE A CG  1 
ATOM   400  C CD1 . PHE A 1 54  ? 0.165   -1.597  -4.457  1.00 12.20 ? 54  PHE A CD1 1 
ATOM   401  C CD2 . PHE A 1 54  ? 1.608   -0.918  -2.676  1.00 13.13 ? 54  PHE A CD2 1 
ATOM   402  C CE1 . PHE A 1 54  ? 0.988   -0.956  -5.370  1.00 13.94 ? 54  PHE A CE1 1 
ATOM   403  C CE2 . PHE A 1 54  ? 2.435   -0.279  -3.573  1.00 14.37 ? 54  PHE A CE2 1 
ATOM   404  C CZ  . PHE A 1 54  ? 2.122   -0.294  -4.928  1.00 16.32 ? 54  PHE A CZ  1 
ATOM   405  N N   . GLN A 1 55  ? 1.658   -5.149  -2.512  1.00 12.45 ? 55  GLN A N   1 
ATOM   406  C CA  . GLN A 1 55  ? 2.999   -5.667  -2.251  1.00 12.47 ? 55  GLN A CA  1 
ATOM   407  C C   . GLN A 1 55  ? 3.890   -5.400  -3.457  1.00 14.10 ? 55  GLN A C   1 
ATOM   408  O O   . GLN A 1 55  ? 3.594   -5.852  -4.569  1.00 17.07 ? 55  GLN A O   1 
ATOM   409  C CB  . GLN A 1 55  ? 2.979   -7.164  -1.903  1.00 15.54 ? 55  GLN A CB  1 
ATOM   410  C CG  . GLN A 1 55  ? 4.389   -7.695  -1.593  1.00 20.53 ? 55  GLN A CG  1 
ATOM   411  C CD  . GLN A 1 55  ? 4.413   -8.947  -0.730  1.00 25.39 ? 55  GLN A CD  1 
ATOM   412  O OE1 . GLN A 1 55  ? 3.396   -9.627  -0.561  1.00 28.11 ? 55  GLN A OE1 1 
ATOM   413  N NE2 . GLN A 1 55  ? 5.594   -9.268  -0.185  1.00 28.75 ? 55  GLN A NE2 1 
ATOM   414  N N   . VAL A 1 56  ? 4.976   -4.666  -3.233  1.00 13.41 ? 56  VAL A N   1 
ATOM   415  C CA  . VAL A 1 56  ? 5.962   -4.374  -4.269  1.00 12.17 ? 56  VAL A CA  1 
ATOM   416  C C   . VAL A 1 56  ? 7.139   -5.318  -4.098  1.00 15.23 ? 56  VAL A C   1 
ATOM   417  O O   . VAL A 1 56  ? 7.745   -5.372  -3.024  1.00 15.88 ? 56  VAL A O   1 
ATOM   418  C CB  . VAL A 1 56  ? 6.443   -2.918  -4.193  1.00 15.18 ? 56  VAL A CB  1 
ATOM   419  C CG1 . VAL A 1 56  ? 7.447   -2.627  -5.320  1.00 17.07 ? 56  VAL A CG1 1 
ATOM   420  C CG2 . VAL A 1 56  ? 5.259   -1.961  -4.247  1.00 16.69 ? 56  VAL A CG2 1 
ATOM   421  N N   . TYR A 1 57  ? 7.467   -6.043  -5.159  1.00 13.94 ? 57  TYR A N   1 
ATOM   422  C CA  . TYR A 1 57  ? 8.735   -6.759  -5.267  1.00 15.39 ? 57  TYR A CA  1 
ATOM   423  C C   . TYR A 1 57  ? 9.637   -5.840  -6.083  1.00 16.69 ? 57  TYR A C   1 
ATOM   424  O O   . TYR A 1 57  ? 9.556   -5.819  -7.312  1.00 17.84 ? 57  TYR A O   1 
ATOM   425  C CB  . TYR A 1 57  ? 8.536   -8.109  -5.945  1.00 18.80 ? 57  TYR A CB  1 
ATOM   426  C CG  . TYR A 1 57  ? 7.604   -9.043  -5.212  1.00 21.81 ? 57  TYR A CG  1 
ATOM   427  C CD1 . TYR A 1 57  ? 6.218   -8.917  -5.326  1.00 23.22 ? 57  TYR A CD1 1 
ATOM   428  C CD2 . TYR A 1 57  ? 8.108   -10.056 -4.403  1.00 24.10 ? 57  TYR A CD2 1 
ATOM   429  C CE1 . TYR A 1 57  ? 5.361   -9.774  -4.648  1.00 26.58 ? 57  TYR A CE1 1 
ATOM   430  C CE2 . TYR A 1 57  ? 7.263   -10.915 -3.721  1.00 28.20 ? 57  TYR A CE2 1 
ATOM   431  C CZ  . TYR A 1 57  ? 5.892   -10.769 -3.848  1.00 31.62 ? 57  TYR A CZ  1 
ATOM   432  O OH  . TYR A 1 57  ? 5.054   -11.628 -3.170  1.00 35.56 ? 57  TYR A OH  1 
ATOM   433  N N   . PHE A 1 58  ? 10.452  -5.035  -5.394  1.00 15.89 ? 58  PHE A N   1 
ATOM   434  C CA  . PHE A 1 58  ? 11.189  -3.968  -6.067  1.00 15.52 ? 58  PHE A CA  1 
ATOM   435  C C   . PHE A 1 58  ? 12.051  -4.545  -7.184  1.00 16.88 ? 58  PHE A C   1 
ATOM   436  O O   . PHE A 1 58  ? 12.747  -5.549  -6.996  1.00 19.01 ? 58  PHE A O   1 
ATOM   437  C CB  . PHE A 1 58  ? 12.063  -3.202  -5.071  1.00 15.07 ? 58  PHE A CB  1 
ATOM   438  C CG  . PHE A 1 58  ? 11.296  -2.258  -4.176  1.00 12.76 ? 58  PHE A CG  1 
ATOM   439  C CD1 . PHE A 1 58  ? 10.742  -1.088  -4.686  1.00 14.83 ? 58  PHE A CD1 1 
ATOM   440  C CD2 . PHE A 1 58  ? 11.159  -2.524  -2.823  1.00 14.08 ? 58  PHE A CD2 1 
ATOM   441  C CE1 . PHE A 1 58  ? 10.051  -0.216  -3.860  1.00 15.49 ? 58  PHE A CE1 1 
ATOM   442  C CE2 . PHE A 1 58  ? 10.464  -1.656  -1.992  1.00 14.45 ? 58  PHE A CE2 1 
ATOM   443  C CZ  . PHE A 1 58  ? 9.913   -0.501  -2.513  1.00 14.24 ? 58  PHE A CZ  1 
ATOM   444  N N   . GLY A 1 59  ? 11.995  -3.904  -8.351  1.00 20.36 ? 59  GLY A N   1 
ATOM   445  C CA  . GLY A 1 59  ? 12.704  -4.366  -9.527  1.00 20.73 ? 59  GLY A CA  1 
ATOM   446  C C   . GLY A 1 59  ? 12.013  -5.465  -10.299 1.00 25.39 ? 59  GLY A C   1 
ATOM   447  O O   . GLY A 1 59  ? 12.553  -5.917  -11.317 1.00 27.06 ? 59  GLY A O   1 
ATOM   448  N N   . ASN A 1 60  ? 10.832  -5.904  -9.868  1.00 21.59 ? 60  ASN A N   1 
ATOM   449  C CA  . ASN A 1 60  ? 10.228  -7.108  -10.419 1.00 19.42 ? 60  ASN A CA  1 
ATOM   450  C C   . ASN A 1 60  ? 8.759   -6.899  -10.779 1.00 24.61 ? 60  ASN A C   1 
ATOM   451  O O   . ASN A 1 60  ? 8.416   -6.799  -11.962 1.00 23.72 ? 60  ASN A O   1 
ATOM   452  C CB  . ASN A 1 60  ? 10.386  -8.255  -9.418  1.00 22.76 ? 60  ASN A CB  1 
ATOM   453  C CG  . ASN A 1 60  ? 9.826   -9.570  -9.923  1.00 26.97 ? 60  ASN A CG  1 
ATOM   454  O OD1 . ASN A 1 60  ? 9.342   -9.668  -11.051 1.00 27.83 ? 60  ASN A OD1 1 
ATOM   455  N ND2 . ASN A 1 60  ? 9.894   -10.597 -9.080  1.00 28.27 ? 60  ASN A ND2 1 
ATOM   456  N N   . ARG A 1 61  ? 7.878   -6.847  -9.780  1.00 21.48 ? 61  ARG A N   1 
ATOM   457  C CA  . ARG A 1 61  ? 6.447   -6.832  -10.058 1.00 18.11 ? 61  ARG A CA  1 
ATOM   458  C C   . ARG A 1 61  ? 5.704   -6.351  -8.823  1.00 18.66 ? 61  ARG A C   1 
ATOM   459  O O   . ARG A 1 61  ? 6.282   -6.190  -7.748  1.00 17.67 ? 61  ARG A O   1 
ATOM   460  C CB  . ARG A 1 61  ? 5.951   -8.219  -10.472 1.00 23.63 ? 61  ARG A CB  1 
ATOM   461  C CG  . ARG A 1 61  ? 5.828   -9.183  -9.310  1.00 24.68 ? 61  ARG A CG  1 
ATOM   462  C CD  . ARG A 1 61  ? 5.964   -10.624 -9.763  1.00 32.85 ? 61  ARG A CD  1 
ATOM   463  N NE  . ARG A 1 61  ? 6.240   -11.515 -8.639  1.00 38.12 ? 61  ARG A NE  1 
ATOM   464  C CZ  . ARG A 1 61  ? 5.330   -12.291 -8.058  1.00 39.18 ? 61  ARG A CZ  1 
ATOM   465  N NH1 . ARG A 1 61  ? 4.077   -12.286 -8.495  1.00 37.19 ? 61  ARG A NH1 1 
ATOM   466  N NH2 . ARG A 1 61  ? 5.674   -13.075 -7.041  1.00 39.18 ? 61  ARG A NH2 1 
ATOM   467  N N   . VAL A 1 62  ? 4.399   -6.134  -8.994  1.00 17.91 ? 62  VAL A N   1 
ATOM   468  C CA  . VAL A 1 62  ? 3.514   -5.729  -7.911  1.00 15.69 ? 62  VAL A CA  1 
ATOM   469  C C   . VAL A 1 62  ? 2.359   -6.716  -7.846  1.00 17.39 ? 62  VAL A C   1 
ATOM   470  O O   . VAL A 1 62  ? 1.863   -7.178  -8.880  1.00 18.46 ? 62  VAL A O   1 
ATOM   471  C CB  . VAL A 1 62  ? 3.004   -4.285  -8.110  1.00 16.80 ? 62  VAL A CB  1 
ATOM   472  C CG1 . VAL A 1 62  ? 1.801   -3.976  -7.216  1.00 20.09 ? 62  VAL A CG1 1 
ATOM   473  C CG2 . VAL A 1 62  ? 4.140   -3.303  -7.862  1.00 18.33 ? 62  VAL A CG2 1 
ATOM   474  N N   . VAL A 1 63  ? 1.953   -7.064  -6.629  1.00 14.68 ? 63  VAL A N   1 
ATOM   475  C CA  . VAL A 1 63  ? 0.806   -7.926  -6.386  1.00 14.55 ? 63  VAL A CA  1 
ATOM   476  C C   . VAL A 1 63  ? -0.191  -7.165  -5.525  1.00 14.45 ? 63  VAL A C   1 
ATOM   477  O O   . VAL A 1 63  ? 0.198   -6.498  -4.559  1.00 14.97 ? 63  VAL A O   1 
ATOM   478  C CB  . VAL A 1 63  ? 1.246   -9.238  -5.704  1.00 20.35 ? 63  VAL A CB  1 
ATOM   479  C CG1 . VAL A 1 63  ? 0.054   -9.989  -5.153  1.00 24.03 ? 63  VAL A CG1 1 
ATOM   480  C CG2 . VAL A 1 63  ? 2.029   -10.103 -6.690  1.00 21.64 ? 63  VAL A CG2 1 
ATOM   481  N N   . MET A 1 64  ? -1.478  -7.244  -5.887  1.00 15.95 ? 64  MET A N   1 
ATOM   482  C CA  . MET A 1 64  ? -2.544  -6.667  -5.083  1.00 14.11 ? 64  MET A CA  1 
ATOM   483  C C   . MET A 1 64  ? -3.627  -7.708  -4.834  1.00 15.76 ? 64  MET A C   1 
ATOM   484  O O   . MET A 1 64  ? -3.866  -8.584  -5.665  1.00 16.67 ? 64  MET A O   1 
ATOM   485  C CB  . MET A 1 64  ? -3.151  -5.425  -5.756  1.00 13.68 ? 64  MET A CB  1 
ATOM   486  C CG  . MET A 1 64  ? -2.151  -4.291  -5.873  1.00 14.59 ? 64  MET A CG  1 
ATOM   487  S SD  . MET A 1 64  ? -2.726  -2.940  -6.905  1.00 16.99 ? 64  MET A SD  1 
ATOM   488  C CE  . MET A 1 64  ? -2.577  -3.668  -8.528  1.00 18.81 ? 64  MET A CE  1 
ATOM   489  N N   . ASN A 1 65  ? -4.281  -7.614  -3.678  1.00 14.59 ? 65  ASN A N   1 
ATOM   490  C CA  . ASN A 1 65  ? -5.329  -8.570  -3.318  1.00 14.72 ? 65  ASN A CA  1 
ATOM   491  C C   . ASN A 1 65  ? -6.122  -7.990  -2.154  1.00 14.88 ? 65  ASN A C   1 
ATOM   492  O O   . ASN A 1 65  ? -5.831  -6.902  -1.654  1.00 14.04 ? 65  ASN A O   1 
ATOM   493  C CB  . ASN A 1 65  ? -4.731  -9.937  -2.948  1.00 13.44 ? 65  ASN A CB  1 
ATOM   494  C CG  . ASN A 1 65  ? -5.689  -11.102 -3.200  1.00 14.86 ? 65  ASN A CG  1 
ATOM   495  O OD1 . ASN A 1 65  ? -6.896  -10.924 -3.331  1.00 16.77 ? 65  ASN A OD1 1 
ATOM   496  N ND2 . ASN A 1 65  ? -5.136  -12.312 -3.272  1.00 16.74 ? 65  ASN A ND2 1 
ATOM   497  N N   . SER A 1 66  ? -7.124  -8.741  -1.721  1.00 13.26 ? 66  SER A N   1 
ATOM   498  C CA  . SER A 1 66  ? -7.851  -8.454  -0.502  1.00 12.78 ? 66  SER A CA  1 
ATOM   499  C C   . SER A 1 66  ? -7.946  -9.743  0.304   1.00 14.59 ? 66  SER A C   1 
ATOM   500  O O   . SER A 1 66  ? -7.825  -10.846 -0.235  1.00 15.84 ? 66  SER A O   1 
ATOM   501  C CB  . SER A 1 66  ? -9.249  -7.900  -0.819  1.00 15.73 ? 66  SER A CB  1 
ATOM   502  O OG  . SER A 1 66  ? -9.973  -8.870  -1.566  1.00 14.73 ? 66  SER A OG  1 
ATOM   503  N N   . ARG A 1 67  ? -8.132  -9.591  1.608   1.00 14.13 ? 67  ARG A N   1 
ATOM   504  C CA  . ARG A 1 67  ? -8.343  -10.720 2.508   1.00 13.52 ? 67  ARG A CA  1 
ATOM   505  C C   . ARG A 1 67  ? -9.687  -10.497 3.185   1.00 13.54 ? 67  ARG A C   1 
ATOM   506  O O   . ARG A 1 67  ? -9.857  -9.530  3.934   1.00 13.19 ? 67  ARG A O   1 
ATOM   507  C CB  . ARG A 1 67  ? -7.206  -10.863 3.525   1.00 12.86 ? 67  ARG A CB  1 
ATOM   508  C CG  . ARG A 1 67  ? -7.353  -12.098 4.416   1.00 13.62 ? 67  ARG A CG  1 
ATOM   509  C CD  . ARG A 1 67  ? -6.097  -12.370 5.242   1.00 13.03 ? 67  ARG A CD  1 
ATOM   510  N NE  . ARG A 1 67  ? -5.920  -11.391 6.311   1.00 13.25 ? 67  ARG A NE  1 
ATOM   511  C CZ  . ARG A 1 67  ? -4.761  -11.145 6.908   1.00 13.26 ? 67  ARG A CZ  1 
ATOM   512  N NH1 . ARG A 1 67  ? -3.674  -11.818 6.536   1.00 13.85 ? 67  ARG A NH1 1 
ATOM   513  N NH2 . ARG A 1 67  ? -4.690  -10.231 7.874   1.00 13.18 ? 67  ARG A NH2 1 
ATOM   514  N N   . GLU A 1 68  ? -10.650 -11.368 2.890   1.00 14.00 ? 68  GLU A N   1 
ATOM   515  C CA  . GLU A 1 68  ? -12.038 -11.185 3.305   1.00 16.13 ? 68  GLU A CA  1 
ATOM   516  C C   . GLU A 1 68  ? -12.459 -12.406 4.104   1.00 17.35 ? 68  GLU A C   1 
ATOM   517  O O   . GLU A 1 68  ? -12.333 -13.536 3.619   1.00 16.38 ? 68  GLU A O   1 
ATOM   518  C CB  . GLU A 1 68  ? -12.947 -10.988 2.094   1.00 16.69 ? 68  GLU A CB  1 
ATOM   519  C CG  . GLU A 1 68  ? -12.582 -9.766  1.249   1.00 19.24 ? 68  GLU A CG  1 
ATOM   520  C CD  . GLU A 1 68  ? -13.287 -9.733  -0.095  1.00 21.72 ? 68  GLU A CD  1 
ATOM   521  O OE1 . GLU A 1 68  ? -12.660 -9.282  -1.077  1.00 19.46 ? 68  GLU A OE1 1 
ATOM   522  O OE2 . GLU A 1 68  ? -14.471 -10.148 -0.178  1.00 23.82 ? 68  GLU A OE2 1 
ATOM   523  N N   . PHE A 1 69  ? -12.930 -12.170 5.331   1.00 16.41 ? 69  PHE A N   1 
ATOM   524  C CA  . PHE A 1 69  ? -13.291 -13.234 6.272   1.00 16.94 ? 69  PHE A CA  1 
ATOM   525  C C   . PHE A 1 69  ? -12.166 -14.258 6.395   1.00 22.31 ? 69  PHE A C   1 
ATOM   526  O O   . PHE A 1 69  ? -12.386 -15.473 6.414   1.00 19.18 ? 69  PHE A O   1 
ATOM   527  C CB  . PHE A 1 69  ? -14.622 -13.867 5.873   1.00 22.71 ? 69  PHE A CB  1 
ATOM   528  C CG  . PHE A 1 69  ? -15.751 -12.883 5.884   1.00 22.86 ? 69  PHE A CG  1 
ATOM   529  C CD1 . PHE A 1 69  ? -16.402 -12.561 7.064   1.00 23.69 ? 69  PHE A CD1 1 
ATOM   530  C CD2 . PHE A 1 69  ? -16.098 -12.208 4.728   1.00 23.75 ? 69  PHE A CD2 1 
ATOM   531  C CE1 . PHE A 1 69  ? -17.426 -11.634 7.074   1.00 25.56 ? 69  PHE A CE1 1 
ATOM   532  C CE2 . PHE A 1 69  ? -17.124 -11.265 4.734   1.00 23.91 ? 69  PHE A CE2 1 
ATOM   533  C CZ  . PHE A 1 69  ? -17.786 -10.981 5.911   1.00 23.62 ? 69  PHE A CZ  1 
ATOM   534  N N   . LYS A 1 70  ? -10.940 -13.740 6.481   1.00 16.48 ? 70  LYS A N   1 
ATOM   535  C CA  . LYS A 1 70  ? -9.697  -14.461 6.727   1.00 15.97 ? 70  LYS A CA  1 
ATOM   536  C C   . LYS A 1 70  ? -9.186  -15.217 5.506   1.00 17.52 ? 70  LYS A C   1 
ATOM   537  O O   . LYS A 1 70  ? -8.243  -16.000 5.654   1.00 19.82 ? 70  LYS A O   1 
ATOM   538  C CB  . LYS A 1 70  ? -9.819  -15.426 7.913   1.00 19.56 ? 70  LYS A CB  1 
ATOM   539  C CG  . LYS A 1 70  ? -10.315 -14.756 9.178   1.00 23.78 ? 70  LYS A CG  1 
ATOM   540  C CD  . LYS A 1 70  ? -10.236 -15.681 10.383  1.00 30.56 ? 70  LYS A CD  1 
ATOM   541  C CE  . LYS A 1 70  ? -10.785 -14.979 11.618  1.00 36.30 ? 70  LYS A CE  1 
ATOM   542  N NZ  . LYS A 1 70  ? -10.355 -13.544 11.664  1.00 44.38 ? 70  LYS A NZ  1 
ATOM   543  N N   . ILE A 1 71  ? -9.726  -14.975 4.309   1.00 17.07 ? 71  ILE A N   1 
ATOM   544  C CA  . ILE A 1 71  ? -9.367  -15.708 3.095   1.00 16.81 ? 71  ILE A CA  1 
ATOM   545  C C   . ILE A 1 71  ? -8.848  -14.726 2.052   1.00 16.81 ? 71  ILE A C   1 
ATOM   546  O O   . ILE A 1 71  ? -9.536  -13.749 1.727   1.00 15.96 ? 71  ILE A O   1 
ATOM   547  C CB  . ILE A 1 71  ? -10.580 -16.470 2.524   1.00 20.35 ? 71  ILE A CB  1 
ATOM   548  C CG1 . ILE A 1 71  ? -11.226 -17.365 3.592   1.00 22.07 ? 71  ILE A CG1 1 
ATOM   549  C CG2 . ILE A 1 71  ? -10.198 -17.223 1.246   1.00 20.03 ? 71  ILE A CG2 1 
ATOM   550  C CD1 . ILE A 1 71  ? -10.339 -18.479 4.099   1.00 26.25 ? 71  ILE A CD1 1 
ATOM   551  N N   . TRP A 1 72  ? -7.674  -15.018 1.486   1.00 16.85 ? 72  TRP A N   1 
ATOM   552  C CA  . TRP A 1 72  ? -7.160  -14.224 0.376   1.00 15.90 ? 72  TRP A CA  1 
ATOM   553  C C   . TRP A 1 72  ? -7.996  -14.463 -0.880  1.00 18.54 ? 72  TRP A C   1 
ATOM   554  O O   . TRP A 1 72  ? -8.365  -15.598 -1.199  1.00 19.71 ? 72  TRP A O   1 
ATOM   555  C CB  . TRP A 1 72  ? -5.688  -14.563 0.113   1.00 14.17 ? 72  TRP A CB  1 
ATOM   556  C CG  . TRP A 1 72  ? -4.791  -13.950 1.138   1.00 15.59 ? 72  TRP A CG  1 
ATOM   557  C CD1 . TRP A 1 72  ? -4.159  -14.594 2.165   1.00 17.39 ? 72  TRP A CD1 1 
ATOM   558  C CD2 . TRP A 1 72  ? -4.454  -12.564 1.266   1.00 15.26 ? 72  TRP A CD2 1 
ATOM   559  N NE1 . TRP A 1 72  ? -3.438  -13.697 2.916   1.00 17.15 ? 72  TRP A NE1 1 
ATOM   560  C CE2 . TRP A 1 72  ? -3.598  -12.446 2.385   1.00 17.33 ? 72  TRP A CE2 1 
ATOM   561  C CE3 . TRP A 1 72  ? -4.779  -11.414 0.538   1.00 16.36 ? 72  TRP A CE3 1 
ATOM   562  C CZ2 . TRP A 1 72  ? -3.066  -11.224 2.795   1.00 16.17 ? 72  TRP A CZ2 1 
ATOM   563  C CZ3 . TRP A 1 72  ? -4.255  -10.200 0.949   1.00 15.99 ? 72  TRP A CZ3 1 
ATOM   564  C CH2 . TRP A 1 72  ? -3.402  -10.117 2.066   1.00 15.35 ? 72  TRP A CH2 1 
ATOM   565  N N   . LYS A 1 73  ? -8.321  -13.379 -1.584  1.00 15.06 ? 73  LYS A N   1 
ATOM   566  C CA  . LYS A 1 73  ? -9.200  -13.492 -2.743  1.00 17.58 ? 73  LYS A CA  1 
ATOM   567  C C   . LYS A 1 73  ? -8.407  -13.498 -4.046  1.00 19.23 ? 73  LYS A C   1 
ATOM   568  O O   . LYS A 1 73  ? -7.330  -14.104 -4.105  1.00 20.07 ? 73  LYS A O   1 
ATOM   569  C CB  . LYS A 1 73  ? -10.243 -12.379 -2.702  1.00 18.53 ? 73  LYS A CB  1 
ATOM   570  C CG  . LYS A 1 73  ? -10.999 -12.331 -1.383  1.00 19.04 ? 73  LYS A CG  1 
ATOM   571  C CD  . LYS A 1 73  ? -11.727 -13.636 -1.069  1.00 23.90 ? 73  LYS A CD  1 
ATOM   572  C CE  . LYS A 1 73  ? -12.847 -13.903 -2.049  1.00 33.67 ? 73  LYS A CE  1 
ATOM   573  N NZ  . LYS A 1 73  ? -13.876 -14.827 -1.473  1.00 39.56 ? 73  LYS A NZ  1 
ATOM   574  N N   . GLU A 1 74  ? -8.919  -12.859 -5.102  1.00 19.94 ? 74  GLU A N   1 
ATOM   575  C CA  . GLU A 1 74  ? -8.295  -12.983 -6.417  1.00 20.64 ? 74  GLU A CA  1 
ATOM   576  C C   . GLU A 1 74  ? -7.077  -12.072 -6.527  1.00 19.55 ? 74  GLU A C   1 
ATOM   577  O O   . GLU A 1 74  ? -7.182  -10.849 -6.384  1.00 18.10 ? 74  GLU A O   1 
ATOM   578  C CB  . GLU A 1 74  ? -9.288  -12.674 -7.535  1.00 24.04 ? 74  GLU A CB  1 
ATOM   579  C CG  . GLU A 1 74  ? -8.746  -13.049 -8.909  1.00 27.72 ? 74  GLU A CG  1 
ATOM   580  C CD  . GLU A 1 74  ? -9.510  -12.408 -10.055 1.00 39.79 ? 74  GLU A CD  1 
ATOM   581  O OE1 . GLU A 1 74  ? -10.611 -11.864 -9.824  1.00 41.66 ? 74  GLU A OE1 1 
ATOM   582  O OE2 . GLU A 1 74  ? -9.000  -12.449 -11.195 1.00 41.86 ? 74  GLU A OE2 1 
ATOM   583  N N   . GLU A 1 75  ? -5.927  -12.673 -6.800  1.00 19.56 ? 75  GLU A N   1 
ATOM   584  C CA  . GLU A 1 75  ? -4.697  -11.914 -6.943  1.00 19.44 ? 75  GLU A CA  1 
ATOM   585  C C   . GLU A 1 75  ? -4.690  -11.130 -8.250  1.00 23.11 ? 75  GLU A C   1 
ATOM   586  O O   . GLU A 1 75  ? -5.123  -11.625 -9.296  1.00 28.21 ? 75  GLU A O   1 
ATOM   587  C CB  . GLU A 1 75  ? -3.498  -12.863 -6.886  1.00 22.34 ? 75  GLU A CB  1 
ATOM   588  C CG  . GLU A 1 75  ? -2.175  -12.178 -6.662  1.00 23.32 ? 75  GLU A CG  1 
ATOM   589  C CD  . GLU A 1 75  ? -1.059  -13.160 -6.323  1.00 26.79 ? 75  GLU A CD  1 
ATOM   590  O OE1 . GLU A 1 75  ? -0.316  -13.565 -7.246  1.00 29.78 ? 75  GLU A OE1 1 
ATOM   591  O OE2 . GLU A 1 75  ? -0.930  -13.537 -5.136  1.00 29.83 ? 75  GLU A OE2 1 
ATOM   592  N N   . VAL A 1 76  ? -4.208  -9.894  -8.178  1.00 19.32 ? 76  VAL A N   1 
ATOM   593  C CA  . VAL A 1 76  ? -3.979  -9.037  -9.333  1.00 20.98 ? 76  VAL A CA  1 
ATOM   594  C C   . VAL A 1 76  ? -2.487  -8.740  -9.393  1.00 23.88 ? 76  VAL A C   1 
ATOM   595  O O   . VAL A 1 76  ? -1.885  -8.388  -8.373  1.00 26.12 ? 76  VAL A O   1 
ATOM   596  C CB  . VAL A 1 76  ? -4.787  -7.730  -9.231  1.00 21.16 ? 76  VAL A CB  1 
ATOM   597  C CG1 . VAL A 1 76  ? -4.455  -6.789  -10.377 1.00 29.96 ? 76  VAL A CG1 1 
ATOM   598  C CG2 . VAL A 1 76  ? -6.276  -8.034  -9.182  1.00 29.97 ? 76  VAL A CG2 1 
ATOM   599  N N   . GLU A 1 77  ? -1.887  -8.889  -10.572 1.00 21.83 ? 77  GLU A N   1 
ATOM   600  C CA  . GLU A 1 77  ? -0.470  -8.610  -10.750 1.00 22.01 ? 77  GLU A CA  1 
ATOM   601  C C   . GLU A 1 77  ? -0.272  -7.449  -11.715 1.00 24.09 ? 77  GLU A C   1 
ATOM   602  O O   . GLU A 1 77  ? -1.076  -7.233  -12.629 1.00 22.47 ? 77  GLU A O   1 
ATOM   603  C CB  . GLU A 1 77  ? 0.280   -9.854  -11.264 1.00 28.16 ? 77  GLU A CB  1 
ATOM   604  C CG  . GLU A 1 77  ? 1.798   -9.750  -11.189 1.00 32.17 ? 77  GLU A CG  1 
ATOM   605  C CD  . GLU A 1 77  ? 2.500   -10.732 -12.110 1.00 40.85 ? 77  GLU A CD  1 
ATOM   606  O OE1 . GLU A 1 77  ? 1.959   -11.837 -12.331 1.00 48.53 ? 77  GLU A OE1 1 
ATOM   607  O OE2 . GLU A 1 77  ? 3.589   -10.392 -12.620 1.00 43.60 ? 77  GLU A OE2 1 
ATOM   608  N N   . SER A 1 78  ? 0.804   -6.692  -11.497 1.00 19.89 ? 78  SER A N   1 
ATOM   609  C CA  . SER A 1 78  ? 1.218   -5.666  -12.443 1.00 19.58 ? 78  SER A CA  1 
ATOM   610  C C   . SER A 1 78  ? 2.725   -5.742  -12.634 1.00 21.45 ? 78  SER A C   1 
ATOM   611  O O   . SER A 1 78  ? 3.477   -5.965  -11.677 1.00 20.78 ? 78  SER A O   1 
ATOM   612  C CB  . SER A 1 78  ? 0.829   -4.259  -11.980 1.00 21.93 ? 78  SER A CB  1 
ATOM   613  O OG  . SER A 1 78  ? 1.492   -3.263  -12.750 1.00 19.67 ? 78  SER A OG  1 
ATOM   614  N N   . LYS A 1 79  ? 3.168   -5.557  -13.874 1.00 20.56 ? 79  LYS A N   1 
ATOM   615  C CA  . LYS A 1 79  ? 4.589   -5.486  -14.152 1.00 22.49 ? 79  LYS A CA  1 
ATOM   616  C C   . LYS A 1 79  ? 5.096   -4.056  -14.245 1.00 21.73 ? 79  LYS A C   1 
ATOM   617  O O   . LYS A 1 79  ? 6.283   -3.855  -14.503 1.00 24.12 ? 79  LYS A O   1 
ATOM   618  C CB  . LYS A 1 79  ? 4.915   -6.253  -15.437 1.00 24.22 ? 79  LYS A CB  1 
ATOM   619  C CG  . LYS A 1 79  ? 4.458   -7.702  -15.403 1.00 32.17 ? 79  LYS A CG  1 
ATOM   620  C CD  . LYS A 1 79  ? 5.056   -8.512  -16.549 1.00 41.64 ? 79  LYS A CD  1 
ATOM   621  C CE  . LYS A 1 79  ? 5.442   -9.914  -16.096 1.00 44.48 ? 79  LYS A CE  1 
ATOM   622  N NZ  . LYS A 1 79  ? 5.980   -9.918  -14.702 1.00 46.72 ? 79  LYS A NZ  1 
ATOM   623  N N   . ASN A 1 80  ? 4.228   -3.061  -14.040 1.00 20.25 ? 80  ASN A N   1 
ATOM   624  C CA  . ASN A 1 80  ? 4.696   -1.686  -13.931 1.00 17.71 ? 80  ASN A CA  1 
ATOM   625  C C   . ASN A 1 80  ? 5.692   -1.575  -12.785 1.00 21.71 ? 80  ASN A C   1 
ATOM   626  O O   . ASN A 1 80  ? 5.445   -2.067  -11.676 1.00 19.70 ? 80  ASN A O   1 
ATOM   627  C CB  . ASN A 1 80  ? 3.520   -0.726  -13.698 1.00 18.56 ? 80  ASN A CB  1 
ATOM   628  C CG  . ASN A 1 80  ? 2.653   -0.537  -14.934 1.00 26.67 ? 80  ASN A CG  1 
ATOM   629  O OD1 . ASN A 1 80  ? 2.989   -0.985  -16.030 1.00 25.85 ? 80  ASN A OD1 1 
ATOM   630  N ND2 . ASN A 1 80  ? 1.526   0.142   -14.758 1.00 22.34 ? 80  ASN A ND2 1 
ATOM   631  N N   . MET A 1 81  ? 6.832   -0.949  -13.051 1.00 22.38 ? 81  MET A N   1 
ATOM   632  C CA  . MET A 1 81  ? 7.913   -0.849  -12.072 1.00 19.66 ? 81  MET A CA  1 
ATOM   633  C C   . MET A 1 81  ? 8.574   0.514   -12.198 1.00 22.77 ? 81  MET A C   1 
ATOM   634  O O   . MET A 1 81  ? 9.688   0.643   -12.720 1.00 25.53 ? 81  MET A O   1 
ATOM   635  C CB  . MET A 1 81  ? 8.919   -1.988  -12.265 1.00 22.03 ? 81  MET A CB  1 
ATOM   636  C CG  . MET A 1 81  ? 9.973   -2.115  -11.163 1.00 24.13 ? 81  MET A CG  1 
ATOM   637  S SD  . MET A 1 81  ? 9.345   -1.961  -9.471  1.00 21.04 ? 81  MET A SD  1 
ATOM   638  C CE  . MET A 1 81  ? 8.146   -3.298  -9.420  1.00 20.92 ? 81  MET A CE  1 
ATOM   639  N N   . PRO A 1 82  ? 7.905   1.570   -11.729 1.00 20.41 ? 82  PRO A N   1 
ATOM   640  C CA  . PRO A 1 82  ? 8.499   2.907   -11.807 1.00 19.95 ? 82  PRO A CA  1 
ATOM   641  C C   . PRO A 1 82  ? 9.529   3.174   -10.734 1.00 24.66 ? 82  PRO A C   1 
ATOM   642  O O   . PRO A 1 82  ? 10.257  4.169   -10.831 1.00 25.72 ? 82  PRO A O   1 
ATOM   643  C CB  . PRO A 1 82  ? 7.287   3.830   -11.639 1.00 21.41 ? 82  PRO A CB  1 
ATOM   644  C CG  . PRO A 1 82  ? 6.384   3.045   -10.745 1.00 18.90 ? 82  PRO A CG  1 
ATOM   645  C CD  . PRO A 1 82  ? 6.530   1.616   -11.189 1.00 19.59 ? 82  PRO A CD  1 
ATOM   646  N N   . PHE A 1 83  ? 9.610   2.316   -9.721  1.00 22.76 ? 83  PHE A N   1 
ATOM   647  C CA  . PHE A 1 83  ? 10.538  2.524   -8.625  1.00 21.25 ? 83  PHE A CA  1 
ATOM   648  C C   . PHE A 1 83  ? 11.974  2.414   -9.119  1.00 22.90 ? 83  PHE A C   1 
ATOM   649  O O   . PHE A 1 83  ? 12.279  1.639   -10.024 1.00 22.46 ? 83  PHE A O   1 
ATOM   650  C CB  . PHE A 1 83  ? 10.282  1.500   -7.523  1.00 19.53 ? 83  PHE A CB  1 
ATOM   651  C CG  . PHE A 1 83  ? 8.895   1.572   -6.945  1.00 17.92 ? 83  PHE A CG  1 
ATOM   652  C CD1 . PHE A 1 83  ? 8.590   2.500   -5.962  1.00 20.20 ? 83  PHE A CD1 1 
ATOM   653  C CD2 . PHE A 1 83  ? 7.900   0.714   -7.385  1.00 18.75 ? 83  PHE A CD2 1 
ATOM   654  C CE1 . PHE A 1 83  ? 7.319   2.577   -5.425  1.00 20.16 ? 83  PHE A CE1 1 
ATOM   655  C CE2 . PHE A 1 83  ? 6.621   0.784   -6.844  1.00 19.22 ? 83  PHE A CE2 1 
ATOM   656  C CZ  . PHE A 1 83  ? 6.337   1.715   -5.864  1.00 18.40 ? 83  PHE A CZ  1 
ATOM   657  N N   . GLN A 1 84  ? 12.853  3.210   -8.519  1.00 20.27 ? 84  GLN A N   1 
ATOM   658  C CA  . GLN A 1 84  ? 14.233  3.347   -8.970  1.00 25.12 ? 84  GLN A CA  1 
ATOM   659  C C   . GLN A 1 84  ? 15.185  2.791   -7.918  1.00 21.51 ? 84  GLN A C   1 
ATOM   660  O O   . GLN A 1 84  ? 15.064  3.118   -6.733  1.00 21.27 ? 84  GLN A O   1 
ATOM   661  C CB  . GLN A 1 84  ? 14.554  4.815   -9.257  1.00 26.52 ? 84  GLN A CB  1 
ATOM   662  C CG  . GLN A 1 84  ? 13.766  5.412   -10.423 1.00 29.46 ? 84  GLN A CG  1 
ATOM   663  C CD  . GLN A 1 84  ? 14.019  4.683   -11.733 1.00 41.11 ? 84  GLN A CD  1 
ATOM   664  O OE1 . GLN A 1 84  ? 13.337  3.709   -12.063 1.00 46.35 ? 84  GLN A OE1 1 
ATOM   665  N NE2 . GLN A 1 84  ? 15.018  5.143   -12.480 1.00 46.46 ? 84  GLN A NE2 1 
ATOM   666  N N   . ASP A 1 85  ? 16.140  1.967   -8.360  1.00 20.91 ? 85  ASP A N   1 
ATOM   667  C CA  . ASP A 1 85  ? 17.081  1.324   -7.452  1.00 20.85 ? 85  ASP A CA  1 
ATOM   668  C C   . ASP A 1 85  ? 17.800  2.350   -6.582  1.00 23.52 ? 85  ASP A C   1 
ATOM   669  O O   . ASP A 1 85  ? 18.335  3.348   -7.080  1.00 24.93 ? 85  ASP A O   1 
ATOM   670  C CB  . ASP A 1 85  ? 18.089  0.511   -8.268  1.00 21.15 ? 85  ASP A CB  1 
ATOM   671  C CG  . ASP A 1 85  ? 18.956  -0.411  -7.415  1.00 23.22 ? 85  ASP A CG  1 
ATOM   672  O OD1 . ASP A 1 85  ? 18.733  -0.540  -6.192  1.00 22.39 ? 85  ASP A OD1 1 
ATOM   673  O OD2 . ASP A 1 85  ? 19.883  -1.024  -7.990  1.00 28.46 ? 85  ASP A OD2 1 
ATOM   674  N N   . GLY A 1 86  ? 17.805  2.099   -5.273  1.00 24.00 ? 86  GLY A N   1 
ATOM   675  C CA  . GLY A 1 86  ? 18.501  2.920   -4.304  1.00 23.60 ? 86  GLY A CA  1 
ATOM   676  C C   . GLY A 1 86  ? 17.843  4.237   -3.948  1.00 26.03 ? 86  GLY A C   1 
ATOM   677  O O   . GLY A 1 86  ? 18.397  4.979   -3.126  1.00 28.37 ? 86  GLY A O   1 
ATOM   678  N N   . GLN A 1 87  ? 16.680  4.544   -4.511  1.00 25.74 ? 87  GLN A N   1 
ATOM   679  C CA  . GLN A 1 87  ? 16.095  5.873   -4.411  1.00 25.81 ? 87  GLN A CA  1 
ATOM   680  C C   . GLN A 1 87  ? 14.978  5.929   -3.375  1.00 27.18 ? 87  GLN A C   1 
ATOM   681  O O   . GLN A 1 87  ? 14.264  4.952   -3.141  1.00 24.79 ? 87  GLN A O   1 
ATOM   682  C CB  . GLN A 1 87  ? 15.543  6.325   -5.766  1.00 24.99 ? 87  GLN A CB  1 
ATOM   683  C CG  . GLN A 1 87  ? 16.589  6.441   -6.862  1.00 29.87 ? 87  GLN A CG  1 
ATOM   684  C CD  . GLN A 1 87  ? 17.882  7.053   -6.367  1.00 36.63 ? 87  GLN A CD  1 
ATOM   685  O OE1 . GLN A 1 87  ? 17.952  8.253   -6.099  1.00 39.45 ? 87  GLN A OE1 1 
ATOM   686  N NE2 . GLN A 1 87  ? 18.923  6.227   -6.250  1.00 37.87 ? 87  GLN A NE2 1 
ATOM   687  N N   . GLU A 1 88  ? 14.832  7.100   -2.763  1.00 25.25 ? 88  GLU A N   1 
ATOM   688  C CA  . GLU A 1 88  ? 13.613  7.407   -2.031  1.00 23.68 ? 88  GLU A CA  1 
ATOM   689  C C   . GLU A 1 88  ? 12.431  7.413   -2.992  1.00 26.61 ? 88  GLU A C   1 
ATOM   690  O O   . GLU A 1 88  ? 12.540  7.866   -4.134  1.00 26.07 ? 88  GLU A O   1 
ATOM   691  C CB  . GLU A 1 88  ? 13.743  8.771   -1.354  1.00 28.33 ? 88  GLU A CB  1 
ATOM   692  C CG  . GLU A 1 88  ? 13.092  8.879   0.006   1.00 38.14 ? 88  GLU A CG  1 
ATOM   693  C CD  . GLU A 1 88  ? 13.652  10.038  0.817   1.00 44.68 ? 88  GLU A CD  1 
ATOM   694  O OE1 . GLU A 1 88  ? 14.229  10.966  0.210   1.00 47.79 ? 88  GLU A OE1 1 
ATOM   695  O OE2 . GLU A 1 88  ? 13.509  10.029  2.057   1.00 46.43 ? 88  GLU A OE2 1 
ATOM   696  N N   . PHE A 1 89  ? 11.290  6.909   -2.533  1.00 22.09 ? 89  PHE A N   1 
ATOM   697  C CA  . PHE A 1 89  ? 10.067  6.956   -3.316  1.00 25.13 ? 89  PHE A CA  1 
ATOM   698  C C   . PHE A 1 89  ? 9.000   7.669   -2.505  1.00 19.87 ? 89  PHE A C   1 
ATOM   699  O O   . PHE A 1 89  ? 9.043   7.672   -1.271  1.00 22.73 ? 89  PHE A O   1 
ATOM   700  C CB  . PHE A 1 89  ? 9.577   5.545   -3.702  1.00 24.29 ? 89  PHE A CB  1 
ATOM   701  C CG  . PHE A 1 89  ? 9.347   4.648   -2.524  1.00 24.84 ? 89  PHE A CG  1 
ATOM   702  C CD1 . PHE A 1 89  ? 8.138   4.671   -1.841  1.00 22.35 ? 89  PHE A CD1 1 
ATOM   703  C CD2 . PHE A 1 89  ? 10.332  3.783   -2.100  1.00 22.32 ? 89  PHE A CD2 1 
ATOM   704  C CE1 . PHE A 1 89  ? 7.931   3.856   -0.747  1.00 22.80 ? 89  PHE A CE1 1 
ATOM   705  C CE2 . PHE A 1 89  ? 10.134  2.969   -1.007  1.00 23.80 ? 89  PHE A CE2 1 
ATOM   706  C CZ  . PHE A 1 89  ? 8.929   2.998   -0.333  1.00 24.85 ? 89  PHE A CZ  1 
ATOM   707  N N   . GLU A 1 90  ? 8.055   8.286   -3.205  1.00 23.95 ? 90  GLU A N   1 
ATOM   708  C CA  . GLU A 1 90  ? 6.841   8.800   -2.590  1.00 22.46 ? 90  GLU A CA  1 
ATOM   709  C C   . GLU A 1 90  ? 5.653   8.091   -3.216  1.00 20.87 ? 90  GLU A C   1 
ATOM   710  O O   . GLU A 1 90  ? 5.396   8.226   -4.419  1.00 23.74 ? 90  GLU A O   1 
ATOM   711  C CB  . GLU A 1 90  ? 6.709   10.315  -2.752  1.00 26.81 ? 90  GLU A CB  1 
ATOM   712  C CG  . GLU A 1 90  ? 5.420   10.850  -2.142  1.00 30.07 ? 90  GLU A CG  1 
ATOM   713  C CD  . GLU A 1 90  ? 5.568   12.247  -1.563  1.00 36.92 ? 90  GLU A CD  1 
ATOM   714  O OE1 . GLU A 1 90  ? 4.857   13.158  -2.033  1.00 44.33 ? 90  GLU A OE1 1 
ATOM   715  O OE2 . GLU A 1 90  ? 6.385   12.429  -0.635  1.00 41.75 ? 90  GLU A OE2 1 
ATOM   716  N N   . LEU A 1 91  ? 4.944   7.329   -2.400  1.00 16.65 ? 91  LEU A N   1 
ATOM   717  C CA  . LEU A 1 91  ? 3.732   6.639   -2.793  1.00 20.35 ? 91  LEU A CA  1 
ATOM   718  C C   . LEU A 1 91  ? 2.562   7.511   -2.367  1.00 21.12 ? 91  LEU A C   1 
ATOM   719  O O   . LEU A 1 91  ? 2.555   8.031   -1.247  1.00 21.44 ? 91  LEU A O   1 
ATOM   720  C CB  . LEU A 1 91  ? 3.676   5.268   -2.110  1.00 25.43 ? 91  LEU A CB  1 
ATOM   721  C CG  . LEU A 1 91  ? 3.152   3.994   -2.760  1.00 32.10 ? 91  LEU A CG  1 
ATOM   722  C CD1 . LEU A 1 91  ? 3.948   3.643   -4.003  1.00 28.71 ? 91  LEU A CD1 1 
ATOM   723  C CD2 . LEU A 1 91  ? 3.225   2.866   -1.737  1.00 24.29 ? 91  LEU A CD2 1 
ATOM   724  N N   . SER A 1 92  ? 1.609   7.720   -3.274  1.00 16.02 ? 92  SER A N   1 
ATOM   725  C CA  . SER A 1 92  ? 0.356   8.403   -2.962  1.00 18.73 ? 92  SER A CA  1 
ATOM   726  C C   . SER A 1 92  ? -0.772  7.446   -3.311  1.00 22.30 ? 92  SER A C   1 
ATOM   727  O O   . SER A 1 92  ? -0.968  7.121   -4.486  1.00 23.13 ? 92  SER A O   1 
ATOM   728  C CB  . SER A 1 92  ? 0.210   9.705   -3.750  1.00 24.56 ? 92  SER A CB  1 
ATOM   729  O OG  . SER A 1 92  ? 1.166   10.668  -3.357  1.00 30.46 ? 92  SER A OG  1 
ATOM   730  N N   . ILE A 1 93  ? -1.518  6.992   -2.311  1.00 16.01 ? 93  ILE A N   1 
ATOM   731  C CA  . ILE A 1 93  ? -2.647  6.104   -2.556  1.00 13.83 ? 93  ILE A CA  1 
ATOM   732  C C   . ILE A 1 93  ? -3.910  6.946   -2.474  1.00 15.49 ? 93  ILE A C   1 
ATOM   733  O O   . ILE A 1 93  ? -4.279  7.432   -1.400  1.00 15.87 ? 93  ILE A O   1 
ATOM   734  C CB  . ILE A 1 93  ? -2.678  4.929   -1.575  1.00 14.64 ? 93  ILE A CB  1 
ATOM   735  C CG1 . ILE A 1 93  ? -1.346  4.161   -1.656  1.00 15.05 ? 93  ILE A CG1 1 
ATOM   736  C CG2 . ILE A 1 93  ? -3.876  4.017   -1.867  1.00 17.82 ? 93  ILE A CG2 1 
ATOM   737  C CD1 . ILE A 1 93  ? -1.170  3.156   -0.545  1.00 18.97 ? 93  ILE A CD1 1 
ATOM   738  N N   . LEU A 1 94  ? -4.549  7.137   -3.620  1.00 12.81 ? 94  LEU A N   1 
ATOM   739  C CA  . LEU A 1 94  ? -5.745  7.963   -3.728  1.00 13.92 ? 94  LEU A CA  1 
ATOM   740  C C   . LEU A 1 94  ? -6.978  7.087   -3.572  1.00 13.81 ? 94  LEU A C   1 
ATOM   741  O O   . LEU A 1 94  ? -7.102  6.055   -4.237  1.00 15.52 ? 94  LEU A O   1 
ATOM   742  C CB  . LEU A 1 94  ? -5.779  8.669   -5.084  1.00 16.01 ? 94  LEU A CB  1 
ATOM   743  C CG  . LEU A 1 94  ? -4.832  9.826   -5.394  1.00 21.96 ? 94  LEU A CG  1 
ATOM   744  C CD1 . LEU A 1 94  ? -3.366  9.421   -5.427  1.00 27.84 ? 94  LEU A CD1 1 
ATOM   745  C CD2 . LEU A 1 94  ? -5.248  10.465  -6.724  1.00 26.17 ? 94  LEU A CD2 1 
ATOM   746  N N   . VAL A 1 95  ? -7.889  7.494   -2.694  1.00 12.85 ? 95  VAL A N   1 
ATOM   747  C CA  . VAL A 1 95  ? -9.155  6.793   -2.530  1.00 13.76 ? 95  VAL A CA  1 
ATOM   748  C C   . VAL A 1 95  ? -10.158 7.469   -3.450  1.00 15.97 ? 95  VAL A C   1 
ATOM   749  O O   . VAL A 1 95  ? -10.558 8.606   -3.201  1.00 17.27 ? 95  VAL A O   1 
ATOM   750  C CB  . VAL A 1 95  ? -9.637  6.820   -1.076  1.00 13.73 ? 95  VAL A CB  1 
ATOM   751  C CG1 . VAL A 1 95  ? -10.956 6.051   -0.944  1.00 18.20 ? 95  VAL A CG1 1 
ATOM   752  C CG2 . VAL A 1 95  ? -8.555  6.248   -0.157  1.00 16.06 ? 95  VAL A CG2 1 
ATOM   753  N N   . LEU A 1 96  ? -10.532 6.789   -4.529  1.00 14.25 ? 96  LEU A N   1 
ATOM   754  C CA  . LEU A 1 96  ? -11.550 7.272   -5.451  1.00 15.92 ? 96  LEU A CA  1 
ATOM   755  C C   . LEU A 1 96  ? -12.859 6.537   -5.196  1.00 16.59 ? 96  LEU A C   1 
ATOM   756  O O   . LEU A 1 96  ? -12.925 5.571   -4.437  1.00 17.50 ? 96  LEU A O   1 
ATOM   757  C CB  . LEU A 1 96  ? -11.091 7.090   -6.901  1.00 15.13 ? 96  LEU A CB  1 
ATOM   758  C CG  . LEU A 1 96  ? -9.706  7.670   -7.215  1.00 18.36 ? 96  LEU A CG  1 
ATOM   759  C CD1 . LEU A 1 96  ? -9.309  7.400   -8.662  1.00 18.83 ? 96  LEU A CD1 1 
ATOM   760  C CD2 . LEU A 1 96  ? -9.656  9.168   -6.908  1.00 22.57 ? 96  LEU A CD2 1 
ATOM   761  N N   . GLU A 1 97  ? -13.925 7.013   -5.839  1.00 16.63 ? 97  GLU A N   1 
ATOM   762  C CA  . GLU A 1 97  ? -15.227 6.407   -5.602  1.00 21.63 ? 97  GLU A CA  1 
ATOM   763  C C   . GLU A 1 97  ? -15.225 4.928   -5.975  1.00 18.11 ? 97  GLU A C   1 
ATOM   764  O O   . GLU A 1 97  ? -15.822 4.101   -5.273  1.00 18.72 ? 97  GLU A O   1 
ATOM   765  C CB  . GLU A 1 97  ? -16.301 7.165   -6.386  1.00 21.66 ? 97  GLU A CB  1 
ATOM   766  C CG  . GLU A 1 97  ? -17.710 6.637   -6.170  1.00 36.56 ? 97  GLU A CG  1 
ATOM   767  C CD  . GLU A 1 97  ? -18.233 5.836   -7.358  1.00 43.36 ? 97  GLU A CD  1 
ATOM   768  O OE1 . GLU A 1 97  ? -19.449 5.532   -7.377  1.00 51.10 ? 97  GLU A OE1 1 
ATOM   769  O OE2 . GLU A 1 97  ? -17.436 5.513   -8.270  1.00 41.37 ? 97  GLU A OE2 1 
ATOM   770  N N   . ASP A 1 98  ? -14.525 4.570   -7.052  1.00 16.40 ? 98  ASP A N   1 
ATOM   771  C CA  . ASP A 1 98  ? -14.579 3.220   -7.589  1.00 15.72 ? 98  ASP A CA  1 
ATOM   772  C C   . ASP A 1 98  ? -13.373 2.366   -7.227  1.00 13.77 ? 98  ASP A C   1 
ATOM   773  O O   . ASP A 1 98  ? -13.456 1.135   -7.331  1.00 16.83 ? 98  ASP A O   1 
ATOM   774  C CB  . ASP A 1 98  ? -14.706 3.267   -9.120  1.00 17.15 ? 98  ASP A CB  1 
ATOM   775  C CG  . ASP A 1 98  ? -13.615 4.106   -9.776  1.00 17.86 ? 98  ASP A CG  1 
ATOM   776  O OD1 . ASP A 1 98  ? -13.272 5.189   -9.240  1.00 22.82 ? 98  ASP A OD1 1 
ATOM   777  O OD2 . ASP A 1 98  ? -13.111 3.689   -10.841 1.00 21.18 ? 98  ASP A OD2 1 
ATOM   778  N N   . LYS A 1 99  ? -12.277 2.972   -6.782  1.00 15.22 ? 99  LYS A N   1 
ATOM   779  C CA  . LYS A 1 99  ? -11.037 2.217   -6.692  1.00 14.51 ? 99  LYS A CA  1 
ATOM   780  C C   . LYS A 1 99  ? -10.024 2.959   -5.840  1.00 13.20 ? 99  LYS A C   1 
ATOM   781  O O   . LYS A 1 99  ? -10.164 4.153   -5.567  1.00 14.74 ? 99  LYS A O   1 
ATOM   782  C CB  . LYS A 1 99  ? -10.457 1.969   -8.086  1.00 15.47 ? 99  LYS A CB  1 
ATOM   783  C CG  . LYS A 1 99  ? -10.114 3.244   -8.845  1.00 16.35 ? 99  LYS A CG  1 
ATOM   784  C CD  . LYS A 1 99  ? -9.665  2.898   -10.261 1.00 19.52 ? 99  LYS A CD  1 
ATOM   785  C CE  . LYS A 1 99  ? -9.474  4.128   -11.123 1.00 17.41 ? 99  LYS A CE  1 
ATOM   786  N NZ  . LYS A 1 99  ? -10.645 4.335   -12.026 1.00 22.00 ? 99  LYS A NZ  1 
ATOM   787  N N   . TYR A 1 100 ? -8.985  2.225   -5.433  1.00 12.39 ? 100 TYR A N   1 
ATOM   788  C CA  . TYR A 1 100 ? -7.746  2.839   -4.989  1.00 13.00 ? 100 TYR A CA  1 
ATOM   789  C C   . TYR A 1 100 ? -6.853  3.036   -6.203  1.00 14.34 ? 100 TYR A C   1 
ATOM   790  O O   . TYR A 1 100 ? -6.772  2.163   -7.076  1.00 16.08 ? 100 TYR A O   1 
ATOM   791  C CB  . TYR A 1 100 ? -6.994  1.969   -3.978  1.00 12.73 ? 100 TYR A CB  1 
ATOM   792  C CG  . TYR A 1 100 ? -7.743  1.631   -2.720  1.00 11.02 ? 100 TYR A CG  1 
ATOM   793  C CD1 . TYR A 1 100 ? -7.764  2.505   -1.641  1.00 15.60 ? 100 TYR A CD1 1 
ATOM   794  C CD2 . TYR A 1 100 ? -8.413  0.431   -2.607  1.00 11.54 ? 100 TYR A CD2 1 
ATOM   795  C CE1 . TYR A 1 100 ? -8.452  2.184   -0.482  1.00 18.89 ? 100 TYR A CE1 1 
ATOM   796  C CE2 . TYR A 1 100 ? -9.104  0.101   -1.466  1.00 13.87 ? 100 TYR A CE2 1 
ATOM   797  C CZ  . TYR A 1 100 ? -9.111  0.978   -0.401  1.00 17.65 ? 100 TYR A CZ  1 
ATOM   798  O OH  . TYR A 1 100 ? -9.796  0.637   0.744   1.00 19.00 ? 100 TYR A OH  1 
ATOM   799  N N   . GLN A 1 101 ? -6.163  4.165   -6.236  1.00 12.40 ? 101 GLN A N   1 
ATOM   800  C CA  . GLN A 1 101 ? -5.210  4.461   -7.295  1.00 14.55 ? 101 GLN A CA  1 
ATOM   801  C C   . GLN A 1 101 ? -3.869  4.773   -6.656  1.00 13.75 ? 101 GLN A C   1 
ATOM   802  O O   . GLN A 1 101 ? -3.776  5.663   -5.804  1.00 14.87 ? 101 GLN A O   1 
ATOM   803  C CB  . GLN A 1 101 ? -5.707  5.628   -8.139  1.00 15.49 ? 101 GLN A CB  1 
ATOM   804  C CG  . GLN A 1 101 ? -4.795  5.967   -9.272  1.00 17.04 ? 101 GLN A CG  1 
ATOM   805  C CD  . GLN A 1 101 ? -5.464  6.920   -10.229 1.00 15.82 ? 101 GLN A CD  1 
ATOM   806  O OE1 . GLN A 1 101 ? -5.344  8.133   -10.089 1.00 19.75 ? 101 GLN A OE1 1 
ATOM   807  N NE2 . GLN A 1 101 ? -6.196  6.377   -11.193 1.00 16.26 ? 101 GLN A NE2 1 
ATOM   808  N N   . VAL A 1 102 ? -2.832  4.031   -7.042  1.00 13.86 ? 102 VAL A N   1 
ATOM   809  C CA  . VAL A 1 102 ? -1.514  4.199   -6.446  1.00 12.99 ? 102 VAL A CA  1 
ATOM   810  C C   . VAL A 1 102 ? -0.647  5.008   -7.392  1.00 14.58 ? 102 VAL A C   1 
ATOM   811  O O   . VAL A 1 102 ? -0.334  4.563   -8.506  1.00 14.64 ? 102 VAL A O   1 
ATOM   812  C CB  . VAL A 1 102 ? -0.852  2.851   -6.124  1.00 15.11 ? 102 VAL A CB  1 
ATOM   813  C CG1 . VAL A 1 102 ? 0.516   3.092   -5.505  1.00 17.67 ? 102 VAL A CG1 1 
ATOM   814  C CG2 . VAL A 1 102 ? -1.721  2.042   -5.187  1.00 16.76 ? 102 VAL A CG2 1 
ATOM   815  N N   . MET A 1 103 ? -0.263  6.189   -6.946  1.00 15.13 ? 103 MET A N   1 
ATOM   816  C CA  . MET A 1 103 ? 0.691   7.015   -7.653  1.00 17.09 ? 103 MET A CA  1 
ATOM   817  C C   . MET A 1 103 ? 2.081   6.761   -7.094  1.00 19.12 ? 103 MET A C   1 
ATOM   818  O O   . MET A 1 103 ? 2.255   6.572   -5.884  1.00 20.12 ? 103 MET A O   1 
ATOM   819  C CB  . MET A 1 103 ? 0.332   8.485   -7.524  1.00 17.92 ? 103 MET A CB  1 
ATOM   820  C CG  . MET A 1 103 ? -1.004  8.825   -8.131  1.00 21.42 ? 103 MET A CG  1 
ATOM   821  S SD  . MET A 1 103 ? -1.131  10.602  -8.163  1.00 27.64 ? 103 MET A SD  1 
ATOM   822  C CE  . MET A 1 103 ? -2.462  10.812  -9.326  1.00 24.46 ? 103 MET A CE  1 
ATOM   823  N N   . VAL A 1 104 ? 3.063   6.719   -7.986  1.00 19.24 ? 104 VAL A N   1 
ATOM   824  C CA  . VAL A 1 104 ? 4.469   6.695   -7.605  1.00 19.06 ? 104 VAL A CA  1 
ATOM   825  C C   . VAL A 1 104 ? 5.072   7.970   -8.160  1.00 18.86 ? 104 VAL A C   1 
ATOM   826  O O   . VAL A 1 104 ? 5.045   8.198   -9.377  1.00 22.12 ? 104 VAL A O   1 
ATOM   827  C CB  . VAL A 1 104 ? 5.203   5.453   -8.133  1.00 20.42 ? 104 VAL A CB  1 
ATOM   828  C CG1 . VAL A 1 104 ? 6.639   5.414   -7.602  1.00 21.70 ? 104 VAL A CG1 1 
ATOM   829  C CG2 . VAL A 1 104 ? 4.458   4.182   -7.749  1.00 20.83 ? 104 VAL A CG2 1 
ATOM   830  N N   . ASN A 1 105 ? 5.568   8.821   -7.266  1.00 20.55 ? 105 ASN A N   1 
ATOM   831  C CA  . ASN A 1 105 ? 6.179   10.086  -7.662  1.00 19.75 ? 105 ASN A CA  1 
ATOM   832  C C   . ASN A 1 105 ? 5.264   10.894  -8.582  1.00 22.59 ? 105 ASN A C   1 
ATOM   833  O O   . ASN A 1 105 ? 5.710   11.527  -9.542  1.00 24.53 ? 105 ASN A O   1 
ATOM   834  C CB  . ASN A 1 105 ? 7.547   9.837   -8.302  1.00 22.84 ? 105 ASN A CB  1 
ATOM   835  C CG  . ASN A 1 105 ? 8.496   9.087   -7.374  1.00 27.77 ? 105 ASN A CG  1 
ATOM   836  O OD1 . ASN A 1 105 ? 8.398   9.198   -6.151  1.00 27.77 ? 105 ASN A OD1 1 
ATOM   837  N ND2 . ASN A 1 105 ? 9.413   8.319   -7.950  1.00 26.33 ? 105 ASN A ND2 1 
ATOM   838  N N   . GLY A 1 106 ? 3.955   10.864  -8.298  1.00 21.04 ? 106 GLY A N   1 
ATOM   839  C CA  . GLY A 1 106 ? 3.017   11.797  -8.900  1.00 21.81 ? 106 GLY A CA  1 
ATOM   840  C C   . GLY A 1 106 ? 2.216   11.303  -10.091 1.00 23.33 ? 106 GLY A C   1 
ATOM   841  O O   . GLY A 1 106 ? 1.373   12.053  -10.603 1.00 21.48 ? 106 GLY A O   1 
ATOM   842  N N   . GLN A 1 107 ? 2.439   10.076  -10.545 1.00 19.20 ? 107 GLN A N   1 
ATOM   843  C CA  . GLN A 1 107 ? 1.721   9.514   -11.679 1.00 18.93 ? 107 GLN A CA  1 
ATOM   844  C C   . GLN A 1 107 ? 1.131   8.174   -11.265 1.00 14.90 ? 107 GLN A C   1 
ATOM   845  O O   . GLN A 1 107 ? 1.776   7.408   -10.542 1.00 15.66 ? 107 GLN A O   1 
ATOM   846  C CB  . GLN A 1 107 ? 2.652   9.337   -12.885 1.00 19.60 ? 107 GLN A CB  1 
ATOM   847  C CG  . GLN A 1 107 ? 1.936   8.987   -14.186 1.00 19.18 ? 107 GLN A CG  1 
ATOM   848  C CD  . GLN A 1 107 ? 2.872   8.981   -15.381 1.00 21.26 ? 107 GLN A CD  1 
ATOM   849  O OE1 . GLN A 1 107 ? 4.049   9.344   -15.271 1.00 21.61 ? 107 GLN A OE1 1 
ATOM   850  N NE2 . GLN A 1 107 ? 2.349   8.578   -16.539 1.00 17.85 ? 107 GLN A NE2 1 
ATOM   851  N N   . ALA A 1 108 ? -0.090  7.892   -11.724 1.00 14.97 ? 108 ALA A N   1 
ATOM   852  C CA  . ALA A 1 108 ? -0.786  6.668   -11.337 1.00 13.89 ? 108 ALA A CA  1 
ATOM   853  C C   . ALA A 1 108 ? -0.237  5.468   -12.099 1.00 16.26 ? 108 ALA A C   1 
ATOM   854  O O   . ALA A 1 108 ? -0.217  5.468   -13.332 1.00 16.08 ? 108 ALA A O   1 
ATOM   855  C CB  . ALA A 1 108 ? -2.284  6.812   -11.592 1.00 13.91 ? 108 ALA A CB  1 
ATOM   856  N N   . TYR A 1 109 ? 0.198   4.435   -11.372 1.00 13.02 ? 109 TYR A N   1 
ATOM   857  C CA  . TYR A 1 109 ? 0.694   3.216   -12.003 1.00 13.01 ? 109 TYR A CA  1 
ATOM   858  C C   . TYR A 1 109 ? -0.103  1.967   -11.672 1.00 16.50 ? 109 TYR A C   1 
ATOM   859  O O   . TYR A 1 109 ? 0.022   0.968   -12.395 1.00 17.91 ? 109 TYR A O   1 
ATOM   860  C CB  . TYR A 1 109 ? 2.159   2.961   -11.617 1.00 14.86 ? 109 TYR A CB  1 
ATOM   861  C CG  . TYR A 1 109 ? 3.105   3.969   -12.208 1.00 15.62 ? 109 TYR A CG  1 
ATOM   862  C CD1 . TYR A 1 109 ? 3.620   3.802   -13.488 1.00 18.02 ? 109 TYR A CD1 1 
ATOM   863  C CD2 . TYR A 1 109 ? 3.462   5.099   -11.499 1.00 13.70 ? 109 TYR A CD2 1 
ATOM   864  C CE1 . TYR A 1 109 ? 4.488   4.735   -14.034 1.00 18.44 ? 109 TYR A CE1 1 
ATOM   865  C CE2 . TYR A 1 109 ? 4.319   6.035   -12.027 1.00 18.23 ? 109 TYR A CE2 1 
ATOM   866  C CZ  . TYR A 1 109 ? 4.829   5.850   -13.297 1.00 20.13 ? 109 TYR A CZ  1 
ATOM   867  O OH  . TYR A 1 109 ? 5.699   6.782   -13.817 1.00 23.70 ? 109 TYR A OH  1 
ATOM   868  N N   . TYR A 1 110 ? -0.898  1.981   -10.607 1.00 13.21 ? 110 TYR A N   1 
ATOM   869  C CA  . TYR A 1 110 ? -1.650  0.814   -10.183 1.00 13.68 ? 110 TYR A CA  1 
ATOM   870  C C   . TYR A 1 110 ? -3.036  1.249   -9.743  1.00 12.96 ? 110 TYR A C   1 
ATOM   871  O O   . TYR A 1 110 ? -3.214  2.341   -9.196  1.00 14.79 ? 110 TYR A O   1 
ATOM   872  C CB  . TYR A 1 110 ? -0.965  0.076   -9.019  1.00 12.60 ? 110 TYR A CB  1 
ATOM   873  C CG  . TYR A 1 110 ? 0.527   -0.070  -9.186  1.00 12.99 ? 110 TYR A CG  1 
ATOM   874  C CD1 . TYR A 1 110 ? 1.048   -1.083  -9.971  1.00 15.13 ? 110 TYR A CD1 1 
ATOM   875  C CD2 . TYR A 1 110 ? 1.405   0.805   -8.563  1.00 14.55 ? 110 TYR A CD2 1 
ATOM   876  C CE1 . TYR A 1 110 ? 2.408   -1.230  -10.133 1.00 14.84 ? 110 TYR A CE1 1 
ATOM   877  C CE2 . TYR A 1 110 ? 2.773   0.668   -8.711  1.00 15.59 ? 110 TYR A CE2 1 
ATOM   878  C CZ  . TYR A 1 110 ? 3.266   -0.355  -9.498  1.00 14.68 ? 110 TYR A CZ  1 
ATOM   879  O OH  . TYR A 1 110 ? 4.625   -0.506  -9.651  1.00 17.62 ? 110 TYR A OH  1 
ATOM   880  N N   . ASN A 1 111 ? -4.008  0.369   -9.969  1.00 14.80 ? 111 ASN A N   1 
ATOM   881  C CA  . ASN A 1 111 ? -5.400  0.607   -9.617  1.00 14.71 ? 111 ASN A CA  1 
ATOM   882  C C   . ASN A 1 111 ? -6.010  -0.675  -9.082  1.00 15.26 ? 111 ASN A C   1 
ATOM   883  O O   . ASN A 1 111 ? -5.651  -1.771  -9.514  1.00 17.51 ? 111 ASN A O   1 
ATOM   884  C CB  . ASN A 1 111 ? -6.201  1.106   -10.825 1.00 14.15 ? 111 ASN A CB  1 
ATOM   885  C CG  . ASN A 1 111 ? -5.796  2.501   -11.246 1.00 16.38 ? 111 ASN A CG  1 
ATOM   886  O OD1 . ASN A 1 111 ? -6.265  3.489   -10.682 1.00 18.73 ? 111 ASN A OD1 1 
ATOM   887  N ND2 . ASN A 1 111 ? -4.914  2.590   -12.238 1.00 16.94 ? 111 ASN A ND2 1 
ATOM   888  N N   . PHE A 1 112 ? -6.936  -0.532  -8.133  1.00 13.09 ? 112 PHE A N   1 
ATOM   889  C CA  . PHE A 1 112 ? -7.543  -1.688  -7.476  1.00 13.25 ? 112 PHE A CA  1 
ATOM   890  C C   . PHE A 1 112 ? -8.976  -1.314  -7.129  1.00 12.30 ? 112 PHE A C   1 
ATOM   891  O O   . PHE A 1 112 ? -9.204  -0.482  -6.242  1.00 13.89 ? 112 PHE A O   1 
ATOM   892  C CB  . PHE A 1 112 ? -6.742  -2.079  -6.233  1.00 13.86 ? 112 PHE A CB  1 
ATOM   893  C CG  . PHE A 1 112 ? -7.175  -3.374  -5.586  1.00 12.82 ? 112 PHE A CG  1 
ATOM   894  C CD1 . PHE A 1 112 ? -6.693  -4.596  -6.045  1.00 14.21 ? 112 PHE A CD1 1 
ATOM   895  C CD2 . PHE A 1 112 ? -8.029  -3.362  -4.489  1.00 13.76 ? 112 PHE A CD2 1 
ATOM   896  C CE1 . PHE A 1 112 ? -7.075  -5.781  -5.425  1.00 15.20 ? 112 PHE A CE1 1 
ATOM   897  C CE2 . PHE A 1 112 ? -8.417  -4.540  -3.869  1.00 13.70 ? 112 PHE A CE2 1 
ATOM   898  C CZ  . PHE A 1 112 ? -7.934  -5.756  -4.338  1.00 13.52 ? 112 PHE A CZ  1 
ATOM   899  N N   . ASN A 1 113 ? -9.937  -1.912  -7.828  1.00 15.19 ? 113 ASN A N   1 
ATOM   900  C CA  . ASN A 1 113 ? -11.336 -1.582  -7.590  1.00 16.07 ? 113 ASN A CA  1 
ATOM   901  C C   . ASN A 1 113 ? -11.762 -2.063  -6.207  1.00 15.85 ? 113 ASN A C   1 
ATOM   902  O O   . ASN A 1 113 ? -11.327 -3.120  -5.736  1.00 16.09 ? 113 ASN A O   1 
ATOM   903  C CB  . ASN A 1 113 ? -12.227 -2.219  -8.659  1.00 17.78 ? 113 ASN A CB  1 
ATOM   904  C CG  . ASN A 1 113 ? -12.124 -1.521  -10.013 1.00 22.27 ? 113 ASN A CG  1 
ATOM   905  O OD1 . ASN A 1 113 ? -11.409 -0.535  -10.170 1.00 23.03 ? 113 ASN A OD1 1 
ATOM   906  N ND2 . ASN A 1 113 ? -12.834 -2.052  -11.001 1.00 31.19 ? 113 ASN A ND2 1 
ATOM   907  N N   . HIS A 1 114 ? -12.627 -1.282  -5.556  1.00 15.09 ? 114 HIS A N   1 
ATOM   908  C CA  . HIS A 1 114 ? -13.043 -1.619  -4.202  1.00 13.34 ? 114 HIS A CA  1 
ATOM   909  C C   . HIS A 1 114 ? -13.760 -2.957  -4.186  1.00 16.01 ? 114 HIS A C   1 
ATOM   910  O O   . HIS A 1 114 ? -14.694 -3.193  -4.961  1.00 19.66 ? 114 HIS A O   1 
ATOM   911  C CB  . HIS A 1 114 ? -13.960 -0.540  -3.628  1.00 14.78 ? 114 HIS A CB  1 
ATOM   912  C CG  . HIS A 1 114 ? -13.291 0.785   -3.456  1.00 14.74 ? 114 HIS A CG  1 
ATOM   913  N ND1 . HIS A 1 114 ? -12.146 0.948   -2.709  1.00 16.16 ? 114 HIS A ND1 1 
ATOM   914  C CD2 . HIS A 1 114 ? -13.607 2.009   -3.936  1.00 16.51 ? 114 HIS A CD2 1 
ATOM   915  C CE1 . HIS A 1 114 ? -11.782 2.219   -2.739  1.00 15.30 ? 114 HIS A CE1 1 
ATOM   916  N NE2 . HIS A 1 114 ? -12.652 2.883   -3.478  1.00 15.92 ? 114 HIS A NE2 1 
ATOM   917  N N   . ARG A 1 115 ? -13.314 -3.833  -3.297  1.00 14.63 ? 115 ARG A N   1 
ATOM   918  C CA  . ARG A 1 115 ? -14.014 -5.071  -3.009  1.00 14.96 ? 115 ARG A CA  1 
ATOM   919  C C   . ARG A 1 115 ? -14.743 -5.025  -1.683  1.00 17.13 ? 115 ARG A C   1 
ATOM   920  O O   . ARG A 1 115 ? -15.782 -5.673  -1.537  1.00 22.06 ? 115 ARG A O   1 
ATOM   921  C CB  . ARG A 1 115 ? -13.023 -6.236  -3.002  1.00 15.19 ? 115 ARG A CB  1 
ATOM   922  C CG  . ARG A 1 115 ? -12.266 -6.376  -4.316  1.00 16.03 ? 115 ARG A CG  1 
ATOM   923  C CD  . ARG A 1 115 ? -11.180 -7.428  -4.183  1.00 13.50 ? 115 ARG A CD  1 
ATOM   924  N NE  . ARG A 1 115 ? -10.468 -7.664  -5.431  1.00 15.84 ? 115 ARG A NE  1 
ATOM   925  C CZ  . ARG A 1 115 ? -9.500  -8.572  -5.570  1.00 16.36 ? 115 ARG A CZ  1 
ATOM   926  N NH1 . ARG A 1 115 ? -9.147  -9.331  -4.539  1.00 15.37 ? 115 ARG A NH1 1 
ATOM   927  N NH2 . ARG A 1 115 ? -8.885  -8.723  -6.738  1.00 18.62 ? 115 ARG A NH2 1 
ATOM   928  N N   . ILE A 1 116 ? -14.201 -4.274  -0.729  1.00 19.50 ? 116 ILE A N   1 
ATOM   929  C CA  . ILE A 1 116 ? -14.791 -3.975  0.573   1.00 23.12 ? 116 ILE A CA  1 
ATOM   930  C C   . ILE A 1 116 ? -15.088 -2.480  0.532   1.00 21.04 ? 116 ILE A C   1 
ATOM   931  O O   . ILE A 1 116 ? -14.286 -1.731  -0.040  1.00 21.22 ? 116 ILE A O   1 
ATOM   932  C CB  . ILE A 1 116 ? -13.812 -4.340  1.707   1.00 20.55 ? 116 ILE A CB  1 
ATOM   933  C CG1 . ILE A 1 116 ? -13.418 -5.817  1.603   1.00 27.75 ? 116 ILE A CG1 1 
ATOM   934  C CG2 . ILE A 1 116 ? -14.343 -3.939  3.093   1.00 28.39 ? 116 ILE A CG2 1 
ATOM   935  C CD1 . ILE A 1 116 ? -14.584 -6.701  1.313   1.00 30.18 ? 116 ILE A CD1 1 
ATOM   936  N N   . PRO A 1 117 ? -16.200 -1.991  1.083   1.00 18.77 ? 117 PRO A N   1 
ATOM   937  C CA  . PRO A 1 117 ? -16.395 -0.534  1.136   1.00 18.53 ? 117 PRO A CA  1 
ATOM   938  C C   . PRO A 1 117 ? -15.256 0.134   1.885   1.00 18.06 ? 117 PRO A C   1 
ATOM   939  O O   . PRO A 1 117 ? -14.791 -0.362  2.912   1.00 17.05 ? 117 PRO A O   1 
ATOM   940  C CB  . PRO A 1 117 ? -17.726 -0.379  1.880   1.00 19.61 ? 117 PRO A CB  1 
ATOM   941  C CG  . PRO A 1 117 ? -18.440 -1.675  1.629   1.00 22.05 ? 117 PRO A CG  1 
ATOM   942  C CD  . PRO A 1 117 ? -17.357 -2.716  1.631   1.00 20.71 ? 117 PRO A CD  1 
ATOM   943  N N   . VAL A 1 118 ? -14.796 1.270   1.356   1.00 14.61 ? 118 VAL A N   1 
ATOM   944  C CA  . VAL A 1 118 ? -13.681 1.940   2.005   1.00 16.87 ? 118 VAL A CA  1 
ATOM   945  C C   . VAL A 1 118 ? -14.059 2.445   3.392   1.00 15.96 ? 118 VAL A C   1 
ATOM   946  O O   . VAL A 1 118 ? -13.170 2.623   4.238   1.00 15.16 ? 118 VAL A O   1 
ATOM   947  C CB  . VAL A 1 118 ? -13.146 3.075   1.113   1.00 19.09 ? 118 VAL A CB  1 
ATOM   948  C CG1 . VAL A 1 118 ? -14.067 4.262   1.147   1.00 20.12 ? 118 VAL A CG1 1 
ATOM   949  C CG2 . VAL A 1 118 ? -11.729 3.462   1.548   1.00 20.20 ? 118 VAL A CG2 1 
ATOM   950  N N   . SER A 1 119 ? -15.354 2.647   3.670   1.00 15.98 ? 119 SER A N   1 
ATOM   951  C CA  . SER A 1 119 ? -15.756 3.035   5.014   1.00 15.06 ? 119 SER A CA  1 
ATOM   952  C C   . SER A 1 119 ? -15.471 1.950   6.039   1.00 17.58 ? 119 SER A C   1 
ATOM   953  O O   . SER A 1 119 ? -15.532 2.228   7.242   1.00 19.17 ? 119 SER A O   1 
ATOM   954  C CB  . SER A 1 119 ? -17.247 3.398   5.051   1.00 17.48 ? 119 SER A CB  1 
ATOM   955  O OG  . SER A 1 119 ? -18.038 2.327   4.567   1.00 20.90 ? 119 SER A OG  1 
ATOM   956  N N   . SER A 1 120 ? -15.135 0.735   5.600   1.00 14.94 ? 120 SER A N   1 
ATOM   957  C CA  . SER A 1 120 ? -14.766 -0.318  6.535   1.00 14.91 ? 120 SER A CA  1 
ATOM   958  C C   . SER A 1 120 ? -13.305 -0.266  6.952   1.00 14.12 ? 120 SER A C   1 
ATOM   959  O O   . SER A 1 120 ? -12.929 -0.988  7.880   1.00 14.16 ? 120 SER A O   1 
ATOM   960  C CB  . SER A 1 120 ? -15.075 -1.695  5.947   1.00 19.68 ? 120 SER A CB  1 
ATOM   961  O OG  . SER A 1 120 ? -16.475 -1.838  5.750   1.00 29.76 ? 120 SER A OG  1 
ATOM   962  N N   . VAL A 1 121 ? -12.478 0.567   6.320   1.00 12.46 ? 121 VAL A N   1 
ATOM   963  C CA  . VAL A 1 121 ? -11.051 0.573   6.634   1.00 11.88 ? 121 VAL A CA  1 
ATOM   964  C C   . VAL A 1 121 ? -10.822 1.363   7.915   1.00 13.29 ? 121 VAL A C   1 
ATOM   965  O O   . VAL A 1 121 ? -11.314 2.487   8.062   1.00 14.78 ? 121 VAL A O   1 
ATOM   966  C CB  . VAL A 1 121 ? -10.238 1.151   5.466   1.00 12.19 ? 121 VAL A CB  1 
ATOM   967  C CG1 . VAL A 1 121 ? -8.765  1.292   5.866   1.00 14.06 ? 121 VAL A CG1 1 
ATOM   968  C CG2 . VAL A 1 121 ? -10.375 0.247   4.255   1.00 16.09 ? 121 VAL A CG2 1 
ATOM   969  N N   . LYS A 1 122 ? -10.077 0.770   8.852   1.00 11.17 ? 122 LYS A N   1 
ATOM   970  C CA  . LYS A 1 122 ? -9.795  1.413   10.128  1.00 12.58 ? 122 LYS A CA  1 
ATOM   971  C C   . LYS A 1 122 ? -8.315  1.486   10.474  1.00 12.74 ? 122 LYS A C   1 
ATOM   972  O O   . LYS A 1 122 ? -7.967  2.107   11.491  1.00 12.60 ? 122 LYS A O   1 
ATOM   973  C CB  . LYS A 1 122 ? -10.545 0.687   11.259  1.00 13.63 ? 122 LYS A CB  1 
ATOM   974  C CG  . LYS A 1 122 ? -12.076 0.741   11.081  1.00 17.17 ? 122 LYS A CG  1 
ATOM   975  C CD  . LYS A 1 122 ? -12.814 0.092   12.242  1.00 22.46 ? 122 LYS A CD  1 
ATOM   976  C CE  . LYS A 1 122 ? -14.271 -0.197  11.863  1.00 29.88 ? 122 LYS A CE  1 
ATOM   977  N NZ  . LYS A 1 122 ? -14.374 -1.240  10.774  1.00 32.37 ? 122 LYS A NZ  1 
ATOM   978  N N   . MET A 1 123 ? -7.436  0.880   9.677   1.00 11.12 ? 123 MET A N   1 
ATOM   979  C CA  . MET A 1 123 ? -6.024  0.813   10.025  1.00 11.98 ? 123 MET A CA  1 
ATOM   980  C C   . MET A 1 123 ? -5.220  0.597   8.747   1.00 11.65 ? 123 MET A C   1 
ATOM   981  O O   . MET A 1 123 ? -5.698  -0.033  7.802   1.00 11.85 ? 123 MET A O   1 
ATOM   982  C CB  . MET A 1 123 ? -5.766  -0.321  11.036  1.00 13.72 ? 123 MET A CB  1 
ATOM   983  C CG  . MET A 1 123 ? -4.306  -0.509  11.427  1.00 13.22 ? 123 MET A CG  1 
ATOM   984  S SD  . MET A 1 123 ? -3.466  -1.708  10.372  1.00 13.97 ? 123 MET A SD  1 
ATOM   985  C CE  . MET A 1 123 ? -3.739  -3.225  11.292  1.00 15.39 ? 123 MET A CE  1 
ATOM   986  N N   . VAL A 1 124 ? -4.011  1.152   8.717   1.00 11.34 ? 124 VAL A N   1 
ATOM   987  C CA  . VAL A 1 124 ? -3.052  0.888   7.648   1.00 12.53 ? 124 VAL A CA  1 
ATOM   988  C C   . VAL A 1 124 ? -1.752  0.418   8.274   1.00 11.07 ? 124 VAL A C   1 
ATOM   989  O O   . VAL A 1 124 ? -1.287  0.992   9.267   1.00 12.66 ? 124 VAL A O   1 
ATOM   990  C CB  . VAL A 1 124 ? -2.810  2.134   6.769   1.00 10.88 ? 124 VAL A CB  1 
ATOM   991  C CG1 . VAL A 1 124 ? -1.772  1.838   5.688   1.00 13.55 ? 124 VAL A CG1 1 
ATOM   992  C CG2 . VAL A 1 124 ? -4.114  2.579   6.126   1.00 13.24 ? 124 VAL A CG2 1 
ATOM   993  N N   . GLN A 1 125 ? -1.163  -0.627  7.697   1.00 10.21 ? 125 GLN A N   1 
ATOM   994  C CA  . GLN A 1 125 ? 0.132   -1.137  8.119   1.00 12.50 ? 125 GLN A CA  1 
ATOM   995  C C   . GLN A 1 125 ? 1.092   -1.102  6.941   1.00 13.42 ? 125 GLN A C   1 
ATOM   996  O O   . GLN A 1 125 ? 0.769   -1.594  5.854   1.00 12.99 ? 125 GLN A O   1 
ATOM   997  C CB  . GLN A 1 125 ? 0.021   -2.562  8.674   1.00 12.92 ? 125 GLN A CB  1 
ATOM   998  C CG  . GLN A 1 125 ? 1.334   -3.018  9.286   1.00 14.34 ? 125 GLN A CG  1 
ATOM   999  C CD  . GLN A 1 125 ? 1.212   -4.308  10.079  1.00 17.65 ? 125 GLN A CD  1 
ATOM   1000 O OE1 . GLN A 1 125 ? 0.869   -5.360  9.538   1.00 19.86 ? 125 GLN A OE1 1 
ATOM   1001 N NE2 . GLN A 1 125 ? 1.503   -4.232  11.370  1.00 24.46 ? 125 GLN A NE2 1 
ATOM   1002 N N   . VAL A 1 126 ? 2.269   -0.520  7.162   1.00 11.42 ? 126 VAL A N   1 
ATOM   1003 C CA  . VAL A 1 126 ? 3.326   -0.434  6.160   1.00 10.46 ? 126 VAL A CA  1 
ATOM   1004 C C   . VAL A 1 126 ? 4.524   -1.199  6.693   1.00 12.94 ? 126 VAL A C   1 
ATOM   1005 O O   . VAL A 1 126 ? 4.991   -0.914  7.802   1.00 13.50 ? 126 VAL A O   1 
ATOM   1006 C CB  . VAL A 1 126 ? 3.707   1.030   5.875   1.00 11.91 ? 126 VAL A CB  1 
ATOM   1007 C CG1 . VAL A 1 126 ? 4.760   1.108   4.765   1.00 14.54 ? 126 VAL A CG1 1 
ATOM   1008 C CG2 . VAL A 1 126 ? 2.458   1.846   5.504   1.00 13.16 ? 126 VAL A CG2 1 
ATOM   1009 N N   . TRP A 1 127 ? 5.030   -2.155  5.917   1.00 11.13 ? 127 TRP A N   1 
ATOM   1010 C CA  . TRP A 1 127 ? 6.096   -2.997  6.456   1.00 9.79  ? 127 TRP A CA  1 
ATOM   1011 C C   . TRP A 1 127 ? 6.873   -3.662  5.322   1.00 11.64 ? 127 TRP A C   1 
ATOM   1012 O O   . TRP A 1 127 ? 6.720   -3.312  4.146   1.00 11.68 ? 127 TRP A O   1 
ATOM   1013 C CB  . TRP A 1 127 ? 5.515   -4.007  7.451   1.00 12.06 ? 127 TRP A CB  1 
ATOM   1014 C CG  . TRP A 1 127 ? 4.519   -5.006  6.924   1.00 12.68 ? 127 TRP A CG  1 
ATOM   1015 C CD1 . TRP A 1 127 ? 3.284   -4.746  6.374   1.00 12.50 ? 127 TRP A CD1 1 
ATOM   1016 C CD2 . TRP A 1 127 ? 4.639   -6.433  6.978   1.00 12.22 ? 127 TRP A CD2 1 
ATOM   1017 N NE1 . TRP A 1 127 ? 2.651   -5.929  6.054   1.00 13.01 ? 127 TRP A NE1 1 
ATOM   1018 C CE2 . TRP A 1 127 ? 3.462   -6.976  6.420   1.00 12.58 ? 127 TRP A CE2 1 
ATOM   1019 C CE3 . TRP A 1 127 ? 5.637   -7.304  7.433   1.00 14.09 ? 127 TRP A CE3 1 
ATOM   1020 C CZ2 . TRP A 1 127 ? 3.253   -8.345  6.308   1.00 11.90 ? 127 TRP A CZ2 1 
ATOM   1021 C CZ3 . TRP A 1 127 ? 5.429   -8.671  7.316   1.00 13.93 ? 127 TRP A CZ3 1 
ATOM   1022 C CH2 . TRP A 1 127 ? 4.254   -9.179  6.761   1.00 12.70 ? 127 TRP A CH2 1 
ATOM   1023 N N   . ARG A 1 128 ? 7.735   -4.617  5.706   1.00 11.87 ? 128 ARG A N   1 
ATOM   1024 C CA  . ARG A 1 128 ? 8.779   -5.261  4.897   1.00 12.17 ? 128 ARG A CA  1 
ATOM   1025 C C   . ARG A 1 128 ? 10.029  -4.380  4.808   1.00 12.47 ? 128 ARG A C   1 
ATOM   1026 O O   . ARG A 1 128 ? 10.375  -3.705  5.780   1.00 13.75 ? 128 ARG A O   1 
ATOM   1027 C CB  . ARG A 1 128 ? 8.282   -5.677  3.504   1.00 12.01 ? 128 ARG A CB  1 
ATOM   1028 C CG  . ARG A 1 128 ? 6.960   -6.445  3.493   1.00 17.61 ? 128 ARG A CG  1 
ATOM   1029 C CD  . ARG A 1 128 ? 7.069   -7.905  3.815   1.00 16.69 ? 128 ARG A CD  1 
ATOM   1030 N NE  . ARG A 1 128 ? 5.826   -8.642  3.540   1.00 14.08 ? 128 ARG A NE  1 
ATOM   1031 C CZ  . ARG A 1 128 ? 5.641   -9.908  3.902   1.00 15.39 ? 128 ARG A CZ  1 
ATOM   1032 N NH1 . ARG A 1 128 ? 6.617   -10.552 4.542   1.00 14.53 ? 128 ARG A NH1 1 
ATOM   1033 N NH2 . ARG A 1 128 ? 4.495   -10.528 3.634   1.00 14.38 ? 128 ARG A NH2 1 
ATOM   1034 N N   . ASP A 1 129 ? 10.737  -4.396  3.680   1.00 13.58 ? 129 ASP A N   1 
ATOM   1035 C CA  . ASP A 1 129 ? 12.158  -4.014  3.668   1.00 13.25 ? 129 ASP A CA  1 
ATOM   1036 C C   . ASP A 1 129 ? 12.365  -2.553  3.282   1.00 15.92 ? 129 ASP A C   1 
ATOM   1037 O O   . ASP A 1 129 ? 13.055  -2.241  2.313   1.00 16.85 ? 129 ASP A O   1 
ATOM   1038 C CB  . ASP A 1 129 ? 12.930  -4.920  2.722   1.00 13.44 ? 129 ASP A CB  1 
ATOM   1039 C CG  . ASP A 1 129 ? 12.602  -6.366  2.929   1.00 14.39 ? 129 ASP A CG  1 
ATOM   1040 O OD1 . ASP A 1 129 ? 12.823  -6.854  4.061   1.00 14.96 ? 129 ASP A OD1 1 
ATOM   1041 O OD2 . ASP A 1 129 ? 12.124  -7.002  1.972   1.00 14.72 ? 129 ASP A OD2 1 
ATOM   1042 N N   . ILE A 1 130 ? 11.784  -1.645  4.067   1.00 14.79 ? 130 ILE A N   1 
ATOM   1043 C CA  . ILE A 1 130 ? 11.942  -0.219  3.817   1.00 15.30 ? 130 ILE A CA  1 
ATOM   1044 C C   . ILE A 1 130 ? 12.184  0.511   5.125   1.00 16.77 ? 130 ILE A C   1 
ATOM   1045 O O   . ILE A 1 130 ? 11.823  0.045   6.206   1.00 16.22 ? 130 ILE A O   1 
ATOM   1046 C CB  . ILE A 1 130 ? 10.718  0.413   3.115   1.00 14.99 ? 130 ILE A CB  1 
ATOM   1047 C CG1 . ILE A 1 130 ? 9.497   0.378   4.038   1.00 15.97 ? 130 ILE A CG1 1 
ATOM   1048 C CG2 . ILE A 1 130 ? 10.431  -0.266  1.775   1.00 16.16 ? 130 ILE A CG2 1 
ATOM   1049 C CD1 . ILE A 1 130 ? 8.487   1.373   3.664   1.00 30.03 ? 130 ILE A CD1 1 
ATOM   1050 N N   . SER A 1 131 ? 12.813  1.676   5.001   1.00 16.94 ? 131 SER A N   1 
ATOM   1051 C CA  . SER A 1 131 ? 12.773  2.712   6.017   1.00 19.23 ? 131 SER A CA  1 
ATOM   1052 C C   . SER A 1 131 ? 11.664  3.678   5.630   1.00 15.39 ? 131 SER A C   1 
ATOM   1053 O O   . SER A 1 131 ? 11.307  3.791   4.454   1.00 18.38 ? 131 SER A O   1 
ATOM   1054 C CB  . SER A 1 131 ? 14.110  3.459   6.123   1.00 19.75 ? 131 SER A CB  1 
ATOM   1055 O OG  . SER A 1 131 ? 14.527  3.917   4.852   1.00 22.87 ? 131 SER A OG  1 
ATOM   1056 N N   . LEU A 1 132 ? 11.113  4.367   6.624   1.00 17.95 ? 132 LEU A N   1 
ATOM   1057 C CA  . LEU A 1 132 ? 10.018  5.302   6.420   1.00 18.63 ? 132 LEU A CA  1 
ATOM   1058 C C   . LEU A 1 132 ? 10.365  6.667   6.996   1.00 19.86 ? 132 LEU A C   1 
ATOM   1059 O O   . LEU A 1 132 ? 10.895  6.759   8.108   1.00 21.61 ? 132 LEU A O   1 
ATOM   1060 C CB  . LEU A 1 132 ? 8.745   4.812   7.110   1.00 25.17 ? 132 LEU A CB  1 
ATOM   1061 C CG  . LEU A 1 132 ? 7.862   3.812   6.394   1.00 24.94 ? 132 LEU A CG  1 
ATOM   1062 C CD1 . LEU A 1 132 ? 6.592   3.630   7.225   1.00 21.84 ? 132 LEU A CD1 1 
ATOM   1063 C CD2 . LEU A 1 132 ? 7.549   4.338   5.010   1.00 25.19 ? 132 LEU A CD2 1 
ATOM   1064 N N   . THR A 1 133 ? 10.032  7.730   6.261   1.00 20.33 ? 133 THR A N   1 
ATOM   1065 C CA  . THR A 1 133 ? 10.109  9.072   6.821   1.00 22.97 ? 133 THR A CA  1 
ATOM   1066 C C   . THR A 1 133 ? 8.785   9.816   6.850   1.00 22.10 ? 133 THR A C   1 
ATOM   1067 O O   . THR A 1 133 ? 8.695   10.831  7.551   1.00 24.28 ? 133 THR A O   1 
ATOM   1068 C CB  . THR A 1 133 ? 11.120  9.942   6.059   1.00 23.41 ? 133 THR A CB  1 
ATOM   1069 O OG1 . THR A 1 133 ? 10.729  10.042  4.688   1.00 25.44 ? 133 THR A OG1 1 
ATOM   1070 C CG2 . THR A 1 133 ? 12.524  9.355   6.166   1.00 31.18 ? 133 THR A CG2 1 
ATOM   1071 N N   . LYS A 1 134 ? 7.766   9.370   6.113   1.00 17.03 ? 134 LYS A N   1 
ATOM   1072 C CA  . LYS A 1 134 ? 6.476   10.054  6.131   1.00 17.78 ? 134 LYS A CA  1 
ATOM   1073 C C   . LYS A 1 134 ? 5.354   9.040   5.995   1.00 17.98 ? 134 LYS A C   1 
ATOM   1074 O O   . LYS A 1 134 ? 5.432   8.124   5.168   1.00 17.28 ? 134 LYS A O   1 
ATOM   1075 C CB  . LYS A 1 134 ? 6.367   11.107  5.013   1.00 23.64 ? 134 LYS A CB  1 
ATOM   1076 C CG  . LYS A 1 134 ? 7.286   12.314  5.197   1.00 31.43 ? 134 LYS A CG  1 
ATOM   1077 C CD  . LYS A 1 134 ? 6.914   13.482  4.295   1.00 39.14 ? 134 LYS A CD  1 
ATOM   1078 C CE  . LYS A 1 134 ? 8.144   14.316  3.938   1.00 43.74 ? 134 LYS A CE  1 
ATOM   1079 N NZ  . LYS A 1 134 ? 9.227   14.206  4.963   1.00 44.15 ? 134 LYS A NZ  1 
ATOM   1080 N N   . PHE A 1 135 ? 4.326   9.208   6.822   1.00 18.61 ? 135 PHE A N   1 
ATOM   1081 C CA  . PHE A 1 135 ? 3.039   8.543   6.639   1.00 15.28 ? 135 PHE A CA  1 
ATOM   1082 C C   . PHE A 1 135 ? 1.960   9.567   6.947   1.00 17.94 ? 135 PHE A C   1 
ATOM   1083 O O   . PHE A 1 135 ? 1.749   9.912   8.114   1.00 18.36 ? 135 PHE A O   1 
ATOM   1084 C CB  . PHE A 1 135 ? 2.890   7.311   7.538   1.00 18.04 ? 135 PHE A CB  1 
ATOM   1085 C CG  . PHE A 1 135 ? 1.597   6.585   7.317   1.00 15.95 ? 135 PHE A CG  1 
ATOM   1086 C CD1 . PHE A 1 135 ? 1.506   5.581   6.370   1.00 16.46 ? 135 PHE A CD1 1 
ATOM   1087 C CD2 . PHE A 1 135 ? 0.450   6.962   7.997   1.00 15.77 ? 135 PHE A CD2 1 
ATOM   1088 C CE1 . PHE A 1 135 ? 0.306   4.933   6.141   1.00 14.74 ? 135 PHE A CE1 1 
ATOM   1089 C CE2 . PHE A 1 135 ? -0.752  6.327   7.763   1.00 15.69 ? 135 PHE A CE2 1 
ATOM   1090 C CZ  . PHE A 1 135 ? -0.833  5.315   6.833   1.00 16.58 ? 135 PHE A CZ  1 
ATOM   1091 N N   . ASN A 1 136 ? 1.275   10.048  5.910   1.00 17.16 ? 136 ASN A N   1 
ATOM   1092 C CA  . ASN A 1 136 ? 0.317   11.140  6.048   1.00 19.35 ? 136 ASN A CA  1 
ATOM   1093 C C   . ASN A 1 136 ? -1.013  10.751  5.422   1.00 22.41 ? 136 ASN A C   1 
ATOM   1094 O O   . ASN A 1 136 ? -1.064  10.378  4.244   1.00 21.07 ? 136 ASN A O   1 
ATOM   1095 C CB  . ASN A 1 136 ? 0.843   12.427  5.383   1.00 22.83 ? 136 ASN A CB  1 
ATOM   1096 C CG  . ASN A 1 136 ? 2.040   13.027  6.113   1.00 30.94 ? 136 ASN A CG  1 
ATOM   1097 O OD1 . ASN A 1 136 ? 2.191   12.876  7.327   1.00 29.53 ? 136 ASN A OD1 1 
ATOM   1098 N ND2 . ASN A 1 136 ? 2.895   13.721  5.367   1.00 36.29 ? 136 ASN A ND2 1 
ATOM   1099 N N   . VAL A 1 137 ? -2.092  10.850  6.201   1.00 16.09 ? 137 VAL A N   1 
ATOM   1100 C CA  . VAL A 1 137 ? -3.450  10.750  5.679   1.00 17.13 ? 137 VAL A CA  1 
ATOM   1101 C C   . VAL A 1 137 ? -3.990  12.162  5.532   1.00 20.85 ? 137 VAL A C   1 
ATOM   1102 O O   . VAL A 1 137 ? -3.940  12.953  6.485   1.00 21.08 ? 137 VAL A O   1 
ATOM   1103 C CB  . VAL A 1 137 ? -4.358  9.913   6.598   1.00 18.52 ? 137 VAL A CB  1 
ATOM   1104 C CG1 . VAL A 1 137 ? -5.781  9.892   6.053   1.00 19.65 ? 137 VAL A CG1 1 
ATOM   1105 C CG2 . VAL A 1 137 ? -3.799  8.494   6.750   1.00 22.11 ? 137 VAL A CG2 1 
ATOM   1106 N N   . SER A 1 138 ? -4.486  12.482  4.344   1.00 19.21 ? 138 SER A N   1 
ATOM   1107 C CA  . SER A 1 138 ? -5.078  13.792  4.107   1.00 21.10 ? 138 SER A CA  1 
ATOM   1108 C C   . SER A 1 138 ? -6.207  14.062  5.099   1.00 27.23 ? 138 SER A C   1 
ATOM   1109 O O   . SER A 1 138 ? -6.936  13.156  5.509   1.00 28.45 ? 138 SER A O   1 
ATOM   1110 C CB  . SER A 1 138 ? -5.615  13.865  2.684   1.00 25.32 ? 138 SER A CB  1 
ATOM   1111 O OG  . SER A 1 138 ? -6.678  12.936  2.535   1.00 21.10 ? 138 SER A OG  1 
ATOM   1112 N N   . ASN A 1 139 ? -6.349  15.328  5.483   1.00 26.21 ? 139 ASN A N   1 
ATOM   1113 C CA  . ASN A 1 139 ? -7.461  15.743  6.339   1.00 27.35 ? 139 ASN A CA  1 
ATOM   1114 C C   . ASN A 1 139 ? -8.706  16.070  5.520   1.00 30.56 ? 139 ASN A C   1 
ATOM   1115 O O   . ASN A 1 139 ? -8.616  16.323  4.316   1.00 39.38 ? 139 ASN A O   1 
ATOM   1116 C CB  . ASN A 1 139 ? -7.067  16.952  7.189   1.00 25.20 ? 139 ASN A CB  1 
ATOM   1117 C CG  . ASN A 1 139 ? -6.165  16.577  8.345   1.00 25.15 ? 139 ASN A CG  1 
ATOM   1118 O OD1 . ASN A 1 139 ? -6.593  15.895  9.277   1.00 16.77 ? 139 ASN A OD1 1 
ATOM   1119 N ND2 . ASN A 1 139 ? -4.911  17.029  8.293   1.00 28.37 ? 139 ASN A ND2 1 
HETATM 1120 C C1  . GOL B 2 .   ? -1.637  -12.123 -2.153  1.00 28.78 ? 201 GOL A C1  1 
HETATM 1121 O O1  . GOL B 2 .   ? -2.251  -12.528 -3.342  1.00 28.56 ? 201 GOL A O1  1 
HETATM 1122 C C2  . GOL B 2 .   ? -1.764  -13.223 -1.108  1.00 31.18 ? 201 GOL A C2  1 
HETATM 1123 O O2  . GOL B 2 .   ? -1.162  -14.397 -1.584  1.00 42.49 ? 201 GOL A O2  1 
HETATM 1124 C C3  . GOL B 2 .   ? -1.033  -12.768 0.146   1.00 26.44 ? 201 GOL A C3  1 
HETATM 1125 O O3  . GOL B 2 .   ? 0.328   -12.596 -0.148  1.00 37.86 ? 201 GOL A O3  1 
HETATM 1126 O O   . HOH C 3 .   ? 3.485   -6.427  14.693  1.00 35.74 ? 301 HOH A O   1 
HETATM 1127 O O   . HOH C 3 .   ? 1.723   -10.405 -1.961  1.00 32.52 ? 302 HOH A O   1 
HETATM 1128 O O   . HOH C 3 .   ? 15.233  -12.232 -6.654  1.00 30.80 ? 303 HOH A O   1 
HETATM 1129 O O   . HOH C 3 .   ? 12.214  8.342   3.236   1.00 32.40 ? 304 HOH A O   1 
HETATM 1130 O O   . HOH C 3 .   ? 4.793   15.130  6.027   1.00 43.23 ? 305 HOH A O   1 
HETATM 1131 O O   . HOH C 3 .   ? 2.064   -14.081 -7.749  1.00 41.46 ? 306 HOH A O   1 
HETATM 1132 O O   . HOH C 3 .   ? 0.649   12.745  -2.009  1.00 34.20 ? 307 HOH A O   1 
HETATM 1133 O O   . HOH C 3 .   ? 13.592  0.285   -11.748 1.00 38.07 ? 308 HOH A O   1 
HETATM 1134 O O   . HOH C 3 .   ? 1.765   -7.758  9.386   1.00 25.29 ? 309 HOH A O   1 
HETATM 1135 O O   . HOH C 3 .   ? -13.662 9.711   6.997   1.00 33.18 ? 310 HOH A O   1 
HETATM 1136 O O   . HOH C 3 .   ? 20.695  -3.422  -7.501  1.00 22.65 ? 311 HOH A O   1 
HETATM 1137 O O   . HOH C 3 .   ? -12.046 -10.618 -8.075  1.00 32.17 ? 312 HOH A O   1 
HETATM 1138 O O   . HOH C 3 .   ? 11.304  12.869  4.200   1.00 44.41 ? 313 HOH A O   1 
HETATM 1139 O O   . HOH C 3 .   ? 2.185   -11.926 1.521   1.00 27.97 ? 314 HOH A O   1 
HETATM 1140 O O   . HOH C 3 .   ? -12.594 -11.817 -11.483 1.00 49.24 ? 315 HOH A O   1 
HETATM 1141 O O   . HOH C 3 .   ? 13.130  3.251   -4.728  1.00 26.21 ? 316 HOH A O   1 
HETATM 1142 O O   . HOH C 3 .   ? -8.921  2.730   13.963  1.00 22.00 ? 317 HOH A O   1 
HETATM 1143 O O   . HOH C 3 .   ? -2.448  -3.195  15.765  1.00 32.65 ? 318 HOH A O   1 
HETATM 1144 O O   . HOH C 3 .   ? -6.407  10.295  -11.061 1.00 19.24 ? 319 HOH A O   1 
HETATM 1145 O O   . HOH C 3 .   ? -14.925 -5.645  11.288  1.00 33.05 ? 320 HOH A O   1 
HETATM 1146 O O   . HOH C 3 .   ? -11.918 -0.699  -0.351  1.00 15.79 ? 321 HOH A O   1 
HETATM 1147 O O   . HOH C 3 .   ? 4.703   12.772  -11.599 1.00 41.40 ? 322 HOH A O   1 
HETATM 1148 O O   . HOH C 3 .   ? 12.089  3.964   9.357   1.00 26.36 ? 323 HOH A O   1 
HETATM 1149 O O   . HOH C 3 .   ? 6.039   9.179   -16.970 1.00 40.28 ? 324 HOH A O   1 
HETATM 1150 O O   . HOH C 3 .   ? -15.925 -9.265  -2.178  1.00 35.94 ? 325 HOH A O   1 
HETATM 1151 O O   . HOH C 3 .   ? -13.020 -17.301 -1.166  1.00 38.46 ? 326 HOH A O   1 
HETATM 1152 O O   . HOH C 3 .   ? 5.696   -12.488 -0.756  1.00 33.70 ? 327 HOH A O   1 
HETATM 1153 O O   . HOH C 3 .   ? -12.478 4.248   6.466   1.00 14.91 ? 328 HOH A O   1 
HETATM 1154 O O   . HOH C 3 .   ? -14.444 2.798   9.590   1.00 33.15 ? 329 HOH A O   1 
HETATM 1155 O O   . HOH C 3 .   ? -0.742  -6.143  7.577   1.00 14.64 ? 330 HOH A O   1 
HETATM 1156 O O   . HOH C 3 .   ? 11.896  7.172   -6.617  1.00 27.86 ? 331 HOH A O   1 
HETATM 1157 O O   . HOH C 3 .   ? -16.835 -9.522  0.868   1.00 32.89 ? 332 HOH A O   1 
HETATM 1158 O O   . HOH C 3 .   ? -15.738 6.335   4.344   1.00 21.39 ? 333 HOH A O   1 
HETATM 1159 O O   . HOH C 3 .   ? -18.662 0.273   6.147   1.00 32.71 ? 334 HOH A O   1 
HETATM 1160 O O   . HOH C 3 .   ? -9.640  11.143  6.595   1.00 27.98 ? 335 HOH A O   1 
HETATM 1161 O O   . HOH C 3 .   ? -5.625  13.183  8.552   1.00 19.32 ? 336 HOH A O   1 
HETATM 1162 O O   . HOH C 3 .   ? -14.177 5.737   8.228   1.00 29.03 ? 337 HOH A O   1 
HETATM 1163 O O   . HOH C 3 .   ? -10.384 -1.626  15.372  1.00 22.06 ? 338 HOH A O   1 
HETATM 1164 O O   . HOH C 3 .   ? 3.444   -1.704  14.224  1.00 29.87 ? 339 HOH A O   1 
HETATM 1165 O O   . HOH C 3 .   ? -5.653  -16.447 5.031   1.00 21.43 ? 340 HOH A O   1 
HETATM 1166 O O   . HOH C 3 .   ? -9.292  12.386  4.433   1.00 33.39 ? 341 HOH A O   1 
HETATM 1167 O O   . HOH C 3 .   ? -15.379 -0.256  -8.627  1.00 27.79 ? 342 HOH A O   1 
HETATM 1168 O O   . HOH C 3 .   ? -9.155  -10.665 13.696  1.00 36.14 ? 343 HOH A O   1 
HETATM 1169 O O   . HOH C 3 .   ? -13.601 -6.981  9.614   1.00 24.00 ? 344 HOH A O   1 
HETATM 1170 O O   . HOH C 3 .   ? -19.888 3.128   2.745   1.00 35.57 ? 345 HOH A O   1 
HETATM 1171 O O   . HOH C 3 .   ? -11.478 -3.278  -1.269  1.00 14.87 ? 346 HOH A O   1 
HETATM 1172 O O   . HOH C 3 .   ? -14.727 -9.220  8.509   1.00 24.51 ? 347 HOH A O   1 
HETATM 1173 O O   . HOH C 3 .   ? 18.042  1.949   -0.909  1.00 33.01 ? 348 HOH A O   1 
HETATM 1174 O O   . HOH C 3 .   ? -12.491 7.405   -10.620 1.00 25.54 ? 349 HOH A O   1 
HETATM 1175 O O   . HOH C 3 .   ? -14.122 -15.284 2.530   1.00 26.31 ? 350 HOH A O   1 
HETATM 1176 O O   . HOH C 3 .   ? 17.339  0.074   -3.120  1.00 27.96 ? 351 HOH A O   1 
HETATM 1177 O O   . HOH C 3 .   ? -14.159 1.937   -12.657 1.00 20.67 ? 352 HOH A O   1 
HETATM 1178 O O   . HOH C 3 .   ? -2.322  9.063   9.728   1.00 21.72 ? 353 HOH A O   1 
HETATM 1179 O O   . HOH C 3 .   ? -11.651 -11.514 9.775   1.00 24.82 ? 354 HOH A O   1 
HETATM 1180 O O   . HOH C 3 .   ? 18.735  4.042   -9.704  1.00 32.57 ? 355 HOH A O   1 
HETATM 1181 O O   . HOH C 3 .   ? -15.377 -13.514 0.414   1.00 36.29 ? 356 HOH A O   1 
HETATM 1182 O O   . HOH C 3 .   ? -12.416 11.091  5.117   1.00 28.50 ? 357 HOH A O   1 
HETATM 1183 O O   . HOH C 3 .   ? 11.170  -4.353  8.337   1.00 17.92 ? 358 HOH A O   1 
HETATM 1184 O O   . HOH C 3 .   ? -1.690  12.395  2.133   1.00 22.60 ? 359 HOH A O   1 
HETATM 1185 O O   . HOH C 3 .   ? -4.965  8.694   10.493  1.00 16.24 ? 360 HOH A O   1 
HETATM 1186 O O   . HOH C 3 .   ? -10.609 -5.348  -7.199  1.00 19.41 ? 361 HOH A O   1 
HETATM 1187 O O   . HOH C 3 .   ? -16.317 4.287   -2.564  1.00 32.14 ? 362 HOH A O   1 
HETATM 1188 O O   . HOH C 3 .   ? -15.986 11.563  0.521   1.00 33.38 ? 363 HOH A O   1 
HETATM 1189 O O   . HOH C 3 .   ? 13.799  6.576   4.690   1.00 24.32 ? 364 HOH A O   1 
HETATM 1190 O O   . HOH C 3 .   ? 10.082  6.224   -12.669 1.00 32.32 ? 365 HOH A O   1 
HETATM 1191 O O   . HOH C 3 .   ? 9.688   -9.926  2.497   0.50 19.90 ? 366 HOH A O   1 
HETATM 1192 O O   . HOH C 3 .   ? 16.179  1.097   -10.987 1.00 26.23 ? 367 HOH A O   1 
HETATM 1193 O O   . HOH C 3 .   ? 11.648  4.644   -6.477  1.00 27.43 ? 368 HOH A O   1 
HETATM 1194 O O   . HOH C 3 .   ? 13.107  -0.321  8.635   1.00 21.62 ? 369 HOH A O   1 
HETATM 1195 O O   . HOH C 3 .   ? -6.672  14.269  -0.472  1.00 34.63 ? 370 HOH A O   1 
HETATM 1196 O O   . HOH C 3 .   ? 16.677  -12.052 -2.641  1.00 18.08 ? 371 HOH A O   1 
HETATM 1197 O O   . HOH C 3 .   ? -13.284 -10.404 -3.536  1.00 23.63 ? 372 HOH A O   1 
HETATM 1198 O O   . HOH C 3 .   ? 9.538   11.550  -5.202  1.00 42.14 ? 373 HOH A O   1 
HETATM 1199 O O   . HOH C 3 .   ? -8.279  -11.514 7.987   1.00 16.22 ? 374 HOH A O   1 
HETATM 1200 O O   . HOH C 3 .   ? -5.580  -16.220 -3.651  1.00 35.27 ? 375 HOH A O   1 
HETATM 1201 O O   . HOH C 3 .   ? 1.344   1.472   16.045  1.00 38.89 ? 376 HOH A O   1 
HETATM 1202 O O   . HOH C 3 .   ? 20.950  0.169   -4.601  1.00 33.69 ? 377 HOH A O   1 
HETATM 1203 O O   . HOH C 3 .   ? 1.485   -5.259  -16.121 1.00 28.14 ? 378 HOH A O   1 
HETATM 1204 O O   . HOH C 3 .   ? 6.455   8.733   -11.767 1.00 30.32 ? 379 HOH A O   1 
HETATM 1205 O O   . HOH C 3 .   ? -10.259 -17.173 -2.591  1.00 31.83 ? 380 HOH A O   1 
HETATM 1206 O O   . HOH C 3 .   ? 15.010  -6.457  5.814   1.00 15.32 ? 381 HOH A O   1 
HETATM 1207 O O   . HOH C 3 .   ? 19.397  -11.445 -8.003  1.00 20.07 ? 382 HOH A O   1 
HETATM 1208 O O   . HOH C 3 .   ? -1.375  11.621  8.838   1.00 26.40 ? 383 HOH A O   1 
HETATM 1209 O O   . HOH C 3 .   ? 16.620  9.264   -3.205  1.00 39.16 ? 384 HOH A O   1 
HETATM 1210 O O   . HOH C 3 .   ? -15.006 -5.209  -6.963  1.00 37.04 ? 385 HOH A O   1 
HETATM 1211 O O   . HOH C 3 .   ? -14.316 -4.269  -9.948  1.00 42.65 ? 386 HOH A O   1 
HETATM 1212 O O   . HOH C 3 .   ? -8.216  -18.453 7.172   1.00 34.86 ? 387 HOH A O   1 
HETATM 1213 O O   . HOH C 3 .   ? 2.248   -12.334 -3.045  1.00 36.98 ? 388 HOH A O   1 
HETATM 1214 O O   . HOH C 3 .   ? 10.465  -8.535  4.131   0.50 16.56 ? 389 HOH A O   1 
HETATM 1215 O O   . HOH C 3 .   ? 10.039  -3.116  14.458  1.00 38.60 ? 390 HOH A O   1 
HETATM 1216 O O   . HOH C 3 .   ? 17.453  -11.557 -5.499  1.00 23.24 ? 391 HOH A O   1 
HETATM 1217 O O   . HOH C 3 .   ? -2.258  4.030   -14.846 1.00 14.95 ? 392 HOH A O   1 
HETATM 1218 O O   . HOH C 3 .   ? 0.833   2.929   8.726   1.00 24.12 ? 393 HOH A O   1 
HETATM 1219 O O   . HOH C 3 .   ? -7.083  -18.196 -0.798  1.00 32.13 ? 394 HOH A O   1 
HETATM 1220 O O   . HOH C 3 .   ? -4.403  17.373  4.693   1.00 38.27 ? 395 HOH A O   1 
HETATM 1221 O O   . HOH C 3 .   ? -16.580 7.623   0.204   1.00 27.56 ? 396 HOH A O   1 
HETATM 1222 O O   . HOH C 3 .   ? -11.447 -8.731  10.431  1.00 19.99 ? 397 HOH A O   1 
HETATM 1223 O O   . HOH C 3 .   ? -9.609  15.402  -2.422  1.00 39.29 ? 398 HOH A O   1 
HETATM 1224 O O   . HOH C 3 .   ? -5.818  -15.614 -7.127  1.00 30.53 ? 399 HOH A O   1 
HETATM 1225 O O   . HOH C 3 .   ? -9.929  -7.689  -9.315  1.00 30.96 ? 400 HOH A O   1 
HETATM 1226 O O   . HOH C 3 .   ? -1.872  1.351   -14.660 1.00 18.56 ? 401 HOH A O   1 
HETATM 1227 O O   . HOH C 3 .   ? 6.783   5.761   14.422  1.00 28.00 ? 402 HOH A O   1 
HETATM 1228 O O   . HOH C 3 .   ? 3.649   2.192   14.202  1.00 25.40 ? 403 HOH A O   1 
HETATM 1229 O O   . HOH C 3 .   ? 7.786   -0.508  -15.843 1.00 32.51 ? 404 HOH A O   1 
HETATM 1230 O O   . HOH C 3 .   ? 11.880  0.834   12.787  1.00 28.09 ? 405 HOH A O   1 
HETATM 1231 O O   . HOH C 3 .   ? 3.212   9.966   -5.481  1.00 22.18 ? 406 HOH A O   1 
HETATM 1232 O O   . HOH C 3 .   ? -17.030 -7.390  -3.652  1.00 37.99 ? 407 HOH A O   1 
HETATM 1233 O O   . HOH C 3 .   ? -13.617 9.870   -6.701  1.00 24.08 ? 408 HOH A O   1 
HETATM 1234 O O   . HOH C 3 .   ? -3.443  -9.982  -12.903 1.00 33.37 ? 409 HOH A O   1 
HETATM 1235 O O   . HOH C 3 .   ? 12.131  -2.550  10.068  1.00 22.71 ? 410 HOH A O   1 
HETATM 1236 O O   . HOH C 3 .   ? -0.052  4.862   15.566  1.00 29.19 ? 411 HOH A O   1 
HETATM 1237 O O   . HOH C 3 .   ? -1.668  14.850  7.214   1.00 38.98 ? 412 HOH A O   1 
HETATM 1238 O O   . HOH C 3 .   ? -16.364 2.216   -1.085  1.00 19.59 ? 413 HOH A O   1 
HETATM 1239 O O   . HOH C 3 .   ? -17.512 3.299   1.563   1.00 21.59 ? 414 HOH A O   1 
HETATM 1240 O O   . HOH C 3 .   ? -18.057 -3.693  7.665   1.00 24.09 ? 415 HOH A O   1 
HETATM 1241 O O   . HOH C 3 .   ? 3.873   -3.645  -17.407 1.00 39.97 ? 416 HOH A O   1 
HETATM 1242 O O   . HOH C 3 .   ? -2.805  -7.015  16.767  1.00 28.13 ? 417 HOH A O   1 
HETATM 1243 O O   . HOH C 3 .   ? -11.659 -11.461 -5.669  1.00 25.96 ? 418 HOH A O   1 
HETATM 1244 O O   . HOH C 3 .   ? -17.246 -1.367  9.511   1.00 40.02 ? 419 HOH A O   1 
HETATM 1245 O O   . HOH C 3 .   ? 18.471  2.367   3.031   1.00 38.50 ? 420 HOH A O   1 
HETATM 1246 O O   . HOH C 3 .   ? -6.166  -17.712 2.260   1.00 14.19 ? 421 HOH A O   1 
HETATM 1247 O O   . HOH C 3 .   ? -15.019 -14.512 -4.495  1.00 42.19 ? 422 HOH A O   1 
HETATM 1248 O O   . HOH C 3 .   ? -9.264  -4.273  16.684  1.00 25.23 ? 423 HOH A O   1 
HETATM 1249 O O   . HOH C 3 .   ? -17.239 1.034   -5.124  1.00 31.14 ? 424 HOH A O   1 
HETATM 1250 O O   . HOH C 3 .   ? -11.813 -18.503 7.851   1.00 37.55 ? 425 HOH A O   1 
HETATM 1251 O O   . HOH C 3 .   ? -17.110 -2.651  -2.417  1.00 32.26 ? 426 HOH A O   1 
HETATM 1252 O O   . HOH C 3 .   ? -2.971  -14.358 14.426  1.00 33.25 ? 427 HOH A O   1 
HETATM 1253 O O   . HOH C 3 .   ? 2.999   -0.098  16.242  1.00 37.03 ? 428 HOH A O   1 
HETATM 1254 O O   . HOH C 3 .   ? -10.576 -15.996 -4.952  1.00 32.92 ? 429 HOH A O   1 
HETATM 1255 O O   . HOH C 3 .   ? 1.458   13.597  -13.805 1.00 29.36 ? 430 HOH A O   1 
HETATM 1256 O O   . HOH C 3 .   ? -12.485 11.481  -5.408  1.00 32.39 ? 431 HOH A O   1 
HETATM 1257 O O   . HOH C 3 .   ? 10.779  10.894  -3.432  1.00 39.53 ? 432 HOH A O   1 
HETATM 1258 O O   . HOH C 3 .   ? 4.296   -4.267  14.828  1.00 40.48 ? 433 HOH A O   1 
HETATM 1259 O O   . HOH C 3 .   ? -15.335 -4.259  9.010   1.00 34.90 ? 434 HOH A O   1 
HETATM 1260 O O   . HOH C 3 .   ? 19.668  -4.465  -10.022 1.00 36.07 ? 435 HOH A O   1 
HETATM 1261 O O   . HOH C 3 .   ? -19.204 -4.146  -1.760  1.00 33.73 ? 436 HOH A O   1 
HETATM 1262 O O   . HOH C 3 .   ? -8.389  -16.701 -6.601  1.00 39.36 ? 437 HOH A O   1 
HETATM 1263 O O   . HOH C 3 .   ? -6.532  -6.308  19.773  1.00 48.37 ? 438 HOH A O   1 
HETATM 1264 O O   . HOH C 3 .   ? 13.160  1.739   10.407  1.00 27.69 ? 439 HOH A O   1 
HETATM 1265 O O   . HOH C 3 .   ? 11.855  -3.432  -14.121 1.00 42.11 ? 440 HOH A O   1 
HETATM 1266 O O   . HOH C 3 .   ? 13.392  -1.421  13.167  1.00 33.00 ? 441 HOH A O   1 
HETATM 1267 O O   . HOH C 3 .   ? -12.559 -13.920 -5.592  1.00 36.97 ? 442 HOH A O   1 
HETATM 1268 O O   . HOH C 3 .   ? 20.626  0.560   -1.394  1.00 36.74 ? 443 HOH A O   1 
HETATM 1269 O O   . HOH C 3 .   ? 15.481  7.066   7.020   1.00 41.73 ? 444 HOH A O   1 
HETATM 1270 O O   . HOH C 3 .   ? 13.492  -2.157  -12.080 1.00 35.75 ? 445 HOH A O   1 
HETATM 1271 O O   . HOH C 3 .   ? 12.274  -3.798  14.254  1.00 37.44 ? 446 HOH A O   1 
HETATM 1272 O O   . HOH C 3 .   ? -13.118 9.418   -8.998  1.00 36.83 ? 447 HOH A O   1 
HETATM 1273 O O   . HOH C 3 .   ? 23.327  -1.040  -5.847  1.00 43.88 ? 448 HOH A O   1 
HETATM 1274 O O   . HOH C 3 .   ? -11.158 -5.975  16.339  1.00 40.67 ? 449 HOH A O   1 
HETATM 1275 O O   . HOH C 3 .   ? -16.308 7.807   6.675   1.00 39.08 ? 450 HOH A O   1 
HETATM 1276 O O   . HOH C 3 .   ? -17.123 5.993   2.090   1.00 24.84 ? 451 HOH A O   1 
HETATM 1277 O O   . HOH C 3 .   ? -13.179 -6.024  -8.109  1.00 31.44 ? 452 HOH A O   1 
HETATM 1278 O O   . HOH C 3 .   ? -17.457 -0.020  -2.467  1.00 25.38 ? 453 HOH A O   1 
HETATM 1279 O O   . HOH C 3 .   ? -7.509  -3.908  18.896  1.00 38.07 ? 454 HOH A O   1 
HETATM 1280 O O   . HOH C 3 .   ? -10.400 -8.295  13.452  1.00 27.84 ? 455 HOH A O   1 
HETATM 1281 O O   . HOH C 3 .   ? -3.211  3.694   17.325  1.00 31.79 ? 456 HOH A O   1 
HETATM 1282 O O   . HOH C 3 .   ? -17.944 10.089  0.691   1.00 39.23 ? 457 HOH A O   1 
HETATM 1283 O O   . HOH C 3 .   ? -14.856 -11.170 10.430  1.00 36.72 ? 458 HOH A O   1 
HETATM 1284 O O   . HOH C 3 .   ? -20.812 1.024   1.175   1.00 38.40 ? 459 HOH A O   1 
HETATM 1285 O O   . HOH C 3 .   ? -14.886 -8.899  -5.265  1.00 37.84 ? 460 HOH A O   1 
HETATM 1286 O O   . HOH C 3 .   ? -3.222  -18.215 1.578   1.00 40.42 ? 461 HOH A O   1 
HETATM 1287 O O   . HOH C 3 .   ? -3.006  14.028  -10.047 1.00 30.96 ? 462 HOH A O   1 
HETATM 1288 O O   . HOH C 3 .   ? -20.174 0.506   -1.007  1.00 37.51 ? 463 HOH A O   1 
HETATM 1289 O O   . HOH C 3 .   ? -7.600  -20.112 2.344   1.00 40.63 ? 464 HOH A O   1 
# 
loop_
_pdbx_poly_seq_scheme.asym_id 
_pdbx_poly_seq_scheme.entity_id 
_pdbx_poly_seq_scheme.seq_id 
_pdbx_poly_seq_scheme.mon_id 
_pdbx_poly_seq_scheme.ndb_seq_num 
_pdbx_poly_seq_scheme.pdb_seq_num 
_pdbx_poly_seq_scheme.auth_seq_num 
_pdbx_poly_seq_scheme.pdb_mon_id 
_pdbx_poly_seq_scheme.auth_mon_id 
_pdbx_poly_seq_scheme.pdb_strand_id 
_pdbx_poly_seq_scheme.pdb_ins_code 
_pdbx_poly_seq_scheme.hetero 
A 1 1   GLY 1   1   ?   ?   ?   A . n 
A 1 2   SER 2   2   ?   ?   ?   A . n 
A 1 3   HIS 3   3   ?   ?   ?   A . n 
A 1 4   MET 4   4   4   MET MET A . n 
A 1 5   GLN 5   5   5   GLN GLN A . n 
A 1 6   VAL 6   6   6   VAL VAL A . n 
A 1 7   PRO 7   7   7   PRO PRO A . n 
A 1 8   HIS 8   8   8   HIS HIS A . n 
A 1 9   THR 9   9   9   THR THR A . n 
A 1 10  GLU 10  10  10  GLU GLU A . n 
A 1 11  SER 11  11  11  SER SER A . n 
A 1 12  VAL 12  12  12  VAL VAL A . n 
A 1 13  SER 13  13  13  SER SER A . n 
A 1 14  LEU 14  14  14  LEU LEU A . n 
A 1 15  SER 15  15  15  SER SER A . n 
A 1 16  ALA 16  16  16  ALA ALA A . n 
A 1 17  GLY 17  17  17  GLY GLY A . n 
A 1 18  SER 18  18  18  SER SER A . n 
A 1 19  THR 19  19  19  THR THR A . n 
A 1 20  VAL 20  20  20  VAL VAL A . n 
A 1 21  THR 21  21  21  THR THR A . n 
A 1 22  ILE 22  22  22  ILE ILE A . n 
A 1 23  LYS 23  23  23  LYS LYS A . n 
A 1 24  GLY 24  24  24  GLY GLY A . n 
A 1 25  ARG 25  25  25  ARG ARG A . n 
A 1 26  PRO 26  26  26  PRO PRO A . n 
A 1 27  LEU 27  27  27  LEU LEU A . n 
A 1 28  VAL 28  28  28  VAL VAL A . n 
A 1 29  CYS 29  29  29  CYS CYS A . n 
A 1 30  PHE 30  30  30  PHE PHE A . n 
A 1 31  PHE 31  31  31  PHE PHE A . n 
A 1 32  ASN 32  32  32  ASN ASN A . n 
A 1 33  GLU 33  33  33  GLU GLU A . n 
A 1 34  PRO 34  34  34  PRO PRO A . n 
A 1 35  HIS 35  35  35  HIS HIS A . n 
A 1 36  LEU 36  36  36  LEU LEU A . n 
A 1 37  GLN 37  37  37  GLN GLN A . n 
A 1 38  VAL 38  38  38  VAL VAL A . n 
A 1 39  ASP 39  39  39  ASP ASP A . n 
A 1 40  PHE 40  40  40  PHE PHE A . n 
A 1 41  HIS 41  41  41  HIS HIS A . n 
A 1 42  THR 42  42  42  THR THR A . n 
A 1 43  GLU 43  43  43  GLU GLU A . n 
A 1 44  MET 44  44  44  MET MET A . n 
A 1 45  LYS 45  45  45  LYS LYS A . n 
A 1 46  GLU 46  46  46  GLU GLU A . n 
A 1 47  ASP 47  47  47  ASP ASP A . n 
A 1 48  SER 48  48  48  SER SER A . n 
A 1 49  ASP 49  49  49  ASP ASP A . n 
A 1 50  ILE 50  50  50  ILE ILE A . n 
A 1 51  ALA 51  51  51  ALA ALA A . n 
A 1 52  PHE 52  52  52  PHE PHE A . n 
A 1 53  HIS 53  53  53  HIS HIS A . n 
A 1 54  PHE 54  54  54  PHE PHE A . n 
A 1 55  GLN 55  55  55  GLN GLN A . n 
A 1 56  VAL 56  56  56  VAL VAL A . n 
A 1 57  TYR 57  57  57  TYR TYR A . n 
A 1 58  PHE 58  58  58  PHE PHE A . n 
A 1 59  GLY 59  59  59  GLY GLY A . n 
A 1 60  ASN 60  60  60  ASN ASN A . n 
A 1 61  ARG 61  61  61  ARG ARG A . n 
A 1 62  VAL 62  62  62  VAL VAL A . n 
A 1 63  VAL 63  63  63  VAL VAL A . n 
A 1 64  MET 64  64  64  MET MET A . n 
A 1 65  ASN 65  65  65  ASN ASN A . n 
A 1 66  SER 66  66  66  SER SER A . n 
A 1 67  ARG 67  67  67  ARG ARG A . n 
A 1 68  GLU 68  68  68  GLU GLU A . n 
A 1 69  PHE 69  69  69  PHE PHE A . n 
A 1 70  LYS 70  70  70  LYS LYS A . n 
A 1 71  ILE 71  71  71  ILE ILE A . n 
A 1 72  TRP 72  72  72  TRP TRP A . n 
A 1 73  LYS 73  73  73  LYS LYS A . n 
A 1 74  GLU 74  74  74  GLU GLU A . n 
A 1 75  GLU 75  75  75  GLU GLU A . n 
A 1 76  VAL 76  76  76  VAL VAL A . n 
A 1 77  GLU 77  77  77  GLU GLU A . n 
A 1 78  SER 78  78  78  SER SER A . n 
A 1 79  LYS 79  79  79  LYS LYS A . n 
A 1 80  ASN 80  80  80  ASN ASN A . n 
A 1 81  MET 81  81  81  MET MET A . n 
A 1 82  PRO 82  82  82  PRO PRO A . n 
A 1 83  PHE 83  83  83  PHE PHE A . n 
A 1 84  GLN 84  84  84  GLN GLN A . n 
A 1 85  ASP 85  85  85  ASP ASP A . n 
A 1 86  GLY 86  86  86  GLY GLY A . n 
A 1 87  GLN 87  87  87  GLN GLN A . n 
A 1 88  GLU 88  88  88  GLU GLU A . n 
A 1 89  PHE 89  89  89  PHE PHE A . n 
A 1 90  GLU 90  90  90  GLU GLU A . n 
A 1 91  LEU 91  91  91  LEU LEU A . n 
A 1 92  SER 92  92  92  SER SER A . n 
A 1 93  ILE 93  93  93  ILE ILE A . n 
A 1 94  LEU 94  94  94  LEU LEU A . n 
A 1 95  VAL 95  95  95  VAL VAL A . n 
A 1 96  LEU 96  96  96  LEU LEU A . n 
A 1 97  GLU 97  97  97  GLU GLU A . n 
A 1 98  ASP 98  98  98  ASP ASP A . n 
A 1 99  LYS 99  99  99  LYS LYS A . n 
A 1 100 TYR 100 100 100 TYR TYR A . n 
A 1 101 GLN 101 101 101 GLN GLN A . n 
A 1 102 VAL 102 102 102 VAL VAL A . n 
A 1 103 MET 103 103 103 MET MET A . n 
A 1 104 VAL 104 104 104 VAL VAL A . n 
A 1 105 ASN 105 105 105 ASN ASN A . n 
A 1 106 GLY 106 106 106 GLY GLY A . n 
A 1 107 GLN 107 107 107 GLN GLN A . n 
A 1 108 ALA 108 108 108 ALA ALA A . n 
A 1 109 TYR 109 109 109 TYR TYR A . n 
A 1 110 TYR 110 110 110 TYR TYR A . n 
A 1 111 ASN 111 111 111 ASN ASN A . n 
A 1 112 PHE 112 112 112 PHE PHE A . n 
A 1 113 ASN 113 113 113 ASN ASN A . n 
A 1 114 HIS 114 114 114 HIS HIS A . n 
A 1 115 ARG 115 115 115 ARG ARG A . n 
A 1 116 ILE 116 116 116 ILE ILE A . n 
A 1 117 PRO 117 117 117 PRO PRO A . n 
A 1 118 VAL 118 118 118 VAL VAL A . n 
A 1 119 SER 119 119 119 SER SER A . n 
A 1 120 SER 120 120 120 SER SER A . n 
A 1 121 VAL 121 121 121 VAL VAL A . n 
A 1 122 LYS 122 122 122 LYS LYS A . n 
A 1 123 MET 123 123 123 MET MET A . n 
A 1 124 VAL 124 124 124 VAL VAL A . n 
A 1 125 GLN 125 125 125 GLN GLN A . n 
A 1 126 VAL 126 126 126 VAL VAL A . n 
A 1 127 TRP 127 127 127 TRP TRP A . n 
A 1 128 ARG 128 128 128 ARG ARG A . n 
A 1 129 ASP 129 129 129 ASP ASP A . n 
A 1 130 ILE 130 130 130 ILE ILE A . n 
A 1 131 SER 131 131 131 SER SER A . n 
A 1 132 LEU 132 132 132 LEU LEU A . n 
A 1 133 THR 133 133 133 THR THR A . n 
A 1 134 LYS 134 134 134 LYS LYS A . n 
A 1 135 PHE 135 135 135 PHE PHE A . n 
A 1 136 ASN 136 136 136 ASN ASN A . n 
A 1 137 VAL 137 137 137 VAL VAL A . n 
A 1 138 SER 138 138 138 SER SER A . n 
A 1 139 ASN 139 139 139 ASN ASN A . n 
# 
_pdbx_contact_author.id                 2 
_pdbx_contact_author.email              sujy100@nenu.edu.cn 
_pdbx_contact_author.name_first         Jiyong 
_pdbx_contact_author.name_last          Su 
_pdbx_contact_author.name_mi            ? 
_pdbx_contact_author.role               'principal investigator/group leader' 
_pdbx_contact_author.identifier_ORCID   0000-0001-8406-1676 
# 
loop_
_pdbx_nonpoly_scheme.asym_id 
_pdbx_nonpoly_scheme.entity_id 
_pdbx_nonpoly_scheme.mon_id 
_pdbx_nonpoly_scheme.ndb_seq_num 
_pdbx_nonpoly_scheme.pdb_seq_num 
_pdbx_nonpoly_scheme.auth_seq_num 
_pdbx_nonpoly_scheme.pdb_mon_id 
_pdbx_nonpoly_scheme.auth_mon_id 
_pdbx_nonpoly_scheme.pdb_strand_id 
_pdbx_nonpoly_scheme.pdb_ins_code 
B 2 GOL 1   201 201 GOL LIG A . 
C 3 HOH 1   301 100 HOH HOH A . 
C 3 HOH 2   302 55  HOH HOH A . 
C 3 HOH 3   303 56  HOH HOH A . 
C 3 HOH 4   304 49  HOH HOH A . 
C 3 HOH 5   305 163 HOH HOH A . 
C 3 HOH 6   306 152 HOH HOH A . 
C 3 HOH 7   307 83  HOH HOH A . 
C 3 HOH 8   308 133 HOH HOH A . 
C 3 HOH 9   309 78  HOH HOH A . 
C 3 HOH 10  310 86  HOH HOH A . 
C 3 HOH 11  311 32  HOH HOH A . 
C 3 HOH 12  312 104 HOH HOH A . 
C 3 HOH 13  313 117 HOH HOH A . 
C 3 HOH 14  314 57  HOH HOH A . 
C 3 HOH 15  315 167 HOH HOH A . 
C 3 HOH 16  316 38  HOH HOH A . 
C 3 HOH 17  317 21  HOH HOH A . 
C 3 HOH 18  318 84  HOH HOH A . 
C 3 HOH 19  319 13  HOH HOH A . 
C 3 HOH 20  320 102 HOH HOH A . 
C 3 HOH 21  321 2   HOH HOH A . 
C 3 HOH 22  322 160 HOH HOH A . 
C 3 HOH 23  323 26  HOH HOH A . 
C 3 HOH 24  324 106 HOH HOH A . 
C 3 HOH 25  325 145 HOH HOH A . 
C 3 HOH 26  326 158 HOH HOH A . 
C 3 HOH 27  327 85  HOH HOH A . 
C 3 HOH 28  328 4   HOH HOH A . 
C 3 HOH 29  329 132 HOH HOH A . 
C 3 HOH 30  330 5   HOH HOH A . 
C 3 HOH 31  331 90  HOH HOH A . 
C 3 HOH 32  332 148 HOH HOH A . 
C 3 HOH 33  333 23  HOH HOH A . 
C 3 HOH 34  334 80  HOH HOH A . 
C 3 HOH 35  335 54  HOH HOH A . 
C 3 HOH 36  336 17  HOH HOH A . 
C 3 HOH 37  337 81  HOH HOH A . 
C 3 HOH 38  338 22  HOH HOH A . 
C 3 HOH 39  339 63  HOH HOH A . 
C 3 HOH 40  340 47  HOH HOH A . 
C 3 HOH 41  341 99  HOH HOH A . 
C 3 HOH 42  342 70  HOH HOH A . 
C 3 HOH 43  343 95  HOH HOH A . 
C 3 HOH 44  344 58  HOH HOH A . 
C 3 HOH 45  345 108 HOH HOH A . 
C 3 HOH 46  346 6   HOH HOH A . 
C 3 HOH 47  347 42  HOH HOH A . 
C 3 HOH 48  348 137 HOH HOH A . 
C 3 HOH 49  349 51  HOH HOH A . 
C 3 HOH 50  350 66  HOH HOH A . 
C 3 HOH 51  351 41  HOH HOH A . 
C 3 HOH 52  352 20  HOH HOH A . 
C 3 HOH 53  353 30  HOH HOH A . 
C 3 HOH 54  354 68  HOH HOH A . 
C 3 HOH 55  355 67  HOH HOH A . 
C 3 HOH 56  356 88  HOH HOH A . 
C 3 HOH 57  357 76  HOH HOH A . 
C 3 HOH 58  358 18  HOH HOH A . 
C 3 HOH 59  359 43  HOH HOH A . 
C 3 HOH 60  360 10  HOH HOH A . 
C 3 HOH 61  361 12  HOH HOH A . 
C 3 HOH 62  362 94  HOH HOH A . 
C 3 HOH 63  363 97  HOH HOH A . 
C 3 HOH 64  364 24  HOH HOH A . 
C 3 HOH 65  365 98  HOH HOH A . 
C 3 HOH 66  366 36  HOH HOH A . 
C 3 HOH 67  367 53  HOH HOH A . 
C 3 HOH 68  368 79  HOH HOH A . 
C 3 HOH 69  369 33  HOH HOH A . 
C 3 HOH 70  370 89  HOH HOH A . 
C 3 HOH 71  371 15  HOH HOH A . 
C 3 HOH 72  372 59  HOH HOH A . 
C 3 HOH 73  373 165 HOH HOH A . 
C 3 HOH 74  374 3   HOH HOH A . 
C 3 HOH 75  375 150 HOH HOH A . 
C 3 HOH 76  376 115 HOH HOH A . 
C 3 HOH 77  377 91  HOH HOH A . 
C 3 HOH 78  378 72  HOH HOH A . 
C 3 HOH 79  379 121 HOH HOH A . 
C 3 HOH 80  380 64  HOH HOH A . 
C 3 HOH 81  381 11  HOH HOH A . 
C 3 HOH 82  382 8   HOH HOH A . 
C 3 HOH 83  383 34  HOH HOH A . 
C 3 HOH 84  384 139 HOH HOH A . 
C 3 HOH 85  385 159 HOH HOH A . 
C 3 HOH 86  386 142 HOH HOH A . 
C 3 HOH 87  387 92  HOH HOH A . 
C 3 HOH 88  388 131 HOH HOH A . 
C 3 HOH 89  389 16  HOH HOH A . 
C 3 HOH 90  390 147 HOH HOH A . 
C 3 HOH 91  391 27  HOH HOH A . 
C 3 HOH 92  392 7   HOH HOH A . 
C 3 HOH 93  393 125 HOH HOH A . 
C 3 HOH 94  394 65  HOH HOH A . 
C 3 HOH 95  395 151 HOH HOH A . 
C 3 HOH 96  396 60  HOH HOH A . 
C 3 HOH 97  397 28  HOH HOH A . 
C 3 HOH 98  398 112 HOH HOH A . 
C 3 HOH 99  399 129 HOH HOH A . 
C 3 HOH 100 400 107 HOH HOH A . 
C 3 HOH 101 401 25  HOH HOH A . 
C 3 HOH 102 402 69  HOH HOH A . 
C 3 HOH 103 403 19  HOH HOH A . 
C 3 HOH 104 404 87  HOH HOH A . 
C 3 HOH 105 405 46  HOH HOH A . 
C 3 HOH 106 406 39  HOH HOH A . 
C 3 HOH 107 407 144 HOH HOH A . 
C 3 HOH 108 408 44  HOH HOH A . 
C 3 HOH 109 409 61  HOH HOH A . 
C 3 HOH 110 410 40  HOH HOH A . 
C 3 HOH 111 411 103 HOH HOH A . 
C 3 HOH 112 412 164 HOH HOH A . 
C 3 HOH 113 413 14  HOH HOH A . 
C 3 HOH 114 414 29  HOH HOH A . 
C 3 HOH 115 415 31  HOH HOH A . 
C 3 HOH 116 416 105 HOH HOH A . 
C 3 HOH 117 417 50  HOH HOH A . 
C 3 HOH 118 418 37  HOH HOH A . 
C 3 HOH 119 419 168 HOH HOH A . 
C 3 HOH 120 420 166 HOH HOH A . 
C 3 HOH 121 421 1   HOH HOH A . 
C 3 HOH 122 422 75  HOH HOH A . 
C 3 HOH 123 423 45  HOH HOH A . 
C 3 HOH 124 424 77  HOH HOH A . 
C 3 HOH 125 425 124 HOH HOH A . 
C 3 HOH 126 426 73  HOH HOH A . 
C 3 HOH 127 427 136 HOH HOH A . 
C 3 HOH 128 428 135 HOH HOH A . 
C 3 HOH 129 429 110 HOH HOH A . 
C 3 HOH 130 430 123 HOH HOH A . 
C 3 HOH 131 431 143 HOH HOH A . 
C 3 HOH 132 432 157 HOH HOH A . 
C 3 HOH 133 433 109 HOH HOH A . 
C 3 HOH 134 434 111 HOH HOH A . 
C 3 HOH 135 435 116 HOH HOH A . 
C 3 HOH 136 436 74  HOH HOH A . 
C 3 HOH 137 437 149 HOH HOH A . 
C 3 HOH 138 438 118 HOH HOH A . 
C 3 HOH 139 439 71  HOH HOH A . 
C 3 HOH 140 440 113 HOH HOH A . 
C 3 HOH 141 441 122 HOH HOH A . 
C 3 HOH 142 442 120 HOH HOH A . 
C 3 HOH 143 443 155 HOH HOH A . 
C 3 HOH 144 444 146 HOH HOH A . 
C 3 HOH 145 445 114 HOH HOH A . 
C 3 HOH 146 446 140 HOH HOH A . 
C 3 HOH 147 447 134 HOH HOH A . 
C 3 HOH 148 448 126 HOH HOH A . 
C 3 HOH 149 449 161 HOH HOH A . 
C 3 HOH 150 450 169 HOH HOH A . 
C 3 HOH 151 451 52  HOH HOH A . 
C 3 HOH 152 452 62  HOH HOH A . 
C 3 HOH 153 453 35  HOH HOH A . 
C 3 HOH 154 454 93  HOH HOH A . 
C 3 HOH 155 455 48  HOH HOH A . 
C 3 HOH 156 456 127 HOH HOH A . 
C 3 HOH 157 457 119 HOH HOH A . 
C 3 HOH 158 458 130 HOH HOH A . 
C 3 HOH 159 459 141 HOH HOH A . 
C 3 HOH 160 460 153 HOH HOH A . 
C 3 HOH 161 461 101 HOH HOH A . 
C 3 HOH 162 462 128 HOH HOH A . 
C 3 HOH 163 463 154 HOH HOH A . 
C 3 HOH 164 464 162 HOH HOH A . 
# 
_pdbx_struct_assembly.id                   1 
_pdbx_struct_assembly.details              author_and_software_defined_assembly 
_pdbx_struct_assembly.method_details       PISA 
_pdbx_struct_assembly.oligomeric_details   dimeric 
_pdbx_struct_assembly.oligomeric_count     2 
# 
_pdbx_struct_assembly_gen.assembly_id       1 
_pdbx_struct_assembly_gen.oper_expression   1,2 
_pdbx_struct_assembly_gen.asym_id_list      A,B,C 
# 
loop_
_pdbx_struct_assembly_prop.biol_id 
_pdbx_struct_assembly_prop.type 
_pdbx_struct_assembly_prop.value 
_pdbx_struct_assembly_prop.details 
1 'ABSA (A^2)' 2110  ? 
1 MORE         -6    ? 
1 'SSA (A^2)'  12220 ? 
# 
loop_
_pdbx_struct_oper_list.id 
_pdbx_struct_oper_list.type 
_pdbx_struct_oper_list.name 
_pdbx_struct_oper_list.symmetry_operation 
_pdbx_struct_oper_list.matrix[1][1] 
_pdbx_struct_oper_list.matrix[1][2] 
_pdbx_struct_oper_list.matrix[1][3] 
_pdbx_struct_oper_list.vector[1] 
_pdbx_struct_oper_list.matrix[2][1] 
_pdbx_struct_oper_list.matrix[2][2] 
_pdbx_struct_oper_list.matrix[2][3] 
_pdbx_struct_oper_list.vector[2] 
_pdbx_struct_oper_list.matrix[3][1] 
_pdbx_struct_oper_list.matrix[3][2] 
_pdbx_struct_oper_list.matrix[3][3] 
_pdbx_struct_oper_list.vector[3] 
1 'identity operation'         1_555  x,y,z          1.0000000000  0.0000000000 0.0000000000 0.0000000000  0.0000000000 1.0000000000  0.0000000000 0.0000000000   0.0000000000 0.0000000000 1.0000000000 0.0000000000 
2 'crystal symmetry operation' 12_565 x,x-y+1,-z+5/6 -0.7678603132 0.4151793199 0.4878695232 20.0283858983 0.4151793199 -0.2574562753 0.8725493675 -18.6819506584 0.4878695232 0.8725493675 0.0253165885 6.3684575314 
# 
loop_
_pdbx_struct_special_symmetry.id 
_pdbx_struct_special_symmetry.PDB_model_num 
_pdbx_struct_special_symmetry.auth_asym_id 
_pdbx_struct_special_symmetry.auth_comp_id 
_pdbx_struct_special_symmetry.auth_seq_id 
_pdbx_struct_special_symmetry.PDB_ins_code 
_pdbx_struct_special_symmetry.label_asym_id 
_pdbx_struct_special_symmetry.label_comp_id 
_pdbx_struct_special_symmetry.label_seq_id 
1 1 A HOH 366 ? C HOH . 
2 1 A HOH 389 ? C HOH . 
# 
loop_
_pdbx_audit_revision_history.ordinal 
_pdbx_audit_revision_history.data_content_type 
_pdbx_audit_revision_history.major_revision 
_pdbx_audit_revision_history.minor_revision 
_pdbx_audit_revision_history.revision_date 
1 'Structure model' 1 0 2023-04-12 
2 'Structure model' 1 1 2023-05-31 
3 'Structure model' 1 2 2023-11-29 
# 
_pdbx_audit_revision_details.ordinal             1 
_pdbx_audit_revision_details.revision_ordinal    1 
_pdbx_audit_revision_details.data_content_type   'Structure model' 
_pdbx_audit_revision_details.provider            repository 
_pdbx_audit_revision_details.type                'Initial release' 
_pdbx_audit_revision_details.description         ? 
_pdbx_audit_revision_details.details             ? 
# 
loop_
_pdbx_audit_revision_group.ordinal 
_pdbx_audit_revision_group.revision_ordinal 
_pdbx_audit_revision_group.data_content_type 
_pdbx_audit_revision_group.group 
1 2 'Structure model' 'Database references'    
2 3 'Structure model' 'Data collection'        
3 3 'Structure model' 'Refinement description' 
# 
loop_
_pdbx_audit_revision_category.ordinal 
_pdbx_audit_revision_category.revision_ordinal 
_pdbx_audit_revision_category.data_content_type 
_pdbx_audit_revision_category.category 
1 2 'Structure model' citation                      
2 3 'Structure model' chem_comp_atom                
3 3 'Structure model' chem_comp_bond                
4 3 'Structure model' pdbx_initial_refinement_model 
# 
loop_
_pdbx_audit_revision_item.ordinal 
_pdbx_audit_revision_item.revision_ordinal 
_pdbx_audit_revision_item.data_content_type 
_pdbx_audit_revision_item.item 
1 2 'Structure model' '_citation.journal_volume' 
2 2 'Structure model' '_citation.page_first'     
3 2 'Structure model' '_citation.page_last'      
# 
loop_
_software.citation_id 
_software.classification 
_software.compiler_name 
_software.compiler_version 
_software.contact_author 
_software.contact_author_email 
_software.date 
_software.description 
_software.dependencies 
_software.hardware 
_software.language 
_software.location 
_software.mods 
_software.name 
_software.os 
_software.os_version 
_software.type 
_software.version 
_software.pdbx_ordinal 
? refinement        ? ? ? ? ? ? ? ? ? ? ? PHENIX      ? ? ? 1.17_3644 1 
? 'data extraction' ? ? ? ? ? ? ? ? ? ? ? PDB_EXTRACT ? ? ? 3.27      2 
# 
_pdbx_entry_details.entry_id                 7XXW 
_pdbx_entry_details.has_ligand_of_interest   Y 
_pdbx_entry_details.compound_details         ? 
_pdbx_entry_details.source_details           ? 
_pdbx_entry_details.nonpolymer_details       ? 
_pdbx_entry_details.sequence_details         ? 
# 
loop_
_pdbx_validate_torsion.id 
_pdbx_validate_torsion.PDB_model_num 
_pdbx_validate_torsion.auth_comp_id 
_pdbx_validate_torsion.auth_asym_id 
_pdbx_validate_torsion.auth_seq_id 
_pdbx_validate_torsion.PDB_ins_code 
_pdbx_validate_torsion.label_alt_id 
_pdbx_validate_torsion.phi 
_pdbx_validate_torsion.psi 
1 1 ASN A 60  ? ? -132.66 -74.75  
2 1 LYS A 73  ? ? -99.88  -142.25 
3 1 ARG A 128 ? ? 80.52   -145.76 
4 1 ASP A 129 ? ? -95.56  59.64   
# 
loop_
_pdbx_unobs_or_zero_occ_residues.id 
_pdbx_unobs_or_zero_occ_residues.PDB_model_num 
_pdbx_unobs_or_zero_occ_residues.polymer_flag 
_pdbx_unobs_or_zero_occ_residues.occupancy_flag 
_pdbx_unobs_or_zero_occ_residues.auth_asym_id 
_pdbx_unobs_or_zero_occ_residues.auth_comp_id 
_pdbx_unobs_or_zero_occ_residues.auth_seq_id 
_pdbx_unobs_or_zero_occ_residues.PDB_ins_code 
_pdbx_unobs_or_zero_occ_residues.label_asym_id 
_pdbx_unobs_or_zero_occ_residues.label_comp_id 
_pdbx_unobs_or_zero_occ_residues.label_seq_id 
1 1 Y 1 A GLY 1 ? A GLY 1 
2 1 Y 1 A SER 2 ? A SER 2 
3 1 Y 1 A HIS 3 ? A HIS 3 
# 
loop_
_chem_comp_atom.comp_id 
_chem_comp_atom.atom_id 
_chem_comp_atom.type_symbol 
_chem_comp_atom.pdbx_aromatic_flag 
_chem_comp_atom.pdbx_stereo_config 
_chem_comp_atom.pdbx_ordinal 
ALA N    N N N 1   
ALA CA   C N S 2   
ALA C    C N N 3   
ALA O    O N N 4   
ALA CB   C N N 5   
ALA OXT  O N N 6   
ALA H    H N N 7   
ALA H2   H N N 8   
ALA HA   H N N 9   
ALA HB1  H N N 10  
ALA HB2  H N N 11  
ALA HB3  H N N 12  
ALA HXT  H N N 13  
ARG N    N N N 14  
ARG CA   C N S 15  
ARG C    C N N 16  
ARG O    O N N 17  
ARG CB   C N N 18  
ARG CG   C N N 19  
ARG CD   C N N 20  
ARG NE   N N N 21  
ARG CZ   C N N 22  
ARG NH1  N N N 23  
ARG NH2  N N N 24  
ARG OXT  O N N 25  
ARG H    H N N 26  
ARG H2   H N N 27  
ARG HA   H N N 28  
ARG HB2  H N N 29  
ARG HB3  H N N 30  
ARG HG2  H N N 31  
ARG HG3  H N N 32  
ARG HD2  H N N 33  
ARG HD3  H N N 34  
ARG HE   H N N 35  
ARG HH11 H N N 36  
ARG HH12 H N N 37  
ARG HH21 H N N 38  
ARG HH22 H N N 39  
ARG HXT  H N N 40  
ASN N    N N N 41  
ASN CA   C N S 42  
ASN C    C N N 43  
ASN O    O N N 44  
ASN CB   C N N 45  
ASN CG   C N N 46  
ASN OD1  O N N 47  
ASN ND2  N N N 48  
ASN OXT  O N N 49  
ASN H    H N N 50  
ASN H2   H N N 51  
ASN HA   H N N 52  
ASN HB2  H N N 53  
ASN HB3  H N N 54  
ASN HD21 H N N 55  
ASN HD22 H N N 56  
ASN HXT  H N N 57  
ASP N    N N N 58  
ASP CA   C N S 59  
ASP C    C N N 60  
ASP O    O N N 61  
ASP CB   C N N 62  
ASP CG   C N N 63  
ASP OD1  O N N 64  
ASP OD2  O N N 65  
ASP OXT  O N N 66  
ASP H    H N N 67  
ASP H2   H N N 68  
ASP HA   H N N 69  
ASP HB2  H N N 70  
ASP HB3  H N N 71  
ASP HD2  H N N 72  
ASP HXT  H N N 73  
CYS N    N N N 74  
CYS CA   C N R 75  
CYS C    C N N 76  
CYS O    O N N 77  
CYS CB   C N N 78  
CYS SG   S N N 79  
CYS OXT  O N N 80  
CYS H    H N N 81  
CYS H2   H N N 82  
CYS HA   H N N 83  
CYS HB2  H N N 84  
CYS HB3  H N N 85  
CYS HG   H N N 86  
CYS HXT  H N N 87  
GLN N    N N N 88  
GLN CA   C N S 89  
GLN C    C N N 90  
GLN O    O N N 91  
GLN CB   C N N 92  
GLN CG   C N N 93  
GLN CD   C N N 94  
GLN OE1  O N N 95  
GLN NE2  N N N 96  
GLN OXT  O N N 97  
GLN H    H N N 98  
GLN H2   H N N 99  
GLN HA   H N N 100 
GLN HB2  H N N 101 
GLN HB3  H N N 102 
GLN HG2  H N N 103 
GLN HG3  H N N 104 
GLN HE21 H N N 105 
GLN HE22 H N N 106 
GLN HXT  H N N 107 
GLU N    N N N 108 
GLU CA   C N S 109 
GLU C    C N N 110 
GLU O    O N N 111 
GLU CB   C N N 112 
GLU CG   C N N 113 
GLU CD   C N N 114 
GLU OE1  O N N 115 
GLU OE2  O N N 116 
GLU OXT  O N N 117 
GLU H    H N N 118 
GLU H2   H N N 119 
GLU HA   H N N 120 
GLU HB2  H N N 121 
GLU HB3  H N N 122 
GLU HG2  H N N 123 
GLU HG3  H N N 124 
GLU HE2  H N N 125 
GLU HXT  H N N 126 
GLY N    N N N 127 
GLY CA   C N N 128 
GLY C    C N N 129 
GLY O    O N N 130 
GLY OXT  O N N 131 
GLY H    H N N 132 
GLY H2   H N N 133 
GLY HA2  H N N 134 
GLY HA3  H N N 135 
GLY HXT  H N N 136 
GOL C1   C N N 137 
GOL O1   O N N 138 
GOL C2   C N N 139 
GOL O2   O N N 140 
GOL C3   C N N 141 
GOL O3   O N N 142 
GOL H11  H N N 143 
GOL H12  H N N 144 
GOL HO1  H N N 145 
GOL H2   H N N 146 
GOL HO2  H N N 147 
GOL H31  H N N 148 
GOL H32  H N N 149 
GOL HO3  H N N 150 
HIS N    N N N 151 
HIS CA   C N S 152 
HIS C    C N N 153 
HIS O    O N N 154 
HIS CB   C N N 155 
HIS CG   C Y N 156 
HIS ND1  N Y N 157 
HIS CD2  C Y N 158 
HIS CE1  C Y N 159 
HIS NE2  N Y N 160 
HIS OXT  O N N 161 
HIS H    H N N 162 
HIS H2   H N N 163 
HIS HA   H N N 164 
HIS HB2  H N N 165 
HIS HB3  H N N 166 
HIS HD1  H N N 167 
HIS HD2  H N N 168 
HIS HE1  H N N 169 
HIS HE2  H N N 170 
HIS HXT  H N N 171 
HOH O    O N N 172 
HOH H1   H N N 173 
HOH H2   H N N 174 
ILE N    N N N 175 
ILE CA   C N S 176 
ILE C    C N N 177 
ILE O    O N N 178 
ILE CB   C N S 179 
ILE CG1  C N N 180 
ILE CG2  C N N 181 
ILE CD1  C N N 182 
ILE OXT  O N N 183 
ILE H    H N N 184 
ILE H2   H N N 185 
ILE HA   H N N 186 
ILE HB   H N N 187 
ILE HG12 H N N 188 
ILE HG13 H N N 189 
ILE HG21 H N N 190 
ILE HG22 H N N 191 
ILE HG23 H N N 192 
ILE HD11 H N N 193 
ILE HD12 H N N 194 
ILE HD13 H N N 195 
ILE HXT  H N N 196 
LEU N    N N N 197 
LEU CA   C N S 198 
LEU C    C N N 199 
LEU O    O N N 200 
LEU CB   C N N 201 
LEU CG   C N N 202 
LEU CD1  C N N 203 
LEU CD2  C N N 204 
LEU OXT  O N N 205 
LEU H    H N N 206 
LEU H2   H N N 207 
LEU HA   H N N 208 
LEU HB2  H N N 209 
LEU HB3  H N N 210 
LEU HG   H N N 211 
LEU HD11 H N N 212 
LEU HD12 H N N 213 
LEU HD13 H N N 214 
LEU HD21 H N N 215 
LEU HD22 H N N 216 
LEU HD23 H N N 217 
LEU HXT  H N N 218 
LYS N    N N N 219 
LYS CA   C N S 220 
LYS C    C N N 221 
LYS O    O N N 222 
LYS CB   C N N 223 
LYS CG   C N N 224 
LYS CD   C N N 225 
LYS CE   C N N 226 
LYS NZ   N N N 227 
LYS OXT  O N N 228 
LYS H    H N N 229 
LYS H2   H N N 230 
LYS HA   H N N 231 
LYS HB2  H N N 232 
LYS HB3  H N N 233 
LYS HG2  H N N 234 
LYS HG3  H N N 235 
LYS HD2  H N N 236 
LYS HD3  H N N 237 
LYS HE2  H N N 238 
LYS HE3  H N N 239 
LYS HZ1  H N N 240 
LYS HZ2  H N N 241 
LYS HZ3  H N N 242 
LYS HXT  H N N 243 
MET N    N N N 244 
MET CA   C N S 245 
MET C    C N N 246 
MET O    O N N 247 
MET CB   C N N 248 
MET CG   C N N 249 
MET SD   S N N 250 
MET CE   C N N 251 
MET OXT  O N N 252 
MET H    H N N 253 
MET H2   H N N 254 
MET HA   H N N 255 
MET HB2  H N N 256 
MET HB3  H N N 257 
MET HG2  H N N 258 
MET HG3  H N N 259 
MET HE1  H N N 260 
MET HE2  H N N 261 
MET HE3  H N N 262 
MET HXT  H N N 263 
PHE N    N N N 264 
PHE CA   C N S 265 
PHE C    C N N 266 
PHE O    O N N 267 
PHE CB   C N N 268 
PHE CG   C Y N 269 
PHE CD1  C Y N 270 
PHE CD2  C Y N 271 
PHE CE1  C Y N 272 
PHE CE2  C Y N 273 
PHE CZ   C Y N 274 
PHE OXT  O N N 275 
PHE H    H N N 276 
PHE H2   H N N 277 
PHE HA   H N N 278 
PHE HB2  H N N 279 
PHE HB3  H N N 280 
PHE HD1  H N N 281 
PHE HD2  H N N 282 
PHE HE1  H N N 283 
PHE HE2  H N N 284 
PHE HZ   H N N 285 
PHE HXT  H N N 286 
PRO N    N N N 287 
PRO CA   C N S 288 
PRO C    C N N 289 
PRO O    O N N 290 
PRO CB   C N N 291 
PRO CG   C N N 292 
PRO CD   C N N 293 
PRO OXT  O N N 294 
PRO H    H N N 295 
PRO HA   H N N 296 
PRO HB2  H N N 297 
PRO HB3  H N N 298 
PRO HG2  H N N 299 
PRO HG3  H N N 300 
PRO HD2  H N N 301 
PRO HD3  H N N 302 
PRO HXT  H N N 303 
SER N    N N N 304 
SER CA   C N S 305 
SER C    C N N 306 
SER O    O N N 307 
SER CB   C N N 308 
SER OG   O N N 309 
SER OXT  O N N 310 
SER H    H N N 311 
SER H2   H N N 312 
SER HA   H N N 313 
SER HB2  H N N 314 
SER HB3  H N N 315 
SER HG   H N N 316 
SER HXT  H N N 317 
THR N    N N N 318 
THR CA   C N S 319 
THR C    C N N 320 
THR O    O N N 321 
THR CB   C N R 322 
THR OG1  O N N 323 
THR CG2  C N N 324 
THR OXT  O N N 325 
THR H    H N N 326 
THR H2   H N N 327 
THR HA   H N N 328 
THR HB   H N N 329 
THR HG1  H N N 330 
THR HG21 H N N 331 
THR HG22 H N N 332 
THR HG23 H N N 333 
THR HXT  H N N 334 
TRP N    N N N 335 
TRP CA   C N S 336 
TRP C    C N N 337 
TRP O    O N N 338 
TRP CB   C N N 339 
TRP CG   C Y N 340 
TRP CD1  C Y N 341 
TRP CD2  C Y N 342 
TRP NE1  N Y N 343 
TRP CE2  C Y N 344 
TRP CE3  C Y N 345 
TRP CZ2  C Y N 346 
TRP CZ3  C Y N 347 
TRP CH2  C Y N 348 
TRP OXT  O N N 349 
TRP H    H N N 350 
TRP H2   H N N 351 
TRP HA   H N N 352 
TRP HB2  H N N 353 
TRP HB3  H N N 354 
TRP HD1  H N N 355 
TRP HE1  H N N 356 
TRP HE3  H N N 357 
TRP HZ2  H N N 358 
TRP HZ3  H N N 359 
TRP HH2  H N N 360 
TRP HXT  H N N 361 
TYR N    N N N 362 
TYR CA   C N S 363 
TYR C    C N N 364 
TYR O    O N N 365 
TYR CB   C N N 366 
TYR CG   C Y N 367 
TYR CD1  C Y N 368 
TYR CD2  C Y N 369 
TYR CE1  C Y N 370 
TYR CE2  C Y N 371 
TYR CZ   C Y N 372 
TYR OH   O N N 373 
TYR OXT  O N N 374 
TYR H    H N N 375 
TYR H2   H N N 376 
TYR HA   H N N 377 
TYR HB2  H N N 378 
TYR HB3  H N N 379 
TYR HD1  H N N 380 
TYR HD2  H N N 381 
TYR HE1  H N N 382 
TYR HE2  H N N 383 
TYR HH   H N N 384 
TYR HXT  H N N 385 
VAL N    N N N 386 
VAL CA   C N S 387 
VAL C    C N N 388 
VAL O    O N N 389 
VAL CB   C N N 390 
VAL CG1  C N N 391 
VAL CG2  C N N 392 
VAL OXT  O N N 393 
VAL H    H N N 394 
VAL H2   H N N 395 
VAL HA   H N N 396 
VAL HB   H N N 397 
VAL HG11 H N N 398 
VAL HG12 H N N 399 
VAL HG13 H N N 400 
VAL HG21 H N N 401 
VAL HG22 H N N 402 
VAL HG23 H N N 403 
VAL HXT  H N N 404 
# 
loop_
_chem_comp_bond.comp_id 
_chem_comp_bond.atom_id_1 
_chem_comp_bond.atom_id_2 
_chem_comp_bond.value_order 
_chem_comp_bond.pdbx_aromatic_flag 
_chem_comp_bond.pdbx_stereo_config 
_chem_comp_bond.pdbx_ordinal 
ALA N   CA   sing N N 1   
ALA N   H    sing N N 2   
ALA N   H2   sing N N 3   
ALA CA  C    sing N N 4   
ALA CA  CB   sing N N 5   
ALA CA  HA   sing N N 6   
ALA C   O    doub N N 7   
ALA C   OXT  sing N N 8   
ALA CB  HB1  sing N N 9   
ALA CB  HB2  sing N N 10  
ALA CB  HB3  sing N N 11  
ALA OXT HXT  sing N N 12  
ARG N   CA   sing N N 13  
ARG N   H    sing N N 14  
ARG N   H2   sing N N 15  
ARG CA  C    sing N N 16  
ARG CA  CB   sing N N 17  
ARG CA  HA   sing N N 18  
ARG C   O    doub N N 19  
ARG C   OXT  sing N N 20  
ARG CB  CG   sing N N 21  
ARG CB  HB2  sing N N 22  
ARG CB  HB3  sing N N 23  
ARG CG  CD   sing N N 24  
ARG CG  HG2  sing N N 25  
ARG CG  HG3  sing N N 26  
ARG CD  NE   sing N N 27  
ARG CD  HD2  sing N N 28  
ARG CD  HD3  sing N N 29  
ARG NE  CZ   sing N N 30  
ARG NE  HE   sing N N 31  
ARG CZ  NH1  sing N N 32  
ARG CZ  NH2  doub N N 33  
ARG NH1 HH11 sing N N 34  
ARG NH1 HH12 sing N N 35  
ARG NH2 HH21 sing N N 36  
ARG NH2 HH22 sing N N 37  
ARG OXT HXT  sing N N 38  
ASN N   CA   sing N N 39  
ASN N   H    sing N N 40  
ASN N   H2   sing N N 41  
ASN CA  C    sing N N 42  
ASN CA  CB   sing N N 43  
ASN CA  HA   sing N N 44  
ASN C   O    doub N N 45  
ASN C   OXT  sing N N 46  
ASN CB  CG   sing N N 47  
ASN CB  HB2  sing N N 48  
ASN CB  HB3  sing N N 49  
ASN CG  OD1  doub N N 50  
ASN CG  ND2  sing N N 51  
ASN ND2 HD21 sing N N 52  
ASN ND2 HD22 sing N N 53  
ASN OXT HXT  sing N N 54  
ASP N   CA   sing N N 55  
ASP N   H    sing N N 56  
ASP N   H2   sing N N 57  
ASP CA  C    sing N N 58  
ASP CA  CB   sing N N 59  
ASP CA  HA   sing N N 60  
ASP C   O    doub N N 61  
ASP C   OXT  sing N N 62  
ASP CB  CG   sing N N 63  
ASP CB  HB2  sing N N 64  
ASP CB  HB3  sing N N 65  
ASP CG  OD1  doub N N 66  
ASP CG  OD2  sing N N 67  
ASP OD2 HD2  sing N N 68  
ASP OXT HXT  sing N N 69  
CYS N   CA   sing N N 70  
CYS N   H    sing N N 71  
CYS N   H2   sing N N 72  
CYS CA  C    sing N N 73  
CYS CA  CB   sing N N 74  
CYS CA  HA   sing N N 75  
CYS C   O    doub N N 76  
CYS C   OXT  sing N N 77  
CYS CB  SG   sing N N 78  
CYS CB  HB2  sing N N 79  
CYS CB  HB3  sing N N 80  
CYS SG  HG   sing N N 81  
CYS OXT HXT  sing N N 82  
GLN N   CA   sing N N 83  
GLN N   H    sing N N 84  
GLN N   H2   sing N N 85  
GLN CA  C    sing N N 86  
GLN CA  CB   sing N N 87  
GLN CA  HA   sing N N 88  
GLN C   O    doub N N 89  
GLN C   OXT  sing N N 90  
GLN CB  CG   sing N N 91  
GLN CB  HB2  sing N N 92  
GLN CB  HB3  sing N N 93  
GLN CG  CD   sing N N 94  
GLN CG  HG2  sing N N 95  
GLN CG  HG3  sing N N 96  
GLN CD  OE1  doub N N 97  
GLN CD  NE2  sing N N 98  
GLN NE2 HE21 sing N N 99  
GLN NE2 HE22 sing N N 100 
GLN OXT HXT  sing N N 101 
GLU N   CA   sing N N 102 
GLU N   H    sing N N 103 
GLU N   H2   sing N N 104 
GLU CA  C    sing N N 105 
GLU CA  CB   sing N N 106 
GLU CA  HA   sing N N 107 
GLU C   O    doub N N 108 
GLU C   OXT  sing N N 109 
GLU CB  CG   sing N N 110 
GLU CB  HB2  sing N N 111 
GLU CB  HB3  sing N N 112 
GLU CG  CD   sing N N 113 
GLU CG  HG2  sing N N 114 
GLU CG  HG3  sing N N 115 
GLU CD  OE1  doub N N 116 
GLU CD  OE2  sing N N 117 
GLU OE2 HE2  sing N N 118 
GLU OXT HXT  sing N N 119 
GLY N   CA   sing N N 120 
GLY N   H    sing N N 121 
GLY N   H2   sing N N 122 
GLY CA  C    sing N N 123 
GLY CA  HA2  sing N N 124 
GLY CA  HA3  sing N N 125 
GLY C   O    doub N N 126 
GLY C   OXT  sing N N 127 
GLY OXT HXT  sing N N 128 
GOL C1  O1   sing N N 129 
GOL C1  C2   sing N N 130 
GOL C1  H11  sing N N 131 
GOL C1  H12  sing N N 132 
GOL O1  HO1  sing N N 133 
GOL C2  O2   sing N N 134 
GOL C2  C3   sing N N 135 
GOL C2  H2   sing N N 136 
GOL O2  HO2  sing N N 137 
GOL C3  O3   sing N N 138 
GOL C3  H31  sing N N 139 
GOL C3  H32  sing N N 140 
GOL O3  HO3  sing N N 141 
HIS N   CA   sing N N 142 
HIS N   H    sing N N 143 
HIS N   H2   sing N N 144 
HIS CA  C    sing N N 145 
HIS CA  CB   sing N N 146 
HIS CA  HA   sing N N 147 
HIS C   O    doub N N 148 
HIS C   OXT  sing N N 149 
HIS CB  CG   sing N N 150 
HIS CB  HB2  sing N N 151 
HIS CB  HB3  sing N N 152 
HIS CG  ND1  sing Y N 153 
HIS CG  CD2  doub Y N 154 
HIS ND1 CE1  doub Y N 155 
HIS ND1 HD1  sing N N 156 
HIS CD2 NE2  sing Y N 157 
HIS CD2 HD2  sing N N 158 
HIS CE1 NE2  sing Y N 159 
HIS CE1 HE1  sing N N 160 
HIS NE2 HE2  sing N N 161 
HIS OXT HXT  sing N N 162 
HOH O   H1   sing N N 163 
HOH O   H2   sing N N 164 
ILE N   CA   sing N N 165 
ILE N   H    sing N N 166 
ILE N   H2   sing N N 167 
ILE CA  C    sing N N 168 
ILE CA  CB   sing N N 169 
ILE CA  HA   sing N N 170 
ILE C   O    doub N N 171 
ILE C   OXT  sing N N 172 
ILE CB  CG1  sing N N 173 
ILE CB  CG2  sing N N 174 
ILE CB  HB   sing N N 175 
ILE CG1 CD1  sing N N 176 
ILE CG1 HG12 sing N N 177 
ILE CG1 HG13 sing N N 178 
ILE CG2 HG21 sing N N 179 
ILE CG2 HG22 sing N N 180 
ILE CG2 HG23 sing N N 181 
ILE CD1 HD11 sing N N 182 
ILE CD1 HD12 sing N N 183 
ILE CD1 HD13 sing N N 184 
ILE OXT HXT  sing N N 185 
LEU N   CA   sing N N 186 
LEU N   H    sing N N 187 
LEU N   H2   sing N N 188 
LEU CA  C    sing N N 189 
LEU CA  CB   sing N N 190 
LEU CA  HA   sing N N 191 
LEU C   O    doub N N 192 
LEU C   OXT  sing N N 193 
LEU CB  CG   sing N N 194 
LEU CB  HB2  sing N N 195 
LEU CB  HB3  sing N N 196 
LEU CG  CD1  sing N N 197 
LEU CG  CD2  sing N N 198 
LEU CG  HG   sing N N 199 
LEU CD1 HD11 sing N N 200 
LEU CD1 HD12 sing N N 201 
LEU CD1 HD13 sing N N 202 
LEU CD2 HD21 sing N N 203 
LEU CD2 HD22 sing N N 204 
LEU CD2 HD23 sing N N 205 
LEU OXT HXT  sing N N 206 
LYS N   CA   sing N N 207 
LYS N   H    sing N N 208 
LYS N   H2   sing N N 209 
LYS CA  C    sing N N 210 
LYS CA  CB   sing N N 211 
LYS CA  HA   sing N N 212 
LYS C   O    doub N N 213 
LYS C   OXT  sing N N 214 
LYS CB  CG   sing N N 215 
LYS CB  HB2  sing N N 216 
LYS CB  HB3  sing N N 217 
LYS CG  CD   sing N N 218 
LYS CG  HG2  sing N N 219 
LYS CG  HG3  sing N N 220 
LYS CD  CE   sing N N 221 
LYS CD  HD2  sing N N 222 
LYS CD  HD3  sing N N 223 
LYS CE  NZ   sing N N 224 
LYS CE  HE2  sing N N 225 
LYS CE  HE3  sing N N 226 
LYS NZ  HZ1  sing N N 227 
LYS NZ  HZ2  sing N N 228 
LYS NZ  HZ3  sing N N 229 
LYS OXT HXT  sing N N 230 
MET N   CA   sing N N 231 
MET N   H    sing N N 232 
MET N   H2   sing N N 233 
MET CA  C    sing N N 234 
MET CA  CB   sing N N 235 
MET CA  HA   sing N N 236 
MET C   O    doub N N 237 
MET C   OXT  sing N N 238 
MET CB  CG   sing N N 239 
MET CB  HB2  sing N N 240 
MET CB  HB3  sing N N 241 
MET CG  SD   sing N N 242 
MET CG  HG2  sing N N 243 
MET CG  HG3  sing N N 244 
MET SD  CE   sing N N 245 
MET CE  HE1  sing N N 246 
MET CE  HE2  sing N N 247 
MET CE  HE3  sing N N 248 
MET OXT HXT  sing N N 249 
PHE N   CA   sing N N 250 
PHE N   H    sing N N 251 
PHE N   H2   sing N N 252 
PHE CA  C    sing N N 253 
PHE CA  CB   sing N N 254 
PHE CA  HA   sing N N 255 
PHE C   O    doub N N 256 
PHE C   OXT  sing N N 257 
PHE CB  CG   sing N N 258 
PHE CB  HB2  sing N N 259 
PHE CB  HB3  sing N N 260 
PHE CG  CD1  doub Y N 261 
PHE CG  CD2  sing Y N 262 
PHE CD1 CE1  sing Y N 263 
PHE CD1 HD1  sing N N 264 
PHE CD2 CE2  doub Y N 265 
PHE CD2 HD2  sing N N 266 
PHE CE1 CZ   doub Y N 267 
PHE CE1 HE1  sing N N 268 
PHE CE2 CZ   sing Y N 269 
PHE CE2 HE2  sing N N 270 
PHE CZ  HZ   sing N N 271 
PHE OXT HXT  sing N N 272 
PRO N   CA   sing N N 273 
PRO N   CD   sing N N 274 
PRO N   H    sing N N 275 
PRO CA  C    sing N N 276 
PRO CA  CB   sing N N 277 
PRO CA  HA   sing N N 278 
PRO C   O    doub N N 279 
PRO C   OXT  sing N N 280 
PRO CB  CG   sing N N 281 
PRO CB  HB2  sing N N 282 
PRO CB  HB3  sing N N 283 
PRO CG  CD   sing N N 284 
PRO CG  HG2  sing N N 285 
PRO CG  HG3  sing N N 286 
PRO CD  HD2  sing N N 287 
PRO CD  HD3  sing N N 288 
PRO OXT HXT  sing N N 289 
SER N   CA   sing N N 290 
SER N   H    sing N N 291 
SER N   H2   sing N N 292 
SER CA  C    sing N N 293 
SER CA  CB   sing N N 294 
SER CA  HA   sing N N 295 
SER C   O    doub N N 296 
SER C   OXT  sing N N 297 
SER CB  OG   sing N N 298 
SER CB  HB2  sing N N 299 
SER CB  HB3  sing N N 300 
SER OG  HG   sing N N 301 
SER OXT HXT  sing N N 302 
THR N   CA   sing N N 303 
THR N   H    sing N N 304 
THR N   H2   sing N N 305 
THR CA  C    sing N N 306 
THR CA  CB   sing N N 307 
THR CA  HA   sing N N 308 
THR C   O    doub N N 309 
THR C   OXT  sing N N 310 
THR CB  OG1  sing N N 311 
THR CB  CG2  sing N N 312 
THR CB  HB   sing N N 313 
THR OG1 HG1  sing N N 314 
THR CG2 HG21 sing N N 315 
THR CG2 HG22 sing N N 316 
THR CG2 HG23 sing N N 317 
THR OXT HXT  sing N N 318 
TRP N   CA   sing N N 319 
TRP N   H    sing N N 320 
TRP N   H2   sing N N 321 
TRP CA  C    sing N N 322 
TRP CA  CB   sing N N 323 
TRP CA  HA   sing N N 324 
TRP C   O    doub N N 325 
TRP C   OXT  sing N N 326 
TRP CB  CG   sing N N 327 
TRP CB  HB2  sing N N 328 
TRP CB  HB3  sing N N 329 
TRP CG  CD1  doub Y N 330 
TRP CG  CD2  sing Y N 331 
TRP CD1 NE1  sing Y N 332 
TRP CD1 HD1  sing N N 333 
TRP CD2 CE2  doub Y N 334 
TRP CD2 CE3  sing Y N 335 
TRP NE1 CE2  sing Y N 336 
TRP NE1 HE1  sing N N 337 
TRP CE2 CZ2  sing Y N 338 
TRP CE3 CZ3  doub Y N 339 
TRP CE3 HE3  sing N N 340 
TRP CZ2 CH2  doub Y N 341 
TRP CZ2 HZ2  sing N N 342 
TRP CZ3 CH2  sing Y N 343 
TRP CZ3 HZ3  sing N N 344 
TRP CH2 HH2  sing N N 345 
TRP OXT HXT  sing N N 346 
TYR N   CA   sing N N 347 
TYR N   H    sing N N 348 
TYR N   H2   sing N N 349 
TYR CA  C    sing N N 350 
TYR CA  CB   sing N N 351 
TYR CA  HA   sing N N 352 
TYR C   O    doub N N 353 
TYR C   OXT  sing N N 354 
TYR CB  CG   sing N N 355 
TYR CB  HB2  sing N N 356 
TYR CB  HB3  sing N N 357 
TYR CG  CD1  doub Y N 358 
TYR CG  CD2  sing Y N 359 
TYR CD1 CE1  sing Y N 360 
TYR CD1 HD1  sing N N 361 
TYR CD2 CE2  doub Y N 362 
TYR CD2 HD2  sing N N 363 
TYR CE1 CZ   doub Y N 364 
TYR CE1 HE1  sing N N 365 
TYR CE2 CZ   sing Y N 366 
TYR CE2 HE2  sing N N 367 
TYR CZ  OH   sing N N 368 
TYR OH  HH   sing N N 369 
TYR OXT HXT  sing N N 370 
VAL N   CA   sing N N 371 
VAL N   H    sing N N 372 
VAL N   H2   sing N N 373 
VAL CA  C    sing N N 374 
VAL CA  CB   sing N N 375 
VAL CA  HA   sing N N 376 
VAL C   O    doub N N 377 
VAL C   OXT  sing N N 378 
VAL CB  CG1  sing N N 379 
VAL CB  CG2  sing N N 380 
VAL CB  HB   sing N N 381 
VAL CG1 HG11 sing N N 382 
VAL CG1 HG12 sing N N 383 
VAL CG1 HG13 sing N N 384 
VAL CG2 HG21 sing N N 385 
VAL CG2 HG22 sing N N 386 
VAL CG2 HG23 sing N N 387 
VAL OXT HXT  sing N N 388 
# 
_pdbx_audit_support.funding_organization   'Not funded' 
_pdbx_audit_support.country                ? 
_pdbx_audit_support.grant_number           ? 
_pdbx_audit_support.ordinal                1 
# 
_pdbx_entity_instance_feature.ordinal        1 
_pdbx_entity_instance_feature.comp_id        GOL 
_pdbx_entity_instance_feature.asym_id        ? 
_pdbx_entity_instance_feature.seq_num        ? 
_pdbx_entity_instance_feature.auth_comp_id   GOL 
_pdbx_entity_instance_feature.auth_asym_id   ? 
_pdbx_entity_instance_feature.auth_seq_num   ? 
_pdbx_entity_instance_feature.feature_type   'SUBJECT OF INVESTIGATION' 
_pdbx_entity_instance_feature.details        ? 
# 
loop_
_pdbx_entity_nonpoly.entity_id 
_pdbx_entity_nonpoly.name 
_pdbx_entity_nonpoly.comp_id 
2 GLYCEROL GOL 
3 water    HOH 
# 
_pdbx_initial_refinement_model.id               1 
_pdbx_initial_refinement_model.entity_id_list   ? 
_pdbx_initial_refinement_model.type             'experimental model' 
_pdbx_initial_refinement_model.source_name      PDB 
_pdbx_initial_refinement_model.accession_code   5XRG 
_pdbx_initial_refinement_model.details          ? 
# 
_pdbx_struct_assembly_auth_evidence.id                     1 
_pdbx_struct_assembly_auth_evidence.assembly_id            1 
_pdbx_struct_assembly_auth_evidence.experimental_support   none 
_pdbx_struct_assembly_auth_evidence.details                ? 
# 
